data_1SBU
# 
_entry.id   1SBU 
# 
_audit_conform.dict_name       mmcif_pdbx.dic 
_audit_conform.dict_version    5.399 
_audit_conform.dict_location   http://mmcif.pdb.org/dictionaries/ascii/mmcif_pdbx.dic 
# 
loop_
_database_2.database_id 
_database_2.database_code 
_database_2.pdbx_database_accession 
_database_2.pdbx_DOI 
PDB   1SBU         pdb_00001sbu 10.2210/pdb1sbu/pdb 
RCSB  RCSB021584   ?            ?                   
WWPDB D_1000021584 ?            ?                   
# 
loop_
_pdbx_audit_revision_history.ordinal 
_pdbx_audit_revision_history.data_content_type 
_pdbx_audit_revision_history.major_revision 
_pdbx_audit_revision_history.minor_revision 
_pdbx_audit_revision_history.revision_date 
1 'Structure model' 1 0 2004-02-24 
2 'Structure model' 1 1 2008-04-29 
3 'Structure model' 1 2 2011-07-13 
4 'Structure model' 1 3 2020-06-24 
5 'Structure model' 1 4 2024-11-20 
# 
_pdbx_audit_revision_details.ordinal             1 
_pdbx_audit_revision_details.revision_ordinal    1 
_pdbx_audit_revision_details.data_content_type   'Structure model' 
_pdbx_audit_revision_details.provider            repository 
_pdbx_audit_revision_details.type                'Initial release' 
_pdbx_audit_revision_details.description         ? 
_pdbx_audit_revision_details.details             ? 
# 
loop_
_pdbx_audit_revision_group.ordinal 
_pdbx_audit_revision_group.revision_ordinal 
_pdbx_audit_revision_group.data_content_type 
_pdbx_audit_revision_group.group 
1  2 'Structure model' 'Version format compliance' 
2  3 'Structure model' 'Version format compliance' 
3  4 'Structure model' 'Data collection'           
4  4 'Structure model' 'Database references'       
5  4 'Structure model' 'Derived calculations'      
6  4 'Structure model' 'Source and taxonomy'       
7  4 'Structure model' 'Structure summary'         
8  5 'Structure model' 'Data collection'           
9  5 'Structure model' 'Database references'       
10 5 'Structure model' 'Derived calculations'      
11 5 'Structure model' 'Structure summary'         
# 
loop_
_pdbx_audit_revision_category.ordinal 
_pdbx_audit_revision_category.revision_ordinal 
_pdbx_audit_revision_category.data_content_type 
_pdbx_audit_revision_category.category 
1  4 'Structure model' entity                    
2  4 'Structure model' pdbx_entity_src_syn       
3  4 'Structure model' pdbx_nmr_software         
4  4 'Structure model' pdbx_nmr_spectrometer     
5  4 'Structure model' pdbx_struct_assembly      
6  4 'Structure model' pdbx_struct_oper_list     
7  4 'Structure model' struct_conn               
8  4 'Structure model' struct_ref                
9  4 'Structure model' struct_ref_seq            
10 5 'Structure model' chem_comp                 
11 5 'Structure model' chem_comp_atom            
12 5 'Structure model' chem_comp_bond            
13 5 'Structure model' database_2                
14 5 'Structure model' pdbx_entry_details        
15 5 'Structure model' pdbx_modification_feature 
16 5 'Structure model' struct_conn               
# 
loop_
_pdbx_audit_revision_item.ordinal 
_pdbx_audit_revision_item.revision_ordinal 
_pdbx_audit_revision_item.data_content_type 
_pdbx_audit_revision_item.item 
1  4 'Structure model' '_entity.pdbx_fragment'                     
2  4 'Structure model' '_pdbx_entity_src_syn.ncbi_taxonomy_id'     
3  4 'Structure model' '_pdbx_entity_src_syn.organism_common_name' 
4  4 'Structure model' '_pdbx_entity_src_syn.organism_scientific'  
5  4 'Structure model' '_pdbx_entity_src_syn.pdbx_beg_seq_num'     
6  4 'Structure model' '_pdbx_entity_src_syn.pdbx_end_seq_num'     
7  4 'Structure model' '_pdbx_nmr_software.name'                   
8  4 'Structure model' '_pdbx_nmr_spectrometer.model'              
9  4 'Structure model' '_struct_conn.pdbx_leaving_atom_flag'       
10 5 'Structure model' '_chem_comp.pdbx_synonyms'                  
11 5 'Structure model' '_database_2.pdbx_DOI'                      
12 5 'Structure model' '_database_2.pdbx_database_accession'       
13 5 'Structure model' '_struct_conn.pdbx_leaving_atom_flag'       
# 
_pdbx_database_status.status_code                     REL 
_pdbx_database_status.entry_id                        1SBU 
_pdbx_database_status.recvd_initial_deposition_date   2004-02-11 
_pdbx_database_status.deposit_site                    RCSB 
_pdbx_database_status.process_site                    PDBJ 
_pdbx_database_status.status_code_mr                  REL 
_pdbx_database_status.SG_entry                        . 
_pdbx_database_status.pdb_format_compatible           Y 
_pdbx_database_status.status_code_sf                  ? 
_pdbx_database_status.status_code_cs                  ? 
_pdbx_database_status.status_code_nmr_data            ? 
_pdbx_database_status.methods_development_category    ? 
# 
loop_
_audit_author.name 
_audit_author.pdbx_ordinal 
'Figuet, M.'   1 
'Chierici, S.' 2 
'Jourdan, M.'  3 
'Dumy, P.'     4 
# 
_citation.id                        primary 
_citation.title                     
;A case study of 2,2-dimethylthiazolidine as locked cis proline amide bond: synthesis, NMR and molecular modeling studies of a [small delta]-conotoxin EVIA peptide analog.
;
_citation.journal_abbrev            Org.Biomol.Chem. 
_citation.journal_volume            2 
_citation.page_first                2437 
_citation.page_last                 2441 
_citation.year                      2004 
_citation.journal_id_ASTM           ? 
_citation.country                   UK 
_citation.journal_id_ISSN           1477-0520 
_citation.journal_id_CSD            ? 
_citation.book_publisher            ? 
_citation.pdbx_database_id_PubMed   15326523 
_citation.pdbx_database_id_DOI      10.1039/b408325c 
# 
loop_
_citation_author.citation_id 
_citation_author.name 
_citation_author.ordinal 
_citation_author.identifier_ORCID 
primary 'Chierici, S.' 1 ? 
primary 'Jourdan, M.'  2 ? 
primary 'Figuet, M.'   3 ? 
primary 'Dumy, P.'     4 ? 
# 
_entity.id                         1 
_entity.type                       polymer 
_entity.src_method                 syn 
_entity.pdbx_description           'delta-conotoxin EVIA' 
_entity.formula_weight             1163.411 
_entity.pdbx_number_of_molecules   1 
_entity.pdbx_ec                    ? 
_entity.pdbx_mutation              ? 
_entity.pdbx_fragment              ? 
_entity.details                    ? 
# 
_entity_poly.entity_id                      1 
_entity_poly.type                           'polypeptide(L)' 
_entity_poly.nstd_linkage                   no 
_entity_poly.nstd_monomer                   yes 
_entity_poly.pdbx_seq_one_letter_code       'GFASL(2MT)ILKNG' 
_entity_poly.pdbx_seq_one_letter_code_can   GFASLPILKNG 
_entity_poly.pdbx_strand_id                 A 
_entity_poly.pdbx_target_identifier         ? 
# 
loop_
_entity_poly_seq.entity_id 
_entity_poly_seq.num 
_entity_poly_seq.mon_id 
_entity_poly_seq.hetero 
1 1  GLY n 
1 2  PHE n 
1 3  ALA n 
1 4  SER n 
1 5  LEU n 
1 6  2MT n 
1 7  ILE n 
1 8  LEU n 
1 9  LYS n 
1 10 ASN n 
1 11 GLY n 
# 
_pdbx_entity_src_syn.entity_id              1 
_pdbx_entity_src_syn.pdbx_src_id            1 
_pdbx_entity_src_syn.pdbx_alt_source_flag   sample 
_pdbx_entity_src_syn.pdbx_beg_seq_num       1 
_pdbx_entity_src_syn.pdbx_end_seq_num       11 
_pdbx_entity_src_syn.organism_scientific    'Conus ermineus' 
_pdbx_entity_src_syn.organism_common_name   'Atlantic fish-hunting cone' 
_pdbx_entity_src_syn.ncbi_taxonomy_id       55423 
_pdbx_entity_src_syn.details                'the solid phase synthesis of the peptide was carried out using the Fmoc chemistry' 
# 
loop_
_chem_comp.id 
_chem_comp.type 
_chem_comp.mon_nstd_flag 
_chem_comp.name 
_chem_comp.pdbx_synonyms 
_chem_comp.formula 
_chem_comp.formula_weight 
2MT 'L-peptide linking' n '(4R)-2,2-DIMETHYL-1,3-THIAZOLIDINE-4-CARBOXYLIC ACID' 
'2,2-DIMETHYLTHIAZOLIDINE-4-CARBOXYLIC ACID; (DMT)THIAZOLIDINE' 'C6 H11 N O2 S'  161.222 
ALA 'L-peptide linking' y ALANINE                                                ? 'C3 H7 N O2'     89.093  
ASN 'L-peptide linking' y ASPARAGINE                                             ? 'C4 H8 N2 O3'    132.118 
GLY 'peptide linking'   y GLYCINE                                                ? 'C2 H5 N O2'     75.067  
ILE 'L-peptide linking' y ISOLEUCINE                                             ? 'C6 H13 N O2'    131.173 
LEU 'L-peptide linking' y LEUCINE                                                ? 'C6 H13 N O2'    131.173 
LYS 'L-peptide linking' y LYSINE                                                 ? 'C6 H15 N2 O2 1' 147.195 
PHE 'L-peptide linking' y PHENYLALANINE                                          ? 'C9 H11 N O2'    165.189 
SER 'L-peptide linking' y SERINE                                                 ? 'C3 H7 N O3'     105.093 
# 
loop_
_pdbx_poly_seq_scheme.asym_id 
_pdbx_poly_seq_scheme.entity_id 
_pdbx_poly_seq_scheme.seq_id 
_pdbx_poly_seq_scheme.mon_id 
_pdbx_poly_seq_scheme.ndb_seq_num 
_pdbx_poly_seq_scheme.pdb_seq_num 
_pdbx_poly_seq_scheme.auth_seq_num 
_pdbx_poly_seq_scheme.pdb_mon_id 
_pdbx_poly_seq_scheme.auth_mon_id 
_pdbx_poly_seq_scheme.pdb_strand_id 
_pdbx_poly_seq_scheme.pdb_ins_code 
_pdbx_poly_seq_scheme.hetero 
A 1 1  GLY 1  1  1  GLY GLY A . n 
A 1 2  PHE 2  2  2  PHE PHE A . n 
A 1 3  ALA 3  3  3  ALA ALA A . n 
A 1 4  SER 4  4  4  SER SER A . n 
A 1 5  LEU 5  5  5  LEU LEU A . n 
A 1 6  2MT 6  6  6  2MT PRO A . n 
A 1 7  ILE 7  7  7  ILE ILE A . n 
A 1 8  LEU 8  8  8  LEU LEU A . n 
A 1 9  LYS 9  9  9  LYS LYS A . n 
A 1 10 ASN 10 10 10 ASN ASN A . n 
A 1 11 GLY 11 11 11 GLY GLY A . n 
# 
_exptl.entry_id          1SBU 
_exptl.method            'SOLUTION NMR' 
_exptl.crystals_number   ? 
# 
_exptl_crystal.id                    1 
_exptl_crystal.density_meas          ? 
_exptl_crystal.density_Matthews      ? 
_exptl_crystal.density_percent_sol   ? 
_exptl_crystal.description           ? 
# 
_diffrn.id                     1 
_diffrn.ambient_temp           ? 
_diffrn.ambient_temp_details   ? 
_diffrn.crystal_id             1 
# 
_diffrn_radiation.diffrn_id                        1 
_diffrn_radiation.wavelength_id                    1 
_diffrn_radiation.pdbx_monochromatic_or_laue_m_l   M 
_diffrn_radiation.monochromator                    ? 
_diffrn_radiation.pdbx_diffrn_protocol             'SINGLE WAVELENGTH' 
_diffrn_radiation.pdbx_scattering_type             ? 
# 
_diffrn_radiation_wavelength.id           1 
_diffrn_radiation_wavelength.wavelength   . 
_diffrn_radiation_wavelength.wt           1.0 
# 
_struct.entry_id                  1SBU 
_struct.title                     
'NMR structure of a peptide containing a dimetylthiazolidine : an analog of delta conotoxin EVIA loop 2' 
_struct.pdbx_model_details        ? 
_struct.pdbx_CASP_flag            ? 
_struct.pdbx_model_type_details   ? 
# 
_struct_keywords.entry_id        1SBU 
_struct_keywords.pdbx_keywords   TOXIN 
_struct_keywords.text            
'cis Leu-(Dmt)thiazolidine amide bond, dimethyl-thiazolidine, VI beta turn, NMR spectroscopy, molecular dynamics simulations, TOXIN' 
# 
_struct_asym.id                            A 
_struct_asym.pdbx_blank_PDB_chainid_flag   N 
_struct_asym.pdbx_modified                 N 
_struct_asym.entity_id                     1 
_struct_asym.details                       ? 
# 
_struct_ref.id                         1 
_struct_ref.db_name                    PDB 
_struct_ref.db_code                    1SBU 
_struct_ref.pdbx_db_accession          1SBU 
_struct_ref.pdbx_db_isoform            ? 
_struct_ref.entity_id                  1 
_struct_ref.pdbx_seq_one_letter_code   ? 
_struct_ref.pdbx_align_begin           1 
# 
_struct_ref_seq.align_id                      1 
_struct_ref_seq.ref_id                        1 
_struct_ref_seq.pdbx_PDB_id_code              1SBU 
_struct_ref_seq.pdbx_strand_id                A 
_struct_ref_seq.seq_align_beg                 1 
_struct_ref_seq.pdbx_seq_align_beg_ins_code   ? 
_struct_ref_seq.seq_align_end                 11 
_struct_ref_seq.pdbx_seq_align_end_ins_code   ? 
_struct_ref_seq.pdbx_db_accession             1SBU 
_struct_ref_seq.db_align_beg                  1 
_struct_ref_seq.pdbx_db_align_beg_ins_code    ? 
_struct_ref_seq.db_align_end                  11 
_struct_ref_seq.pdbx_db_align_end_ins_code    ? 
_struct_ref_seq.pdbx_auth_seq_align_beg       1 
_struct_ref_seq.pdbx_auth_seq_align_end       11 
# 
_pdbx_struct_assembly.id                   1 
_pdbx_struct_assembly.details              author_defined_assembly 
_pdbx_struct_assembly.method_details       ? 
_pdbx_struct_assembly.oligomeric_details   monomeric 
_pdbx_struct_assembly.oligomeric_count     1 
# 
_pdbx_struct_assembly_gen.assembly_id       1 
_pdbx_struct_assembly_gen.oper_expression   1 
_pdbx_struct_assembly_gen.asym_id_list      A 
# 
_pdbx_struct_oper_list.id                   1 
_pdbx_struct_oper_list.type                 'identity operation' 
_pdbx_struct_oper_list.name                 1_555 
_pdbx_struct_oper_list.symmetry_operation   ? 
_pdbx_struct_oper_list.matrix[1][1]         1.0000000000 
_pdbx_struct_oper_list.matrix[1][2]         0.0000000000 
_pdbx_struct_oper_list.matrix[1][3]         0.0000000000 
_pdbx_struct_oper_list.vector[1]            0.0000000000 
_pdbx_struct_oper_list.matrix[2][1]         0.0000000000 
_pdbx_struct_oper_list.matrix[2][2]         1.0000000000 
_pdbx_struct_oper_list.matrix[2][3]         0.0000000000 
_pdbx_struct_oper_list.vector[2]            0.0000000000 
_pdbx_struct_oper_list.matrix[3][1]         0.0000000000 
_pdbx_struct_oper_list.matrix[3][2]         0.0000000000 
_pdbx_struct_oper_list.matrix[3][3]         1.0000000000 
_pdbx_struct_oper_list.vector[3]            0.0000000000 
# 
loop_
_struct_conn.id 
_struct_conn.conn_type_id 
_struct_conn.pdbx_leaving_atom_flag 
_struct_conn.pdbx_PDB_id 
_struct_conn.ptnr1_label_asym_id 
_struct_conn.ptnr1_label_comp_id 
_struct_conn.ptnr1_label_seq_id 
_struct_conn.ptnr1_label_atom_id 
_struct_conn.pdbx_ptnr1_label_alt_id 
_struct_conn.pdbx_ptnr1_PDB_ins_code 
_struct_conn.pdbx_ptnr1_standard_comp_id 
_struct_conn.ptnr1_symmetry 
_struct_conn.ptnr2_label_asym_id 
_struct_conn.ptnr2_label_comp_id 
_struct_conn.ptnr2_label_seq_id 
_struct_conn.ptnr2_label_atom_id 
_struct_conn.pdbx_ptnr2_label_alt_id 
_struct_conn.pdbx_ptnr2_PDB_ins_code 
_struct_conn.ptnr1_auth_asym_id 
_struct_conn.ptnr1_auth_comp_id 
_struct_conn.ptnr1_auth_seq_id 
_struct_conn.ptnr2_auth_asym_id 
_struct_conn.ptnr2_auth_comp_id 
_struct_conn.ptnr2_auth_seq_id 
_struct_conn.ptnr2_symmetry 
_struct_conn.pdbx_ptnr3_label_atom_id 
_struct_conn.pdbx_ptnr3_label_seq_id 
_struct_conn.pdbx_ptnr3_label_comp_id 
_struct_conn.pdbx_ptnr3_label_asym_id 
_struct_conn.pdbx_ptnr3_label_alt_id 
_struct_conn.pdbx_ptnr3_PDB_ins_code 
_struct_conn.details 
_struct_conn.pdbx_dist_value 
_struct_conn.pdbx_value_order 
_struct_conn.pdbx_role 
covale1 covale both ? A LEU 5 C ? ? ? 1_555 A 2MT 6 N ? ? A LEU 5 A 2MT 6 1_555 ? ? ? ? ? ? ? 1.389 ? ? 
covale2 covale both ? A 2MT 6 C ? ? ? 1_555 A ILE 7 N ? ? A 2MT 6 A ILE 7 1_555 ? ? ? ? ? ? ? 1.368 ? ? 
# 
_struct_conn_type.id          covale 
_struct_conn_type.criteria    ? 
_struct_conn_type.reference   ? 
# 
_pdbx_modification_feature.ordinal                            1 
_pdbx_modification_feature.label_comp_id                      2MT 
_pdbx_modification_feature.label_asym_id                      A 
_pdbx_modification_feature.label_seq_id                       6 
_pdbx_modification_feature.label_alt_id                       ? 
_pdbx_modification_feature.modified_residue_label_comp_id     . 
_pdbx_modification_feature.modified_residue_label_asym_id     . 
_pdbx_modification_feature.modified_residue_label_seq_id      . 
_pdbx_modification_feature.modified_residue_label_alt_id      . 
_pdbx_modification_feature.auth_comp_id                       2MT 
_pdbx_modification_feature.auth_asym_id                       A 
_pdbx_modification_feature.auth_seq_id                        6 
_pdbx_modification_feature.PDB_ins_code                       ? 
_pdbx_modification_feature.symmetry                           1_555 
_pdbx_modification_feature.modified_residue_auth_comp_id      . 
_pdbx_modification_feature.modified_residue_auth_asym_id      . 
_pdbx_modification_feature.modified_residue_auth_seq_id       . 
_pdbx_modification_feature.modified_residue_PDB_ins_code      . 
_pdbx_modification_feature.modified_residue_symmetry          . 
_pdbx_modification_feature.comp_id_linking_atom               . 
_pdbx_modification_feature.modified_residue_id_linking_atom   . 
_pdbx_modification_feature.modified_residue_id                PRO 
_pdbx_modification_feature.ref_pcm_id                         1 
_pdbx_modification_feature.ref_comp_id                        2MT 
_pdbx_modification_feature.type                               None 
_pdbx_modification_feature.category                           'Non-standard residue' 
# 
loop_
_struct_mon_prot_cis.pdbx_id 
_struct_mon_prot_cis.label_comp_id 
_struct_mon_prot_cis.label_seq_id 
_struct_mon_prot_cis.label_asym_id 
_struct_mon_prot_cis.label_alt_id 
_struct_mon_prot_cis.pdbx_PDB_ins_code 
_struct_mon_prot_cis.auth_comp_id 
_struct_mon_prot_cis.auth_seq_id 
_struct_mon_prot_cis.auth_asym_id 
_struct_mon_prot_cis.pdbx_label_comp_id_2 
_struct_mon_prot_cis.pdbx_label_seq_id_2 
_struct_mon_prot_cis.pdbx_label_asym_id_2 
_struct_mon_prot_cis.pdbx_PDB_ins_code_2 
_struct_mon_prot_cis.pdbx_auth_comp_id_2 
_struct_mon_prot_cis.pdbx_auth_seq_id_2 
_struct_mon_prot_cis.pdbx_auth_asym_id_2 
_struct_mon_prot_cis.pdbx_PDB_model_num 
_struct_mon_prot_cis.pdbx_omega_angle 
1  LEU 5 A . ? LEU 5 A 2MT 6 A ? 2MT 6 A 1  6.43 
2  LEU 5 A . ? LEU 5 A 2MT 6 A ? 2MT 6 A 2  5.38 
3  LEU 5 A . ? LEU 5 A 2MT 6 A ? 2MT 6 A 3  7.93 
4  LEU 5 A . ? LEU 5 A 2MT 6 A ? 2MT 6 A 4  5.96 
5  LEU 5 A . ? LEU 5 A 2MT 6 A ? 2MT 6 A 5  6.20 
6  LEU 5 A . ? LEU 5 A 2MT 6 A ? 2MT 6 A 6  7.69 
7  LEU 5 A . ? LEU 5 A 2MT 6 A ? 2MT 6 A 7  7.51 
8  LEU 5 A . ? LEU 5 A 2MT 6 A ? 2MT 6 A 8  8.68 
9  LEU 5 A . ? LEU 5 A 2MT 6 A ? 2MT 6 A 9  6.17 
10 LEU 5 A . ? LEU 5 A 2MT 6 A ? 2MT 6 A 10 8.09 
# 
_pdbx_entry_details.entry_id                   1SBU 
_pdbx_entry_details.compound_details           ? 
_pdbx_entry_details.source_details             ? 
_pdbx_entry_details.nonpolymer_details         ? 
_pdbx_entry_details.sequence_details           ? 
_pdbx_entry_details.has_ligand_of_interest     ? 
_pdbx_entry_details.has_protein_modification   Y 
# 
loop_
_pdbx_validate_rmsd_bond.id 
_pdbx_validate_rmsd_bond.PDB_model_num 
_pdbx_validate_rmsd_bond.auth_atom_id_1 
_pdbx_validate_rmsd_bond.auth_asym_id_1 
_pdbx_validate_rmsd_bond.auth_comp_id_1 
_pdbx_validate_rmsd_bond.auth_seq_id_1 
_pdbx_validate_rmsd_bond.PDB_ins_code_1 
_pdbx_validate_rmsd_bond.label_alt_id_1 
_pdbx_validate_rmsd_bond.auth_atom_id_2 
_pdbx_validate_rmsd_bond.auth_asym_id_2 
_pdbx_validate_rmsd_bond.auth_comp_id_2 
_pdbx_validate_rmsd_bond.auth_seq_id_2 
_pdbx_validate_rmsd_bond.PDB_ins_code_2 
_pdbx_validate_rmsd_bond.label_alt_id_2 
_pdbx_validate_rmsd_bond.bond_value 
_pdbx_validate_rmsd_bond.bond_target_value 
_pdbx_validate_rmsd_bond.bond_deviation 
_pdbx_validate_rmsd_bond.bond_standard_deviation 
_pdbx_validate_rmsd_bond.linker_flag 
1  1  C A GLY 11 ? ? OXT A GLY 11 ? ? 1.372 1.229 0.143 0.019 N 
2  2  C A GLY 11 ? ? OXT A GLY 11 ? ? 1.372 1.229 0.143 0.019 N 
3  3  C A GLY 11 ? ? OXT A GLY 11 ? ? 1.372 1.229 0.143 0.019 N 
4  4  C A GLY 11 ? ? OXT A GLY 11 ? ? 1.371 1.229 0.142 0.019 N 
5  5  C A GLY 11 ? ? OXT A GLY 11 ? ? 1.372 1.229 0.143 0.019 N 
6  6  C A GLY 11 ? ? OXT A GLY 11 ? ? 1.372 1.229 0.143 0.019 N 
7  7  C A GLY 11 ? ? OXT A GLY 11 ? ? 1.372 1.229 0.143 0.019 N 
8  8  C A GLY 11 ? ? OXT A GLY 11 ? ? 1.372 1.229 0.143 0.019 N 
9  9  C A GLY 11 ? ? OXT A GLY 11 ? ? 1.372 1.229 0.143 0.019 N 
10 10 C A GLY 11 ? ? OXT A GLY 11 ? ? 1.373 1.229 0.144 0.019 N 
# 
loop_
_pdbx_validate_rmsd_angle.id 
_pdbx_validate_rmsd_angle.PDB_model_num 
_pdbx_validate_rmsd_angle.auth_atom_id_1 
_pdbx_validate_rmsd_angle.auth_asym_id_1 
_pdbx_validate_rmsd_angle.auth_comp_id_1 
_pdbx_validate_rmsd_angle.auth_seq_id_1 
_pdbx_validate_rmsd_angle.PDB_ins_code_1 
_pdbx_validate_rmsd_angle.label_alt_id_1 
_pdbx_validate_rmsd_angle.auth_atom_id_2 
_pdbx_validate_rmsd_angle.auth_asym_id_2 
_pdbx_validate_rmsd_angle.auth_comp_id_2 
_pdbx_validate_rmsd_angle.auth_seq_id_2 
_pdbx_validate_rmsd_angle.PDB_ins_code_2 
_pdbx_validate_rmsd_angle.label_alt_id_2 
_pdbx_validate_rmsd_angle.auth_atom_id_3 
_pdbx_validate_rmsd_angle.auth_asym_id_3 
_pdbx_validate_rmsd_angle.auth_comp_id_3 
_pdbx_validate_rmsd_angle.auth_seq_id_3 
_pdbx_validate_rmsd_angle.PDB_ins_code_3 
_pdbx_validate_rmsd_angle.label_alt_id_3 
_pdbx_validate_rmsd_angle.angle_value 
_pdbx_validate_rmsd_angle.angle_target_value 
_pdbx_validate_rmsd_angle.angle_deviation 
_pdbx_validate_rmsd_angle.angle_standard_deviation 
_pdbx_validate_rmsd_angle.linker_flag 
1 2 CB A LEU 8 ? ? CG A LEU 8 ? ? CD1 A LEU 8 ? ? 121.49 111.00 10.49 1.70 N 
2 4 CB A LEU 8 ? ? CG A LEU 8 ? ? CD1 A LEU 8 ? ? 121.49 111.00 10.49 1.70 N 
# 
loop_
_pdbx_validate_torsion.id 
_pdbx_validate_torsion.PDB_model_num 
_pdbx_validate_torsion.auth_comp_id 
_pdbx_validate_torsion.auth_asym_id 
_pdbx_validate_torsion.auth_seq_id 
_pdbx_validate_torsion.PDB_ins_code 
_pdbx_validate_torsion.label_alt_id 
_pdbx_validate_torsion.phi 
_pdbx_validate_torsion.psi 
1  1  PHE A 2 ? ? -152.86 88.93  
2  2  PHE A 2 ? ? -157.57 89.28  
3  3  PHE A 2 ? ? -153.13 87.89  
4  4  PHE A 2 ? ? -156.74 89.06  
5  4  SER A 4 ? ? -161.98 117.20 
6  5  PHE A 2 ? ? -152.43 86.71  
7  6  PHE A 2 ? ? -152.13 86.93  
8  7  PHE A 2 ? ? -164.39 89.03  
9  7  SER A 4 ? ? -173.43 137.59 
10 7  LEU A 8 ? ? -105.38 77.37  
11 8  PHE A 2 ? ? -152.61 86.88  
12 9  PHE A 2 ? ? -153.74 87.77  
13 10 PHE A 2 ? ? -154.65 87.46  
14 10 SER A 4 ? ? -171.07 121.82 
# 
_pdbx_struct_mod_residue.id               1 
_pdbx_struct_mod_residue.label_asym_id    A 
_pdbx_struct_mod_residue.label_comp_id    2MT 
_pdbx_struct_mod_residue.label_seq_id     6 
_pdbx_struct_mod_residue.auth_asym_id     A 
_pdbx_struct_mod_residue.auth_comp_id     2MT 
_pdbx_struct_mod_residue.auth_seq_id      6 
_pdbx_struct_mod_residue.PDB_ins_code     ? 
_pdbx_struct_mod_residue.parent_comp_id   PRO 
_pdbx_struct_mod_residue.details          ? 
# 
_pdbx_nmr_ensemble.entry_id                                      1SBU 
_pdbx_nmr_ensemble.conformers_calculated_total_number            50 
_pdbx_nmr_ensemble.conformers_submitted_total_number             10 
_pdbx_nmr_ensemble.conformer_selection_criteria                  
'structures with the least restraint violations, structures with the lowest energy' 
_pdbx_nmr_ensemble.average_constraints_per_residue               ? 
_pdbx_nmr_ensemble.average_constraint_violations_per_residue     ? 
_pdbx_nmr_ensemble.maximum_distance_constraint_violation         ? 
_pdbx_nmr_ensemble.average_distance_constraint_violation         ? 
_pdbx_nmr_ensemble.maximum_upper_distance_constraint_violation   ? 
_pdbx_nmr_ensemble.maximum_lower_distance_constraint_violation   ? 
_pdbx_nmr_ensemble.distance_constraint_violation_method          ? 
_pdbx_nmr_ensemble.maximum_torsion_angle_constraint_violation    ? 
_pdbx_nmr_ensemble.average_torsion_angle_constraint_violation    ? 
_pdbx_nmr_ensemble.torsion_angle_constraint_violation_method     ? 
# 
_pdbx_nmr_representative.entry_id             1SBU 
_pdbx_nmr_representative.conformer_id         1 
_pdbx_nmr_representative.selection_criteria   'lowest energy' 
# 
_pdbx_nmr_sample_details.solution_id      1 
_pdbx_nmr_sample_details.contents         'peptide concentration : 2mM' 
_pdbx_nmr_sample_details.solvent_system   '90% H2O/10% D2O' 
# 
_pdbx_nmr_exptl_sample_conditions.conditions_id       1 
_pdbx_nmr_exptl_sample_conditions.temperature         283 
_pdbx_nmr_exptl_sample_conditions.pressure            1 
_pdbx_nmr_exptl_sample_conditions.pH                  3 
_pdbx_nmr_exptl_sample_conditions.ionic_strength      ? 
_pdbx_nmr_exptl_sample_conditions.pressure_units      atm 
_pdbx_nmr_exptl_sample_conditions.temperature_units   K 
# 
loop_
_pdbx_nmr_exptl.experiment_id 
_pdbx_nmr_exptl.solution_id 
_pdbx_nmr_exptl.conditions_id 
_pdbx_nmr_exptl.type 
1 1 1 '2D NOESY' 
2 1 1 '2D TOCSY' 
# 
_pdbx_nmr_refine.entry_id           1SBU 
_pdbx_nmr_refine.method             
'The peptide was subjected to simulated annealing restraints molecular dynamics using the cvff forcefield' 
_pdbx_nmr_refine.details            'IRMA was used to refine the structure' 
_pdbx_nmr_refine.software_ordinal   1 
# 
loop_
_pdbx_nmr_software.name 
_pdbx_nmr_software.version 
_pdbx_nmr_software.classification 
_pdbx_nmr_software.authors 
_pdbx_nmr_software.ordinal 
XwinNMR  2.6          collection           ?                                  1 
VNMR     '2000 (6.1)' collection           ?                                  2 
Felix    2000         processing           ?                                  3 
Discover 2.98         'structure solution' ?                                  4 
IRMA     200          refinement           'Boelens R, Koning TMG, Kaptein R' 5 
# 
loop_
_chem_comp_atom.comp_id 
_chem_comp_atom.atom_id 
_chem_comp_atom.type_symbol 
_chem_comp_atom.pdbx_aromatic_flag 
_chem_comp_atom.pdbx_stereo_config 
_chem_comp_atom.pdbx_ordinal 
2MT N    N N N 1   
2MT CA   C N R 2   
2MT C    C N N 3   
2MT O    O N N 4   
2MT CB   C N N 5   
2MT SG   S N N 6   
2MT CD1  C N N 7   
2MT CD2  C N N 8   
2MT CD3  C N N 9   
2MT OXT  O N N 10  
2MT H    H N N 11  
2MT HA   H N N 12  
2MT HB2  H N N 13  
2MT HB3  H N N 14  
2MT HD21 H N N 15  
2MT HD22 H N N 16  
2MT HD23 H N N 17  
2MT HD31 H N N 18  
2MT HD32 H N N 19  
2MT HD33 H N N 20  
2MT HXT  H N N 21  
ALA N    N N N 22  
ALA CA   C N S 23  
ALA C    C N N 24  
ALA O    O N N 25  
ALA CB   C N N 26  
ALA OXT  O N N 27  
ALA H    H N N 28  
ALA H2   H N N 29  
ALA HA   H N N 30  
ALA HB1  H N N 31  
ALA HB2  H N N 32  
ALA HB3  H N N 33  
ALA HXT  H N N 34  
ASN N    N N N 35  
ASN CA   C N S 36  
ASN C    C N N 37  
ASN O    O N N 38  
ASN CB   C N N 39  
ASN CG   C N N 40  
ASN OD1  O N N 41  
ASN ND2  N N N 42  
ASN OXT  O N N 43  
ASN H    H N N 44  
ASN H2   H N N 45  
ASN HA   H N N 46  
ASN HB2  H N N 47  
ASN HB3  H N N 48  
ASN HD21 H N N 49  
ASN HD22 H N N 50  
ASN HXT  H N N 51  
GLY N    N N N 52  
GLY CA   C N N 53  
GLY C    C N N 54  
GLY O    O N N 55  
GLY OXT  O N N 56  
GLY H    H N N 57  
GLY H2   H N N 58  
GLY HA2  H N N 59  
GLY HA3  H N N 60  
GLY HXT  H N N 61  
ILE N    N N N 62  
ILE CA   C N S 63  
ILE C    C N N 64  
ILE O    O N N 65  
ILE CB   C N S 66  
ILE CG1  C N N 67  
ILE CG2  C N N 68  
ILE CD1  C N N 69  
ILE OXT  O N N 70  
ILE H    H N N 71  
ILE H2   H N N 72  
ILE HA   H N N 73  
ILE HB   H N N 74  
ILE HG12 H N N 75  
ILE HG13 H N N 76  
ILE HG21 H N N 77  
ILE HG22 H N N 78  
ILE HG23 H N N 79  
ILE HD11 H N N 80  
ILE HD12 H N N 81  
ILE HD13 H N N 82  
ILE HXT  H N N 83  
LEU N    N N N 84  
LEU CA   C N S 85  
LEU C    C N N 86  
LEU O    O N N 87  
LEU CB   C N N 88  
LEU CG   C N N 89  
LEU CD1  C N N 90  
LEU CD2  C N N 91  
LEU OXT  O N N 92  
LEU H    H N N 93  
LEU H2   H N N 94  
LEU HA   H N N 95  
LEU HB2  H N N 96  
LEU HB3  H N N 97  
LEU HG   H N N 98  
LEU HD11 H N N 99  
LEU HD12 H N N 100 
LEU HD13 H N N 101 
LEU HD21 H N N 102 
LEU HD22 H N N 103 
LEU HD23 H N N 104 
LEU HXT  H N N 105 
LYS N    N N N 106 
LYS CA   C N S 107 
LYS C    C N N 108 
LYS O    O N N 109 
LYS CB   C N N 110 
LYS CG   C N N 111 
LYS CD   C N N 112 
LYS CE   C N N 113 
LYS NZ   N N N 114 
LYS OXT  O N N 115 
LYS H    H N N 116 
LYS H2   H N N 117 
LYS HA   H N N 118 
LYS HB2  H N N 119 
LYS HB3  H N N 120 
LYS HG2  H N N 121 
LYS HG3  H N N 122 
LYS HD2  H N N 123 
LYS HD3  H N N 124 
LYS HE2  H N N 125 
LYS HE3  H N N 126 
LYS HZ1  H N N 127 
LYS HZ2  H N N 128 
LYS HZ3  H N N 129 
LYS HXT  H N N 130 
PHE N    N N N 131 
PHE CA   C N S 132 
PHE C    C N N 133 
PHE O    O N N 134 
PHE CB   C N N 135 
PHE CG   C Y N 136 
PHE CD1  C Y N 137 
PHE CD2  C Y N 138 
PHE CE1  C Y N 139 
PHE CE2  C Y N 140 
PHE CZ   C Y N 141 
PHE OXT  O N N 142 
PHE H    H N N 143 
PHE H2   H N N 144 
PHE HA   H N N 145 
PHE HB2  H N N 146 
PHE HB3  H N N 147 
PHE HD1  H N N 148 
PHE HD2  H N N 149 
PHE HE1  H N N 150 
PHE HE2  H N N 151 
PHE HZ   H N N 152 
PHE HXT  H N N 153 
SER N    N N N 154 
SER CA   C N S 155 
SER C    C N N 156 
SER O    O N N 157 
SER CB   C N N 158 
SER OG   O N N 159 
SER OXT  O N N 160 
SER H    H N N 161 
SER H2   H N N 162 
SER HA   H N N 163 
SER HB2  H N N 164 
SER HB3  H N N 165 
SER HG   H N N 166 
SER HXT  H N N 167 
# 
loop_
_chem_comp_bond.comp_id 
_chem_comp_bond.atom_id_1 
_chem_comp_bond.atom_id_2 
_chem_comp_bond.value_order 
_chem_comp_bond.pdbx_aromatic_flag 
_chem_comp_bond.pdbx_stereo_config 
_chem_comp_bond.pdbx_ordinal 
2MT N   CA   sing N N 1   
2MT N   CD1  sing N N 2   
2MT N   H    sing N N 3   
2MT CA  C    sing N N 4   
2MT CA  CB   sing N N 5   
2MT CA  HA   sing N N 6   
2MT C   O    doub N N 7   
2MT C   OXT  sing N N 8   
2MT CB  SG   sing N N 9   
2MT CB  HB2  sing N N 10  
2MT CB  HB3  sing N N 11  
2MT SG  CD1  sing N N 12  
2MT CD1 CD2  sing N N 13  
2MT CD1 CD3  sing N N 14  
2MT CD2 HD21 sing N N 15  
2MT CD2 HD22 sing N N 16  
2MT CD2 HD23 sing N N 17  
2MT CD3 HD31 sing N N 18  
2MT CD3 HD32 sing N N 19  
2MT CD3 HD33 sing N N 20  
2MT OXT HXT  sing N N 21  
ALA N   CA   sing N N 22  
ALA N   H    sing N N 23  
ALA N   H2   sing N N 24  
ALA CA  C    sing N N 25  
ALA CA  CB   sing N N 26  
ALA CA  HA   sing N N 27  
ALA C   O    doub N N 28  
ALA C   OXT  sing N N 29  
ALA CB  HB1  sing N N 30  
ALA CB  HB2  sing N N 31  
ALA CB  HB3  sing N N 32  
ALA OXT HXT  sing N N 33  
ASN N   CA   sing N N 34  
ASN N   H    sing N N 35  
ASN N   H2   sing N N 36  
ASN CA  C    sing N N 37  
ASN CA  CB   sing N N 38  
ASN CA  HA   sing N N 39  
ASN C   O    doub N N 40  
ASN C   OXT  sing N N 41  
ASN CB  CG   sing N N 42  
ASN CB  HB2  sing N N 43  
ASN CB  HB3  sing N N 44  
ASN CG  OD1  doub N N 45  
ASN CG  ND2  sing N N 46  
ASN ND2 HD21 sing N N 47  
ASN ND2 HD22 sing N N 48  
ASN OXT HXT  sing N N 49  
GLY N   CA   sing N N 50  
GLY N   H    sing N N 51  
GLY N   H2   sing N N 52  
GLY CA  C    sing N N 53  
GLY CA  HA2  sing N N 54  
GLY CA  HA3  sing N N 55  
GLY C   O    doub N N 56  
GLY C   OXT  sing N N 57  
GLY OXT HXT  sing N N 58  
ILE N   CA   sing N N 59  
ILE N   H    sing N N 60  
ILE N   H2   sing N N 61  
ILE CA  C    sing N N 62  
ILE CA  CB   sing N N 63  
ILE CA  HA   sing N N 64  
ILE C   O    doub N N 65  
ILE C   OXT  sing N N 66  
ILE CB  CG1  sing N N 67  
ILE CB  CG2  sing N N 68  
ILE CB  HB   sing N N 69  
ILE CG1 CD1  sing N N 70  
ILE CG1 HG12 sing N N 71  
ILE CG1 HG13 sing N N 72  
ILE CG2 HG21 sing N N 73  
ILE CG2 HG22 sing N N 74  
ILE CG2 HG23 sing N N 75  
ILE CD1 HD11 sing N N 76  
ILE CD1 HD12 sing N N 77  
ILE CD1 HD13 sing N N 78  
ILE OXT HXT  sing N N 79  
LEU N   CA   sing N N 80  
LEU N   H    sing N N 81  
LEU N   H2   sing N N 82  
LEU CA  C    sing N N 83  
LEU CA  CB   sing N N 84  
LEU CA  HA   sing N N 85  
LEU C   O    doub N N 86  
LEU C   OXT  sing N N 87  
LEU CB  CG   sing N N 88  
LEU CB  HB2  sing N N 89  
LEU CB  HB3  sing N N 90  
LEU CG  CD1  sing N N 91  
LEU CG  CD2  sing N N 92  
LEU CG  HG   sing N N 93  
LEU CD1 HD11 sing N N 94  
LEU CD1 HD12 sing N N 95  
LEU CD1 HD13 sing N N 96  
LEU CD2 HD21 sing N N 97  
LEU CD2 HD22 sing N N 98  
LEU CD2 HD23 sing N N 99  
LEU OXT HXT  sing N N 100 
LYS N   CA   sing N N 101 
LYS N   H    sing N N 102 
LYS N   H2   sing N N 103 
LYS CA  C    sing N N 104 
LYS CA  CB   sing N N 105 
LYS CA  HA   sing N N 106 
LYS C   O    doub N N 107 
LYS C   OXT  sing N N 108 
LYS CB  CG   sing N N 109 
LYS CB  HB2  sing N N 110 
LYS CB  HB3  sing N N 111 
LYS CG  CD   sing N N 112 
LYS CG  HG2  sing N N 113 
LYS CG  HG3  sing N N 114 
LYS CD  CE   sing N N 115 
LYS CD  HD2  sing N N 116 
LYS CD  HD3  sing N N 117 
LYS CE  NZ   sing N N 118 
LYS CE  HE2  sing N N 119 
LYS CE  HE3  sing N N 120 
LYS NZ  HZ1  sing N N 121 
LYS NZ  HZ2  sing N N 122 
LYS NZ  HZ3  sing N N 123 
LYS OXT HXT  sing N N 124 
PHE N   CA   sing N N 125 
PHE N   H    sing N N 126 
PHE N   H2   sing N N 127 
PHE CA  C    sing N N 128 
PHE CA  CB   sing N N 129 
PHE CA  HA   sing N N 130 
PHE C   O    doub N N 131 
PHE C   OXT  sing N N 132 
PHE CB  CG   sing N N 133 
PHE CB  HB2  sing N N 134 
PHE CB  HB3  sing N N 135 
PHE CG  CD1  doub Y N 136 
PHE CG  CD2  sing Y N 137 
PHE CD1 CE1  sing Y N 138 
PHE CD1 HD1  sing N N 139 
PHE CD2 CE2  doub Y N 140 
PHE CD2 HD2  sing N N 141 
PHE CE1 CZ   doub Y N 142 
PHE CE1 HE1  sing N N 143 
PHE CE2 CZ   sing Y N 144 
PHE CE2 HE2  sing N N 145 
PHE CZ  HZ   sing N N 146 
PHE OXT HXT  sing N N 147 
SER N   CA   sing N N 148 
SER N   H    sing N N 149 
SER N   H2   sing N N 150 
SER CA  C    sing N N 151 
SER CA  CB   sing N N 152 
SER CA  HA   sing N N 153 
SER C   O    doub N N 154 
SER C   OXT  sing N N 155 
SER CB  OG   sing N N 156 
SER CB  HB2  sing N N 157 
SER CB  HB3  sing N N 158 
SER OG  HG   sing N N 159 
SER OXT HXT  sing N N 160 
# 
loop_
_pdbx_nmr_spectrometer.spectrometer_id 
_pdbx_nmr_spectrometer.type 
_pdbx_nmr_spectrometer.manufacturer 
_pdbx_nmr_spectrometer.model 
_pdbx_nmr_spectrometer.field_strength 
1 ? Bruker AVANCE    500 
2 ? Varian UNITYPLUS 500 
# 
_atom_sites.entry_id                    1SBU 
_atom_sites.fract_transf_matrix[1][1]   1.000000 
_atom_sites.fract_transf_matrix[1][2]   0.000000 
_atom_sites.fract_transf_matrix[1][3]   0.000000 
_atom_sites.fract_transf_matrix[2][1]   0.000000 
_atom_sites.fract_transf_matrix[2][2]   1.000000 
_atom_sites.fract_transf_matrix[2][3]   0.000000 
_atom_sites.fract_transf_matrix[3][1]   0.000000 
_atom_sites.fract_transf_matrix[3][2]   0.000000 
_atom_sites.fract_transf_matrix[3][3]   1.000000 
_atom_sites.fract_transf_vector[1]      0.00000 
_atom_sites.fract_transf_vector[2]      0.00000 
_atom_sites.fract_transf_vector[3]      0.00000 
# 
loop_
_atom_type.symbol 
C 
H 
N 
O 
S 
# 
loop_
_atom_site.group_PDB 
_atom_site.id 
_atom_site.type_symbol 
_atom_site.label_atom_id 
_atom_site.label_alt_id 
_atom_site.label_comp_id 
_atom_site.label_asym_id 
_atom_site.label_entity_id 
_atom_site.label_seq_id 
_atom_site.pdbx_PDB_ins_code 
_atom_site.Cartn_x 
_atom_site.Cartn_y 
_atom_site.Cartn_z 
_atom_site.occupancy 
_atom_site.B_iso_or_equiv 
_atom_site.pdbx_formal_charge 
_atom_site.auth_seq_id 
_atom_site.auth_comp_id 
_atom_site.auth_asym_id 
_atom_site.auth_atom_id 
_atom_site.pdbx_PDB_model_num 
ATOM   1    N N    . GLY A 1 1  ? 2.530   -4.704 6.161  1.00 0.00 ? 1  GLY A N    1  
ATOM   2    C CA   . GLY A 1 1  ? 3.492   -4.444 5.074  1.00 0.00 ? 1  GLY A CA   1  
ATOM   3    C C    . GLY A 1 1  ? 2.787   -4.361 3.713  1.00 0.00 ? 1  GLY A C    1  
ATOM   4    O O    . GLY A 1 1  ? 2.357   -5.387 3.177  1.00 0.00 ? 1  GLY A O    1  
ATOM   5    H H1   . GLY A 1 1  ? 2.007   -5.566 5.969  1.00 0.00 ? 1  GLY A H1   1  
ATOM   6    H H2   . GLY A 1 1  ? 1.829   -3.956 6.197  1.00 0.00 ? 1  GLY A H2   1  
ATOM   7    H HA2  . GLY A 1 1  ? 4.064   -3.524 5.306  1.00 0.00 ? 1  GLY A HA2  1  
ATOM   8    H HA3  . GLY A 1 1  ? 4.239   -5.259 5.050  1.00 0.00 ? 1  GLY A HA3  1  
ATOM   9    N N    . PHE A 1 2  ? 2.678   -3.140 3.158  1.00 0.00 ? 2  PHE A N    1  
ATOM   10   C CA   . PHE A 1 2  ? 2.100   -2.914 1.821  1.00 0.00 ? 2  PHE A CA   1  
ATOM   11   C C    . PHE A 1 2  ? 2.765   -1.605 1.278  1.00 0.00 ? 2  PHE A C    1  
ATOM   12   O O    . PHE A 1 2  ? 2.237   -0.501 1.450  1.00 0.00 ? 2  PHE A O    1  
ATOM   13   C CB   . PHE A 1 2  ? 0.522   -2.782 1.946  1.00 0.00 ? 2  PHE A CB   1  
ATOM   14   C CG   . PHE A 1 2  ? -0.199  -3.289 0.687  1.00 0.00 ? 2  PHE A CG   1  
ATOM   15   C CD1  . PHE A 1 2  ? -0.203  -2.532 -0.493 1.00 0.00 ? 2  PHE A CD1  1  
ATOM   16   C CD2  . PHE A 1 2  ? -0.851  -4.526 0.708  1.00 0.00 ? 2  PHE A CD2  1  
ATOM   17   C CE1  . PHE A 1 2  ? -0.848  -3.010 -1.631 1.00 0.00 ? 2  PHE A CE1  1  
ATOM   18   C CE2  . PHE A 1 2  ? -1.498  -5.000 -0.432 1.00 0.00 ? 2  PHE A CE2  1  
ATOM   19   C CZ   . PHE A 1 2  ? -1.495  -4.242 -1.599 1.00 0.00 ? 2  PHE A CZ   1  
ATOM   20   H H    . PHE A 1 2  ? 3.166   -2.372 3.624  1.00 0.00 ? 2  PHE A H    1  
ATOM   21   H HA   . PHE A 1 2  ? 2.430   -3.748 1.125  1.00 0.00 ? 2  PHE A HA   1  
ATOM   22   H HB2  . PHE A 1 2  ? 0.029   -3.200 2.877  1.00 0.00 ? 2  PHE A HB2  1  
ATOM   23   H HB3  . PHE A 1 2  ? 0.269   -1.719 2.103  1.00 0.00 ? 2  PHE A HB3  1  
ATOM   24   H HD1  . PHE A 1 2  ? 0.291   -1.572 -0.532 1.00 0.00 ? 2  PHE A HD1  1  
ATOM   25   H HD2  . PHE A 1 2  ? -0.857  -5.129 1.606  1.00 0.00 ? 2  PHE A HD2  1  
ATOM   26   H HE1  . PHE A 1 2  ? -0.862  -2.421 -2.534 1.00 0.00 ? 2  PHE A HE1  1  
ATOM   27   H HE2  . PHE A 1 2  ? -2.001  -5.955 -0.409 1.00 0.00 ? 2  PHE A HE2  1  
ATOM   28   H HZ   . PHE A 1 2  ? -2.001  -4.607 -2.482 1.00 0.00 ? 2  PHE A HZ   1  
ATOM   29   N N    . ALA A 1 3  ? 3.917   -1.741 0.592  1.00 0.00 ? 3  ALA A N    1  
ATOM   30   C CA   . ALA A 1 3  ? 4.421   -0.685 -0.342 1.00 0.00 ? 3  ALA A CA   1  
ATOM   31   C C    . ALA A 1 3  ? 4.482   -1.348 -1.749 1.00 0.00 ? 3  ALA A C    1  
ATOM   32   O O    . ALA A 1 3  ? 5.511   -1.896 -2.160 1.00 0.00 ? 3  ALA A O    1  
ATOM   33   C CB   . ALA A 1 3  ? 5.819   -0.140 0.123  1.00 0.00 ? 3  ALA A CB   1  
ATOM   34   H H    . ALA A 1 3  ? 4.325   -2.684 0.682  1.00 0.00 ? 3  ALA A H    1  
ATOM   35   H HA   . ALA A 1 3  ? 3.675   0.161  -0.408 1.00 0.00 ? 3  ALA A HA   1  
ATOM   36   H HB1  . ALA A 1 3  ? 6.246   0.618  -0.566 1.00 0.00 ? 3  ALA A HB1  1  
ATOM   37   H HB2  . ALA A 1 3  ? 5.805   0.348  1.118  1.00 0.00 ? 3  ALA A HB2  1  
ATOM   38   H HB3  . ALA A 1 3  ? 6.605   -0.923 0.194  1.00 0.00 ? 3  ALA A HB3  1  
ATOM   39   N N    . SER A 1 4  ? 3.344   -1.303 -2.473 1.00 0.00 ? 4  SER A N    1  
ATOM   40   C CA   . SER A 1 4  ? 3.173   -1.951 -3.801 1.00 0.00 ? 4  SER A CA   1  
ATOM   41   C C    . SER A 1 4  ? 1.991   -1.223 -4.491 1.00 0.00 ? 4  SER A C    1  
ATOM   42   O O    . SER A 1 4  ? 0.885   -1.178 -3.944 1.00 0.00 ? 4  SER A O    1  
ATOM   43   C CB   . SER A 1 4  ? 2.859   -3.466 -3.687 1.00 0.00 ? 4  SER A CB   1  
ATOM   44   O OG   . SER A 1 4  ? 3.972   -4.193 -3.181 1.00 0.00 ? 4  SER A OG   1  
ATOM   45   H H    . SER A 1 4  ? 2.551   -0.848 -2.010 1.00 0.00 ? 4  SER A H    1  
ATOM   46   H HA   . SER A 1 4  ? 4.099   -1.826 -4.397 1.00 0.00 ? 4  SER A HA   1  
ATOM   47   H HB2  . SER A 1 4  ? 1.980   -3.647 -3.039 1.00 0.00 ? 4  SER A HB2  1  
ATOM   48   H HB3  . SER A 1 4  ? 2.596   -3.879 -4.679 1.00 0.00 ? 4  SER A HB3  1  
ATOM   49   H HG   . SER A 1 4  ? 4.691   -4.039 -3.799 1.00 0.00 ? 4  SER A HG   1  
ATOM   50   N N    . LEU A 1 5  ? 2.217   -0.651 -5.689 1.00 0.00 ? 5  LEU A N    1  
ATOM   51   C CA   . LEU A 1 5  ? 1.232   0.245  -6.353 1.00 0.00 ? 5  LEU A CA   1  
ATOM   52   C C    . LEU A 1 5  ? 0.018   -0.542 -6.979 1.00 0.00 ? 5  LEU A C    1  
ATOM   53   O O    . LEU A 1 5  ? 0.308   -1.509 -7.692 1.00 0.00 ? 5  LEU A O    1  
ATOM   54   C CB   . LEU A 1 5  ? 1.980   1.079  -7.433 1.00 0.00 ? 5  LEU A CB   1  
ATOM   55   C CG   . LEU A 1 5  ? 2.724   2.349  -6.925 1.00 0.00 ? 5  LEU A CG   1  
ATOM   56   C CD1  . LEU A 1 5  ? 3.788   2.810  -7.939 1.00 0.00 ? 5  LEU A CD1  1  
ATOM   57   C CD2  . LEU A 1 5  ? 1.757   3.512  -6.622 1.00 0.00 ? 5  LEU A CD2  1  
ATOM   58   H H    . LEU A 1 5  ? 3.148   -0.787 -6.097 1.00 0.00 ? 5  LEU A H    1  
ATOM   59   H HA   . LEU A 1 5  ? 0.896   0.931  -5.561 1.00 0.00 ? 5  LEU A HA   1  
ATOM   60   H HB2  . LEU A 1 5  ? 2.689   0.411  -7.965 1.00 0.00 ? 5  LEU A HB2  1  
ATOM   61   H HB3  . LEU A 1 5  ? 1.273   1.390  -8.224 1.00 0.00 ? 5  LEU A HB3  1  
ATOM   62   H HG   . LEU A 1 5  ? 3.257   2.100  -5.988 1.00 0.00 ? 5  LEU A HG   1  
ATOM   63   H HD11 . LEU A 1 5  ? 4.536   2.018  -8.132 1.00 0.00 ? 5  LEU A HD11 1  
ATOM   64   H HD12 . LEU A 1 5  ? 3.345   3.085  -8.915 1.00 0.00 ? 5  LEU A HD12 1  
ATOM   65   H HD13 . LEU A 1 5  ? 4.349   3.690  -7.573 1.00 0.00 ? 5  LEU A HD13 1  
ATOM   66   H HD21 . LEU A 1 5  ? 0.985   3.232  -5.883 1.00 0.00 ? 5  LEU A HD21 1  
ATOM   67   H HD22 . LEU A 1 5  ? 2.291   4.387  -6.204 1.00 0.00 ? 5  LEU A HD22 1  
ATOM   68   H HD23 . LEU A 1 5  ? 1.223   3.856  -7.528 1.00 0.00 ? 5  LEU A HD23 1  
HETATM 69   N N    . 2MT A 1 6  ? -1.314  -0.214 -6.759 1.00 0.00 ? 6  2MT A N    1  
HETATM 70   C CA   . 2MT A 1 6  ? -1.741  1.019  -6.008 1.00 0.00 ? 6  2MT A CA   1  
HETATM 71   C C    . 2MT A 1 6  ? -1.639  0.781  -4.439 1.00 0.00 ? 6  2MT A C    1  
HETATM 72   O O    . 2MT A 1 6  ? -1.858  -0.363 -4.020 1.00 0.00 ? 6  2MT A O    1  
HETATM 73   C CB   . 2MT A 1 6  ? -3.248  1.256  -6.359 1.00 0.00 ? 6  2MT A CB   1  
HETATM 74   S SG   . 2MT A 1 6  ? -3.944  -0.379 -6.546 1.00 0.00 ? 6  2MT A SG   1  
HETATM 75   C CD1  . 2MT A 1 6  ? -2.441  -1.096 -7.227 1.00 0.00 ? 6  2MT A CD1  1  
HETATM 76   C CD2  . 2MT A 1 6  ? -2.616  -1.097 -8.763 1.00 0.00 ? 6  2MT A CD2  1  
HETATM 77   C CD3  . 2MT A 1 6  ? -2.408  -2.534 -6.658 1.00 0.00 ? 6  2MT A CD3  1  
HETATM 78   H HA   . 2MT A 1 6  ? -1.085  1.836  -6.424 1.00 0.00 ? 6  2MT A HA   1  
HETATM 79   H HB2  . 2MT A 1 6  ? -3.826  1.806  -5.586 1.00 0.00 ? 6  2MT A HB2  1  
HETATM 80   H HB3  . 2MT A 1 6  ? -3.454  1.788  -7.314 1.00 0.00 ? 6  2MT A HB3  1  
HETATM 81   H HD21 . 2MT A 1 6  ? -1.766  -1.573 -9.284 1.00 0.00 ? 6  2MT A HD21 1  
HETATM 82   H HD22 . 2MT A 1 6  ? -2.710  -0.069 -9.164 1.00 0.00 ? 6  2MT A HD22 1  
HETATM 83   H HD23 . 2MT A 1 6  ? -3.530  -1.641 -9.067 1.00 0.00 ? 6  2MT A HD23 1  
HETATM 84   H HD31 . 2MT A 1 6  ? -2.323  -2.536 -5.556 1.00 0.00 ? 6  2MT A HD31 1  
HETATM 85   H HD32 . 2MT A 1 6  ? -1.561  -3.128 -7.050 1.00 0.00 ? 6  2MT A HD32 1  
HETATM 86   H HD33 . 2MT A 1 6  ? -3.331  -3.089 -6.906 1.00 0.00 ? 6  2MT A HD33 1  
ATOM   87   N N    . ILE A 1 7  ? -1.226  1.737  -3.551 1.00 0.00 ? 7  ILE A N    1  
ATOM   88   C CA   . ILE A 1 7  ? -0.725  1.394  -2.194 1.00 0.00 ? 7  ILE A CA   1  
ATOM   89   C C    . ILE A 1 7  ? -1.959  1.355  -1.240 1.00 0.00 ? 7  ILE A C    1  
ATOM   90   O O    . ILE A 1 7  ? -2.470  2.389  -0.798 1.00 0.00 ? 7  ILE A O    1  
ATOM   91   C CB   . ILE A 1 7  ? 0.399   2.429  -1.813 1.00 0.00 ? 7  ILE A CB   1  
ATOM   92   C CG1  . ILE A 1 7  ? 1.657   2.334  -2.736 1.00 0.00 ? 7  ILE A CG1  1  
ATOM   93   C CG2  . ILE A 1 7  ? 0.816   2.274  -0.341 1.00 0.00 ? 7  ILE A CG2  1  
ATOM   94   C CD1  . ILE A 1 7  ? 2.705   3.450  -2.597 1.00 0.00 ? 7  ILE A CD1  1  
ATOM   95   H H    . ILE A 1 7  ? -1.521  2.724  -3.588 1.00 0.00 ? 7  ILE A H    1  
ATOM   96   H HA   . ILE A 1 7  ? -0.254  0.382  -2.191 1.00 0.00 ? 7  ILE A HA   1  
ATOM   97   H HB   . ILE A 1 7  ? -0.009  3.454  -1.905 1.00 0.00 ? 7  ILE A HB   1  
ATOM   98   H HG12 . ILE A 1 7  ? 2.143   1.353  -2.608 1.00 0.00 ? 7  ILE A HG12 1  
ATOM   99   H HG13 . ILE A 1 7  ? 1.342   2.341  -3.793 1.00 0.00 ? 7  ILE A HG13 1  
ATOM   100  H HG21 . ILE A 1 7  ? -0.045  2.446  0.329  1.00 0.00 ? 7  ILE A HG21 1  
ATOM   101  H HG22 . ILE A 1 7  ? 1.583   3.013  -0.056 1.00 0.00 ? 7  ILE A HG22 1  
ATOM   102  H HG23 . ILE A 1 7  ? 1.200   1.259  -0.150 1.00 0.00 ? 7  ILE A HG23 1  
ATOM   103  H HD11 . ILE A 1 7  ? 3.498   3.340  -3.358 1.00 0.00 ? 7  ILE A HD11 1  
ATOM   104  H HD12 . ILE A 1 7  ? 2.255   4.450  -2.737 1.00 0.00 ? 7  ILE A HD12 1  
ATOM   105  H HD13 . ILE A 1 7  ? 3.202   3.436  -1.611 1.00 0.00 ? 7  ILE A HD13 1  
ATOM   106  N N    . LEU A 1 8  ? -2.390  0.122  -0.927 1.00 0.00 ? 8  LEU A N    1  
ATOM   107  C CA   . LEU A 1 8  ? -3.553  -0.164 -0.071 1.00 0.00 ? 8  LEU A CA   1  
ATOM   108  C C    . LEU A 1 8  ? -3.040  -0.446 1.370  1.00 0.00 ? 8  LEU A C    1  
ATOM   109  O O    . LEU A 1 8  ? -2.770  -1.595 1.736  1.00 0.00 ? 8  LEU A O    1  
ATOM   110  C CB   . LEU A 1 8  ? -4.292  -1.370 -0.716 1.00 0.00 ? 8  LEU A CB   1  
ATOM   111  C CG   . LEU A 1 8  ? -4.990  -1.093 -2.084 1.00 0.00 ? 8  LEU A CG   1  
ATOM   112  C CD1  . LEU A 1 8  ? -4.870  -2.305 -3.024 1.00 0.00 ? 8  LEU A CD1  1  
ATOM   113  C CD2  . LEU A 1 8  ? -6.458  -0.656 -1.912 1.00 0.00 ? 8  LEU A CD2  1  
ATOM   114  H H    . LEU A 1 8  ? -2.108  -0.612 -1.572 1.00 0.00 ? 8  LEU A H    1  
ATOM   115  H HA   . LEU A 1 8  ? -4.232  0.696  -0.092 1.00 0.00 ? 8  LEU A HA   1  
ATOM   116  H HB2  . LEU A 1 8  ? -3.560  -2.197 -0.823 1.00 0.00 ? 8  LEU A HB2  1  
ATOM   117  H HB3  . LEU A 1 8  ? -5.029  -1.771 0.001  1.00 0.00 ? 8  LEU A HB3  1  
ATOM   118  H HG   . LEU A 1 8  ? -4.471  -0.264 -2.600 1.00 0.00 ? 8  LEU A HG   1  
ATOM   119  H HD11 . LEU A 1 8  ? -5.322  -2.101 -4.011 1.00 0.00 ? 8  LEU A HD11 1  
ATOM   120  H HD12 . LEU A 1 8  ? -3.807  -2.555 -3.210 1.00 0.00 ? 8  LEU A HD12 1  
ATOM   121  H HD13 . LEU A 1 8  ? -5.353  -3.206 -2.605 1.00 0.00 ? 8  LEU A HD13 1  
ATOM   122  H HD21 . LEU A 1 8  ? -6.538  0.250  -1.282 1.00 0.00 ? 8  LEU A HD21 1  
ATOM   123  H HD22 . LEU A 1 8  ? -6.927  -0.412 -2.883 1.00 0.00 ? 8  LEU A HD22 1  
ATOM   124  H HD23 . LEU A 1 8  ? -7.073  -1.443 -1.437 1.00 0.00 ? 8  LEU A HD23 1  
ATOM   125  N N    . LYS A 1 9  ? -2.853  0.632  2.154  1.00 0.00 ? 9  LYS A N    1  
ATOM   126  C CA   . LYS A 1 9  ? -2.079  0.588  3.422  1.00 0.00 ? 9  LYS A CA   1  
ATOM   127  C C    . LYS A 1 9  ? -2.916  1.289  4.533  1.00 0.00 ? 9  LYS A C    1  
ATOM   128  O O    . LYS A 1 9  ? -2.968  2.524  4.565  1.00 0.00 ? 9  LYS A O    1  
ATOM   129  C CB   . LYS A 1 9  ? -0.693  1.259  3.179  1.00 0.00 ? 9  LYS A CB   1  
ATOM   130  C CG   . LYS A 1 9  ? 0.275   1.341  4.385  1.00 0.00 ? 9  LYS A CG   1  
ATOM   131  C CD   . LYS A 1 9  ? 0.761   -0.015 4.935  1.00 0.00 ? 9  LYS A CD   1  
ATOM   132  C CE   . LYS A 1 9  ? 1.725   0.150  6.122  1.00 0.00 ? 9  LYS A CE   1  
ATOM   133  N NZ   . LYS A 1 9  ? 2.180   -1.155 6.634  1.00 0.00 ? 9  LYS A NZ   1  
ATOM   134  H H    . LYS A 1 9  ? -3.126  1.522  1.724  1.00 0.00 ? 9  LYS A H    1  
ATOM   135  H HA   . LYS A 1 9  ? -1.848  -0.461 3.694  1.00 0.00 ? 9  LYS A HA   1  
ATOM   136  H HB2  . LYS A 1 9  ? -0.169  0.735  2.355  1.00 0.00 ? 9  LYS A HB2  1  
ATOM   137  H HB3  . LYS A 1 9  ? -0.841  2.290  2.803  1.00 0.00 ? 9  LYS A HB3  1  
ATOM   138  H HG2  . LYS A 1 9  ? 1.154   1.939  4.078  1.00 0.00 ? 9  LYS A HG2  1  
ATOM   139  H HG3  . LYS A 1 9  ? -0.199  1.925  5.197  1.00 0.00 ? 9  LYS A HG3  1  
ATOM   140  H HD2  . LYS A 1 9  ? -0.108  -0.623 5.247  1.00 0.00 ? 9  LYS A HD2  1  
ATOM   141  H HD3  . LYS A 1 9  ? 1.255   -0.583 4.123  1.00 0.00 ? 9  LYS A HD3  1  
ATOM   142  H HE2  . LYS A 1 9  ? 2.608   0.747  5.825  1.00 0.00 ? 9  LYS A HE2  1  
ATOM   143  H HE3  . LYS A 1 9  ? 1.235   0.706  6.942  1.00 0.00 ? 9  LYS A HE3  1  
ATOM   144  H HZ1  . LYS A 1 9  ? 2.699   -1.657 5.905  1.00 0.00 ? 9  LYS A HZ1  1  
ATOM   145  H HZ2  . LYS A 1 9  ? 2.845   -1.019 7.403  1.00 0.00 ? 9  LYS A HZ2  1  
ATOM   146  N N    . ASN A 1 10 ? -3.521  0.518  5.468  1.00 0.00 ? 10 ASN A N    1  
ATOM   147  C CA   . ASN A 1 10 ? -4.101  1.079  6.718  1.00 0.00 ? 10 ASN A CA   1  
ATOM   148  C C    . ASN A 1 10 ? -3.007  1.020  7.826  1.00 0.00 ? 10 ASN A C    1  
ATOM   149  O O    . ASN A 1 10 ? -2.821  -0.013 8.478  1.00 0.00 ? 10 ASN A O    1  
ATOM   150  C CB   . ASN A 1 10 ? -5.425  0.352  7.102  1.00 0.00 ? 10 ASN A CB   1  
ATOM   151  C CG   . ASN A 1 10 ? -6.273  1.103  8.149  1.00 0.00 ? 10 ASN A CG   1  
ATOM   152  O OD1  . ASN A 1 10 ? -6.954  2.079  7.837  1.00 0.00 ? 10 ASN A OD1  1  
ATOM   153  N ND2  . ASN A 1 10 ? -6.255  0.668  9.401  1.00 0.00 ? 10 ASN A ND2  1  
ATOM   154  H H    . ASN A 1 10 ? -3.535  -0.488 5.302  1.00 0.00 ? 10 ASN A H    1  
ATOM   155  H HA   . ASN A 1 10 ? -4.382  2.128  6.524  1.00 0.00 ? 10 ASN A HA   1  
ATOM   156  H HB2  . ASN A 1 10 ? -6.059  0.239  6.201  1.00 0.00 ? 10 ASN A HB2  1  
ATOM   157  H HB3  . ASN A 1 10 ? -5.236  -0.688 7.442  1.00 0.00 ? 10 ASN A HB3  1  
ATOM   158  H HD21 . ASN A 1 10 ? -5.668  -0.151 9.594  1.00 0.00 ? 10 ASN A HD21 1  
ATOM   159  H HD22 . ASN A 1 10 ? -6.830  1.187  10.075 1.00 0.00 ? 10 ASN A HD22 1  
ATOM   160  N N    . GLY A 1 11 ? -2.273  2.134  7.996  1.00 0.00 ? 11 GLY A N    1  
ATOM   161  C CA   . GLY A 1 11 ? -1.134  2.195  8.930  1.00 0.00 ? 11 GLY A CA   1  
ATOM   162  C C    . GLY A 1 11 ? -0.246  3.390  8.586  1.00 0.00 ? 11 GLY A C    1  
ATOM   163  O O    . GLY A 1 11 ? 0.669   3.339  7.764  1.00 0.00 ? 11 GLY A O    1  
ATOM   164  O OXT  . GLY A 1 11 ? -0.588  4.514  9.296  1.00 0.00 ? 11 GLY A OXT  1  
ATOM   165  H H    . GLY A 1 11 ? -2.522  2.919  7.384  1.00 0.00 ? 11 GLY A H    1  
ATOM   166  H HA2  . GLY A 1 11 ? -1.500  2.267  9.972  1.00 0.00 ? 11 GLY A HA2  1  
ATOM   167  H HA3  . GLY A 1 11 ? -0.527  1.269  8.878  1.00 0.00 ? 11 GLY A HA3  1  
ATOM   168  H HXT  . GLY A 1 11 ? -0.027  5.261  9.076  1.00 0.00 ? 11 GLY A HXT  1  
ATOM   169  N N    . GLY A 1 1  ? 4.541   -3.334 5.704  1.00 0.00 ? 1  GLY A N    2  
ATOM   170  C CA   . GLY A 1 1  ? 3.219   -2.690 5.599  1.00 0.00 ? 1  GLY A CA   2  
ATOM   171  C C    . GLY A 1 1  ? 2.576   -2.948 4.228  1.00 0.00 ? 1  GLY A C    2  
ATOM   172  O O    . GLY A 1 1  ? 1.950   -3.994 4.026  1.00 0.00 ? 1  GLY A O    2  
ATOM   173  H H1   . GLY A 1 1  ? 5.165   -2.978 4.971  1.00 0.00 ? 1  GLY A H1   2  
ATOM   174  H H2   . GLY A 1 1  ? 4.456   -4.342 5.529  1.00 0.00 ? 1  GLY A H2   2  
ATOM   175  H HA2  . GLY A 1 1  ? 2.561   -3.085 6.394  1.00 0.00 ? 1  GLY A HA2  2  
ATOM   176  H HA3  . GLY A 1 1  ? 3.319   -1.607 5.808  1.00 0.00 ? 1  GLY A HA3  2  
ATOM   177  N N    . PHE A 1 2  ? 2.718   -1.983 3.304  1.00 0.00 ? 2  PHE A N    2  
ATOM   178  C CA   . PHE A 1 2  ? 2.196   -2.091 1.929  1.00 0.00 ? 2  PHE A CA   2  
ATOM   179  C C    . PHE A 1 2  ? 3.054   -1.088 1.090  1.00 0.00 ? 2  PHE A C    2  
ATOM   180  O O    . PHE A 1 2  ? 2.684   0.082  0.936  1.00 0.00 ? 2  PHE A O    2  
ATOM   181  C CB   . PHE A 1 2  ? 0.656   -1.710 1.923  1.00 0.00 ? 2  PHE A CB   2  
ATOM   182  C CG   . PHE A 1 2  ? -0.116  -2.433 0.809  1.00 0.00 ? 2  PHE A CG   2  
ATOM   183  C CD1  . PHE A 1 2  ? 0.007   -2.029 -0.526 1.00 0.00 ? 2  PHE A CD1  2  
ATOM   184  C CD2  . PHE A 1 2  ? -0.922  -3.533 1.119  1.00 0.00 ? 2  PHE A CD2  2  
ATOM   185  C CE1  . PHE A 1 2  ? -0.659  -2.722 -1.534 1.00 0.00 ? 2  PHE A CE1  2  
ATOM   186  C CE2  . PHE A 1 2  ? -1.588  -4.223 0.109  1.00 0.00 ? 2  PHE A CE2  2  
ATOM   187  C CZ   . PHE A 1 2  ? -1.453  -3.819 -1.216 1.00 0.00 ? 2  PHE A CZ   2  
ATOM   188  H H    . PHE A 1 2  ? 3.325   -1.198 3.543  1.00 0.00 ? 2  PHE A H    2  
ATOM   189  H HA   . PHE A 1 2  ? 2.409   -3.140 1.545  1.00 0.00 ? 2  PHE A HA   2  
ATOM   190  H HB2  . PHE A 1 2  ? 0.139   -1.864 2.908  1.00 0.00 ? 2  PHE A HB2  2  
ATOM   191  H HB3  . PHE A 1 2  ? 0.505   -0.609 1.824  1.00 0.00 ? 2  PHE A HB3  2  
ATOM   192  H HD1  . PHE A 1 2  ? 0.633   -1.188 -0.791 1.00 0.00 ? 2  PHE A HD1  2  
ATOM   193  H HD2  . PHE A 1 2  ? -1.028  -3.867 2.143  1.00 0.00 ? 2  PHE A HD2  2  
ATOM   194  H HE1  . PHE A 1 2  ? -0.564  -2.412 -2.563 1.00 0.00 ? 2  PHE A HE1  2  
ATOM   195  H HE2  . PHE A 1 2  ? -2.208  -5.074 0.353  1.00 0.00 ? 2  PHE A HE2  2  
ATOM   196  H HZ   . PHE A 1 2  ? -1.968  -4.354 -1.999 1.00 0.00 ? 2  PHE A HZ   2  
ATOM   197  N N    . ALA A 1 3  ? 4.193   -1.551 0.535  1.00 0.00 ? 3  ALA A N    2  
ATOM   198  C CA   . ALA A 1 3  ? 4.914   -0.803 -0.548 1.00 0.00 ? 3  ALA A CA   2  
ATOM   199  C C    . ALA A 1 3  ? 4.760   -1.616 -1.869 1.00 0.00 ? 3  ALA A C    2  
ATOM   200  O O    . ALA A 1 3  ? 5.622   -2.421 -2.239 1.00 0.00 ? 3  ALA A O    2  
ATOM   201  C CB   . ALA A 1 3  ? 6.424   -0.561 -0.179 1.00 0.00 ? 3  ALA A CB   2  
ATOM   202  H H    . ALA A 1 3  ? 4.416   -2.506 0.853  1.00 0.00 ? 3  ALA A H    2  
ATOM   203  H HA   . ALA A 1 3  ? 4.408   0.191  -0.723 1.00 0.00 ? 3  ALA A HA   2  
ATOM   204  H HB1  . ALA A 1 3  ? 6.992   -0.028 -0.971 1.00 0.00 ? 3  ALA A HB1  2  
ATOM   205  H HB2  . ALA A 1 3  ? 7.006   -1.494 -0.013 1.00 0.00 ? 3  ALA A HB2  2  
ATOM   206  H HB3  . ALA A 1 3  ? 6.581   0.043  0.736  1.00 0.00 ? 3  ALA A HB3  2  
ATOM   207  N N    . SER A 1 4  ? 3.644   -1.367 -2.583 1.00 0.00 ? 4  SER A N    2  
ATOM   208  C CA   . SER A 1 4  ? 3.365   -1.922 -3.933 1.00 0.00 ? 4  SER A CA   2  
ATOM   209  C C    . SER A 1 4  ? 2.145   -1.151 -4.494 1.00 0.00 ? 4  SER A C    2  
ATOM   210  O O    . SER A 1 4  ? 1.139   -0.944 -3.808 1.00 0.00 ? 4  SER A O    2  
ATOM   211  C CB   . SER A 1 4  ? 3.073   -3.438 -3.951 1.00 0.00 ? 4  SER A CB   2  
ATOM   212  O OG   . SER A 1 4  ? 2.944   -3.922 -5.282 1.00 0.00 ? 4  SER A OG   2  
ATOM   213  H H    . SER A 1 4  ? 2.988   -0.709 -2.146 1.00 0.00 ? 4  SER A H    2  
ATOM   214  H HA   . SER A 1 4  ? 4.261   -1.739 -4.562 1.00 0.00 ? 4  SER A HA   2  
ATOM   215  H HB2  . SER A 1 4  ? 3.897   -3.988 -3.466 1.00 0.00 ? 4  SER A HB2  2  
ATOM   216  H HB3  . SER A 1 4  ? 2.148   -3.662 -3.391 1.00 0.00 ? 4  SER A HB3  2  
ATOM   217  H HG   . SER A 1 4  ? 2.209   -3.442 -5.669 1.00 0.00 ? 4  SER A HG   2  
ATOM   218  N N    . LEU A 1 5  ? 2.250   -0.744 -5.762 1.00 0.00 ? 5  LEU A N    2  
ATOM   219  C CA   . LEU A 1 5  ? 1.305   0.210  -6.394 1.00 0.00 ? 5  LEU A CA   2  
ATOM   220  C C    . LEU A 1 5  ? 0.096   -0.530 -7.080 1.00 0.00 ? 5  LEU A C    2  
ATOM   221  O O    . LEU A 1 5  ? 0.383   -1.478 -7.822 1.00 0.00 ? 5  LEU A O    2  
ATOM   222  C CB   . LEU A 1 5  ? 2.114   1.043  -7.426 1.00 0.00 ? 5  LEU A CB   2  
ATOM   223  C CG   . LEU A 1 5  ? 3.009   2.181  -6.855 1.00 0.00 ? 5  LEU A CG   2  
ATOM   224  C CD1  . LEU A 1 5  ? 4.018   2.669  -7.915 1.00 0.00 ? 5  LEU A CD1  2  
ATOM   225  C CD2  . LEU A 1 5  ? 2.189   3.379  -6.328 1.00 0.00 ? 5  LEU A CD2  2  
ATOM   226  H H    . LEU A 1 5  ? 3.087   -1.075 -6.249 1.00 0.00 ? 5  LEU A H    2  
ATOM   227  H HA   . LEU A 1 5  ? 0.963   0.890  -5.592 1.00 0.00 ? 5  LEU A HA   2  
ATOM   228  H HB2  . LEU A 1 5  ? 2.740   0.342  -8.021 1.00 0.00 ? 5  LEU A HB2  2  
ATOM   229  H HB3  . LEU A 1 5  ? 1.422   1.480  -8.165 1.00 0.00 ? 5  LEU A HB3  2  
ATOM   230  H HG   . LEU A 1 5  ? 3.598   1.775  -6.012 1.00 0.00 ? 5  LEU A HG   2  
ATOM   231  H HD11 . LEU A 1 5  ? 4.690   3.448  -7.511 1.00 0.00 ? 5  LEU A HD11 2  
ATOM   232  H HD12 . LEU A 1 5  ? 4.666   1.844  -8.268 1.00 0.00 ? 5  LEU A HD12 2  
ATOM   233  H HD13 . LEU A 1 5  ? 3.515   3.095  -8.804 1.00 0.00 ? 5  LEU A HD13 2  
ATOM   234  H HD21 . LEU A 1 5  ? 1.495   3.085  -5.521 1.00 0.00 ? 5  LEU A HD21 2  
ATOM   235  H HD22 . LEU A 1 5  ? 2.841   4.166  -5.907 1.00 0.00 ? 5  LEU A HD22 2  
ATOM   236  H HD23 . LEU A 1 5  ? 1.581   3.848  -7.124 1.00 0.00 ? 5  LEU A HD23 2  
HETATM 237  N N    . 2MT A 1 6  ? -1.233  -0.177 -6.890 1.00 0.00 ? 6  2MT A N    2  
HETATM 238  C CA   . 2MT A 1 6  ? -1.646  1.033  -6.094 1.00 0.00 ? 6  2MT A CA   2  
HETATM 239  C C    . 2MT A 1 6  ? -1.545  0.738  -4.529 1.00 0.00 ? 6  2MT A C    2  
HETATM 240  O O    . 2MT A 1 6  ? -1.613  -0.447 -4.175 1.00 0.00 ? 6  2MT A O    2  
HETATM 241  C CB   . 2MT A 1 6  ? -3.146  1.308  -6.446 1.00 0.00 ? 6  2MT A CB   2  
HETATM 242  S SG   . 2MT A 1 6  ? -3.866  -0.305 -6.710 1.00 0.00 ? 6  2MT A SG   2  
HETATM 243  C CD1  . 2MT A 1 6  ? -2.369  -1.018 -7.408 1.00 0.00 ? 6  2MT A CD1  2  
HETATM 244  C CD2  . 2MT A 1 6  ? -2.372  -2.480 -6.902 1.00 0.00 ? 6  2MT A CD2  2  
HETATM 245  C CD3  . 2MT A 1 6  ? -2.521  -0.946 -8.945 1.00 0.00 ? 6  2MT A CD3  2  
HETATM 246  H HA   . 2MT A 1 6  ? -0.972  1.845  -6.494 1.00 0.00 ? 6  2MT A HA   2  
HETATM 247  H HB2  . 2MT A 1 6  ? -3.716  1.833  -5.651 1.00 0.00 ? 6  2MT A HB2  2  
HETATM 248  H HB3  . 2MT A 1 6  ? -3.342  1.886  -7.376 1.00 0.00 ? 6  2MT A HB3  2  
HETATM 249  H HD21 . 2MT A 1 6  ? -2.303  -2.531 -5.800 1.00 0.00 ? 6  2MT A HD21 2  
HETATM 250  H HD22 . 2MT A 1 6  ? -3.303  -3.004 -7.187 1.00 0.00 ? 6  2MT A HD22 2  
HETATM 251  H HD23 . 2MT A 1 6  ? -1.533  -3.075 -7.309 1.00 0.00 ? 6  2MT A HD23 2  
HETATM 252  H HD31 . 2MT A 1 6  ? -2.594  0.099  -9.300 1.00 0.00 ? 6  2MT A HD31 2  
HETATM 253  H HD32 . 2MT A 1 6  ? -3.436  -1.463 -9.286 1.00 0.00 ? 6  2MT A HD32 2  
HETATM 254  H HD33 . 2MT A 1 6  ? -1.669  -1.412 -9.473 1.00 0.00 ? 6  2MT A HD33 2  
ATOM   255  N N    . ILE A 1 7  ? -1.407  1.693  -3.554 1.00 0.00 ? 7  ILE A N    2  
ATOM   256  C CA   . ILE A 1 7  ? -1.091  1.351  -2.140 1.00 0.00 ? 7  ILE A CA   2  
ATOM   257  C C    . ILE A 1 7  ? -2.400  1.465  -1.310 1.00 0.00 ? 7  ILE A C    2  
ATOM   258  O O    . ILE A 1 7  ? -2.927  2.558  -1.073 1.00 0.00 ? 7  ILE A O    2  
ATOM   259  C CB   . ILE A 1 7  ? 0.093   2.274  -1.654 1.00 0.00 ? 7  ILE A CB   2  
ATOM   260  C CG1  . ILE A 1 7  ? 1.435   1.959  -2.386 1.00 0.00 ? 7  ILE A CG1  2  
ATOM   261  C CG2  . ILE A 1 7  ? 0.287   2.199  -0.128 1.00 0.00 ? 7  ILE A CG2  2  
ATOM   262  C CD1  . ILE A 1 7  ? 2.585   2.959  -2.192 1.00 0.00 ? 7  ILE A CD1  2  
ATOM   263  H H    . ILE A 1 7  ? -1.510  2.706  -3.683 1.00 0.00 ? 7  ILE A H    2  
ATOM   264  H HA   . ILE A 1 7  ? -0.759  0.288  -2.055 1.00 0.00 ? 7  ILE A HA   2  
ATOM   265  H HB   . ILE A 1 7  ? -0.159  3.334  -1.856 1.00 0.00 ? 7  ILE A HB   2  
ATOM   266  H HG12 . ILE A 1 7  ? 1.776   0.951  -2.105 1.00 0.00 ? 7  ILE A HG12 2  
ATOM   267  H HG13 . ILE A 1 7  ? 1.261   1.896  -3.473 1.00 0.00 ? 7  ILE A HG13 2  
ATOM   268  H HG21 . ILE A 1 7  ? 0.441   1.157  0.197  1.00 0.00 ? 7  ILE A HG21 2  
ATOM   269  H HG22 . ILE A 1 7  ? 1.134   2.816  0.213  1.00 0.00 ? 7  ILE A HG22 2  
ATOM   270  H HG23 . ILE A 1 7  ? -0.608  2.586  0.392  1.00 0.00 ? 7  ILE A HG23 2  
ATOM   271  H HD11 . ILE A 1 7  ? 2.945   2.987  -1.147 1.00 0.00 ? 7  ILE A HD11 2  
ATOM   272  H HD12 . ILE A 1 7  ? 3.452   2.687  -2.822 1.00 0.00 ? 7  ILE A HD12 2  
ATOM   273  H HD13 . ILE A 1 7  ? 2.285   3.986  -2.473 1.00 0.00 ? 7  ILE A HD13 2  
ATOM   274  N N    . LEU A 1 8  ? -2.831  0.304  -0.791 1.00 0.00 ? 8  LEU A N    2  
ATOM   275  C CA   . LEU A 1 8  ? -3.947  0.185  0.149  1.00 0.00 ? 8  LEU A CA   2  
ATOM   276  C C    . LEU A 1 8  ? -3.425  0.400  1.598  1.00 0.00 ? 8  LEU A C    2  
ATOM   277  O O    . LEU A 1 8  ? -2.743  -0.464 2.163  1.00 0.00 ? 8  LEU A O    2  
ATOM   278  C CB   . LEU A 1 8  ? -4.438  -1.264 -0.094 1.00 0.00 ? 8  LEU A CB   2  
ATOM   279  C CG   . LEU A 1 8  ? -5.059  -1.634 -1.480 1.00 0.00 ? 8  LEU A CG   2  
ATOM   280  C CD1  . LEU A 1 8  ? -4.314  -1.339 -2.803 1.00 0.00 ? 8  LEU A CD1  2  
ATOM   281  C CD2  . LEU A 1 8  ? -5.307  -3.139 -1.463 1.00 0.00 ? 8  LEU A CD2  2  
ATOM   282  H H    . LEU A 1 8  ? -2.786  -0.515 -1.430 1.00 0.00 ? 8  LEU A H    2  
ATOM   283  H HA   . LEU A 1 8  ? -4.764  0.891  -0.105 1.00 0.00 ? 8  LEU A HA   2  
ATOM   284  H HB2  . LEU A 1 8  ? -3.618  -1.972 0.144  1.00 0.00 ? 8  LEU A HB2  2  
ATOM   285  H HB3  . LEU A 1 8  ? -5.202  -1.480 0.678  1.00 0.00 ? 8  LEU A HB3  2  
ATOM   286  H HG   . LEU A 1 8  ? -5.993  -1.072 -1.547 1.00 0.00 ? 8  LEU A HG   2  
ATOM   287  H HD11 . LEU A 1 8  ? -4.851  -1.737 -3.686 1.00 0.00 ? 8  LEU A HD11 2  
ATOM   288  H HD12 . LEU A 1 8  ? -3.301  -1.780 -2.811 1.00 0.00 ? 8  LEU A HD12 2  
ATOM   289  H HD13 . LEU A 1 8  ? -4.213  -0.253 -2.989 1.00 0.00 ? 8  LEU A HD13 2  
ATOM   290  H HD21 . LEU A 1 8  ? -5.893  -3.430 -0.578 1.00 0.00 ? 8  LEU A HD21 2  
ATOM   291  H HD22 . LEU A 1 8  ? -5.834  -3.464 -2.374 1.00 0.00 ? 8  LEU A HD22 2  
ATOM   292  H HD23 . LEU A 1 8  ? -4.337  -3.673 -1.420 1.00 0.00 ? 8  LEU A HD23 2  
ATOM   293  N N    . LYS A 1 9  ? -3.714  1.585  2.166  1.00 0.00 ? 9  LYS A N    2  
ATOM   294  C CA   . LYS A 1 9  ? -3.186  1.994  3.495  1.00 0.00 ? 9  LYS A CA   2  
ATOM   295  C C    . LYS A 1 9  ? -4.257  2.905  4.168  1.00 0.00 ? 9  LYS A C    2  
ATOM   296  O O    . LYS A 1 9  ? -4.259  4.120  3.939  1.00 0.00 ? 9  LYS A O    2  
ATOM   297  C CB   . LYS A 1 9  ? -1.799  2.682  3.314  1.00 0.00 ? 9  LYS A CB   2  
ATOM   298  C CG   . LYS A 1 9  ? -1.025  3.040  4.606  1.00 0.00 ? 9  LYS A CG   2  
ATOM   299  C CD   . LYS A 1 9  ? -0.592  1.864  5.517  1.00 0.00 ? 9  LYS A CD   2  
ATOM   300  C CE   . LYS A 1 9  ? 0.325   0.790  4.892  1.00 0.00 ? 9  LYS A CE   2  
ATOM   301  N NZ   . LYS A 1 9  ? 1.653   1.301  4.502  1.00 0.00 ? 9  LYS A NZ   2  
ATOM   302  H H    . LYS A 1 9  ? -4.274  2.219  1.583  1.00 0.00 ? 9  LYS A H    2  
ATOM   303  H HA   . LYS A 1 9  ? -2.999  1.092  4.112  1.00 0.00 ? 9  LYS A HA   2  
ATOM   304  H HB2  . LYS A 1 9  ? -1.144  2.038  2.697  1.00 0.00 ? 9  LYS A HB2  2  
ATOM   305  H HB3  . LYS A 1 9  ? -1.918  3.605  2.713  1.00 0.00 ? 9  LYS A HB3  2  
ATOM   306  H HG2  . LYS A 1 9  ? -0.127  3.620  4.325  1.00 0.00 ? 9  LYS A HG2  2  
ATOM   307  H HG3  . LYS A 1 9  ? -1.632  3.745  5.206  1.00 0.00 ? 9  LYS A HG3  2  
ATOM   308  H HD2  . LYS A 1 9  ? -0.101  2.278  6.417  1.00 0.00 ? 9  LYS A HD2  2  
ATOM   309  H HD3  . LYS A 1 9  ? -1.499  1.365  5.905  1.00 0.00 ? 9  LYS A HD3  2  
ATOM   310  H HE2  . LYS A 1 9  ? 0.465   -0.035 5.614  1.00 0.00 ? 9  LYS A HE2  2  
ATOM   311  H HE3  . LYS A 1 9  ? -0.164  0.332  4.014  1.00 0.00 ? 9  LYS A HE3  2  
ATOM   312  H HZ1  . LYS A 1 9  ? 1.555   2.020  3.776  1.00 0.00 ? 9  LYS A HZ1  2  
ATOM   313  H HZ2  . LYS A 1 9  ? 2.207   0.551  4.074  1.00 0.00 ? 9  LYS A HZ2  2  
ATOM   314  N N    . ASN A 1 10 ? -5.159  2.331  5.000  1.00 0.00 ? 10 ASN A N    2  
ATOM   315  C CA   . ASN A 1 10 ? -6.183  3.115  5.745  1.00 0.00 ? 10 ASN A CA   2  
ATOM   316  C C    . ASN A 1 10 ? -5.606  3.506  7.137  1.00 0.00 ? 10 ASN A C    2  
ATOM   317  O O    . ASN A 1 10 ? -5.438  2.649  8.012  1.00 0.00 ? 10 ASN A O    2  
ATOM   318  C CB   . ASN A 1 10 ? -7.535  2.345  5.842  1.00 0.00 ? 10 ASN A CB   2  
ATOM   319  C CG   . ASN A 1 10 ? -8.731  3.219  6.275  1.00 0.00 ? 10 ASN A CG   2  
ATOM   320  O OD1  . ASN A 1 10 ? -9.269  3.997  5.488  1.00 0.00 ? 10 ASN A OD1  2  
ATOM   321  N ND2  . ASN A 1 10 ? -9.170  3.112  7.521  1.00 0.00 ? 10 ASN A ND2  2  
ATOM   322  H H    . ASN A 1 10 ? -5.112  1.314  5.087  1.00 0.00 ? 10 ASN A H    2  
ATOM   323  H HA   . ASN A 1 10 ? -6.404  4.023  5.154  1.00 0.00 ? 10 ASN A HA   2  
ATOM   324  H HB2  . ASN A 1 10 ? -7.799  1.925  4.853  1.00 0.00 ? 10 ASN A HB2  2  
ATOM   325  H HB3  . ASN A 1 10 ? -7.452  1.460  6.508  1.00 0.00 ? 10 ASN A HB3  2  
ATOM   326  H HD21 . ASN A 1 10 ? -8.677  2.445  8.126  1.00 0.00 ? 10 ASN A HD21 2  
ATOM   327  H HD22 . ASN A 1 10 ? -9.966  3.705  7.779  1.00 0.00 ? 10 ASN A HD22 2  
ATOM   328  N N    . GLY A 1 11 ? -5.307  4.803  7.315  1.00 0.00 ? 11 GLY A N    2  
ATOM   329  C CA   . GLY A 1 11 ? -4.741  5.313  8.577  1.00 0.00 ? 11 GLY A CA   2  
ATOM   330  C C    . GLY A 1 11 ? -4.451  6.808  8.457  1.00 0.00 ? 11 GLY A C    2  
ATOM   331  O O    . GLY A 1 11 ? -3.371  7.260  8.077  1.00 0.00 ? 11 GLY A O    2  
ATOM   332  O OXT  . GLY A 1 11 ? -5.525  7.577  8.825  1.00 0.00 ? 11 GLY A OXT  2  
ATOM   333  H H    . GLY A 1 11 ? -5.492  5.411  6.511  1.00 0.00 ? 11 GLY A H    2  
ATOM   334  H HA2  . GLY A 1 11 ? -5.436  5.123  9.418  1.00 0.00 ? 11 GLY A HA2  2  
ATOM   335  H HA3  . GLY A 1 11 ? -3.804  4.776  8.823  1.00 0.00 ? 11 GLY A HA3  2  
ATOM   336  H HXT  . GLY A 1 11 ? -5.339  8.516  8.749  1.00 0.00 ? 11 GLY A HXT  2  
ATOM   337  N N    . GLY A 1 1  ? 12.346  -2.476 -1.306 1.00 0.00 ? 1  GLY A N    3  
ATOM   338  C CA   . GLY A 1 1  ? 11.738  -3.272 -0.224 1.00 0.00 ? 1  GLY A CA   3  
ATOM   339  C C    . GLY A 1 1  ? 10.380  -3.851 -0.650 1.00 0.00 ? 1  GLY A C    3  
ATOM   340  O O    . GLY A 1 1  ? 10.333  -4.896 -1.305 1.00 0.00 ? 1  GLY A O    3  
ATOM   341  H H1   . GLY A 1 1  ? 11.725  -1.704 -1.568 1.00 0.00 ? 1  GLY A H1   3  
ATOM   342  H H2   . GLY A 1 1  ? 12.447  -3.050 -2.150 1.00 0.00 ? 1  GLY A H2   3  
ATOM   343  H HA2  . GLY A 1 1  ? 12.422  -4.098 0.045  1.00 0.00 ? 1  GLY A HA2  3  
ATOM   344  H HA3  . GLY A 1 1  ? 11.652  -2.650 0.687  1.00 0.00 ? 1  GLY A HA3  3  
ATOM   345  N N    . PHE A 1 2  ? 9.286   -3.172 -0.261 1.00 0.00 ? 2  PHE A N    3  
ATOM   346  C CA   . PHE A 1 2  ? 7.917   -3.558 -0.656 1.00 0.00 ? 2  PHE A CA   3  
ATOM   347  C C    . PHE A 1 2  ? 7.070   -2.242 -0.627 1.00 0.00 ? 2  PHE A C    3  
ATOM   348  O O    . PHE A 1 2  ? 6.418   -1.919 0.373  1.00 0.00 ? 2  PHE A O    3  
ATOM   349  C CB   . PHE A 1 2  ? 7.377   -4.652 0.363  1.00 0.00 ? 2  PHE A CB   3  
ATOM   350  C CG   . PHE A 1 2  ? 6.359   -5.590 -0.301 1.00 0.00 ? 2  PHE A CG   3  
ATOM   351  C CD1  . PHE A 1 2  ? 5.004   -5.239 -0.367 1.00 0.00 ? 2  PHE A CD1  3  
ATOM   352  C CD2  . PHE A 1 2  ? 6.786   -6.786 -0.886 1.00 0.00 ? 2  PHE A CD2  3  
ATOM   353  C CE1  . PHE A 1 2  ? 4.094   -6.074 -1.012 1.00 0.00 ? 2  PHE A CE1  3  
ATOM   354  C CE2  . PHE A 1 2  ? 5.874   -7.619 -1.529 1.00 0.00 ? 2  PHE A CE2  3  
ATOM   355  C CZ   . PHE A 1 2  ? 4.529   -7.263 -1.593 1.00 0.00 ? 2  PHE A CZ   3  
ATOM   356  H H    . PHE A 1 2  ? 9.445   -2.273 0.198  1.00 0.00 ? 2  PHE A H    3  
ATOM   357  H HA   . PHE A 1 2  ? 7.921   -3.903 -1.739 1.00 0.00 ? 2  PHE A HA   3  
ATOM   358  H HB2  . PHE A 1 2  ? 8.139   -5.255 0.947  1.00 0.00 ? 2  PHE A HB2  3  
ATOM   359  H HB3  . PHE A 1 2  ? 6.898   -4.137 1.216  1.00 0.00 ? 2  PHE A HB3  3  
ATOM   360  H HD1  . PHE A 1 2  ? 4.653   -4.314 0.068  1.00 0.00 ? 2  PHE A HD1  3  
ATOM   361  H HD2  . PHE A 1 2  ? 7.830   -7.069 -0.855 1.00 0.00 ? 2  PHE A HD2  3  
ATOM   362  H HE1  . PHE A 1 2  ? 3.051   -5.796 -1.066 1.00 0.00 ? 2  PHE A HE1  3  
ATOM   363  H HE2  . PHE A 1 2  ? 6.209   -8.540 -1.982 1.00 0.00 ? 2  PHE A HE2  3  
ATOM   364  H HZ   . PHE A 1 2  ? 3.822   -7.907 -2.095 1.00 0.00 ? 2  PHE A HZ   3  
ATOM   365  N N    . ALA A 1 3  ? 7.051   -1.504 -1.755 1.00 0.00 ? 3  ALA A N    3  
ATOM   366  C CA   . ALA A 1 3  ? 6.011   -0.462 -2.017 1.00 0.00 ? 3  ALA A CA   3  
ATOM   367  C C    . ALA A 1 3  ? 5.355   -0.831 -3.378 1.00 0.00 ? 3  ALA A C    3  
ATOM   368  O O    . ALA A 1 3  ? 5.800   -0.388 -4.442 1.00 0.00 ? 3  ALA A O    3  
ATOM   369  C CB   . ALA A 1 3  ? 6.655   0.970  -2.034 1.00 0.00 ? 3  ALA A CB   3  
ATOM   370  H H    . ALA A 1 3  ? 7.758   -1.803 -2.445 1.00 0.00 ? 3  ALA A H    3  
ATOM   371  H HA   . ALA A 1 3  ? 5.199   -0.520 -1.232 1.00 0.00 ? 3  ALA A HA   3  
ATOM   372  H HB1  . ALA A 1 3  ? 7.457   1.091  -2.795 1.00 0.00 ? 3  ALA A HB1  3  
ATOM   373  H HB2  . ALA A 1 3  ? 5.930   1.776  -2.266 1.00 0.00 ? 3  ALA A HB2  3  
ATOM   374  H HB3  . ALA A 1 3  ? 7.121   1.265  -1.073 1.00 0.00 ? 3  ALA A HB3  3  
ATOM   375  N N    . SER A 1 4  ? 4.293   -1.666 -3.327 1.00 0.00 ? 4  SER A N    3  
ATOM   376  C CA   . SER A 1 4  ? 3.601   -2.183 -4.536 1.00 0.00 ? 4  SER A CA   3  
ATOM   377  C C    . SER A 1 4  ? 2.344   -1.325 -4.838 1.00 0.00 ? 4  SER A C    3  
ATOM   378  O O    . SER A 1 4  ? 1.415   -1.254 -4.026 1.00 0.00 ? 4  SER A O    3  
ATOM   379  C CB   . SER A 1 4  ? 3.257   -3.683 -4.346 1.00 0.00 ? 4  SER A CB   3  
ATOM   380  O OG   . SER A 1 4  ? 2.397   -3.917 -3.233 1.00 0.00 ? 4  SER A OG   3  
ATOM   381  H H    . SER A 1 4  ? 4.033   -1.990 -2.388 1.00 0.00 ? 4  SER A H    3  
ATOM   382  H HA   . SER A 1 4  ? 4.297   -2.143 -5.399 1.00 0.00 ? 4  SER A HA   3  
ATOM   383  H HB2  . SER A 1 4  ? 2.778   -4.085 -5.257 1.00 0.00 ? 4  SER A HB2  3  
ATOM   384  H HB3  . SER A 1 4  ? 4.180   -4.280 -4.213 1.00 0.00 ? 4  SER A HB3  3  
ATOM   385  H HG   . SER A 1 4  ? 2.867   -3.595 -2.462 1.00 0.00 ? 4  SER A HG   3  
ATOM   386  N N    . LEU A 1 5  ? 2.331   -0.678 -6.017 1.00 0.00 ? 5  LEU A N    3  
ATOM   387  C CA   . LEU A 1 5  ? 1.239   0.236  -6.435 1.00 0.00 ? 5  LEU A CA   3  
ATOM   388  C C    . LEU A 1 5  ? -0.015  -0.559 -6.968 1.00 0.00 ? 5  LEU A C    3  
ATOM   389  O O    . LEU A 1 5  ? 0.204   -1.520 -7.717 1.00 0.00 ? 5  LEU A O    3  
ATOM   390  C CB   . LEU A 1 5  ? 1.802   1.184  -7.533 1.00 0.00 ? 5  LEU A CB   3  
ATOM   391  C CG   . LEU A 1 5  ? 2.653   2.388  -7.031 1.00 0.00 ? 5  LEU A CG   3  
ATOM   392  C CD1  . LEU A 1 5  ? 3.499   2.980  -8.175 1.00 0.00 ? 5  LEU A CD1  3  
ATOM   393  C CD2  . LEU A 1 5  ? 1.785   3.497  -6.398 1.00 0.00 ? 5  LEU A CD2  3  
ATOM   394  H H    . LEU A 1 5  ? 3.135   -0.834 -6.633 1.00 0.00 ? 5  LEU A H    3  
ATOM   395  H HA   . LEU A 1 5  ? 0.977   0.844  -5.545 1.00 0.00 ? 5  LEU A HA   3  
ATOM   396  H HB2  . LEU A 1 5  ? 2.395   0.578  -8.250 1.00 0.00 ? 5  LEU A HB2  3  
ATOM   397  H HB3  . LEU A 1 5  ? 0.972   1.580  -8.144 1.00 0.00 ? 5  LEU A HB3  3  
ATOM   398  H HG   . LEU A 1 5  ? 3.359   2.028  -6.260 1.00 0.00 ? 5  LEU A HG   3  
ATOM   399  H HD11 . LEU A 1 5  ? 4.179   2.224  -8.611 1.00 0.00 ? 5  LEU A HD11 3  
ATOM   400  H HD12 . LEU A 1 5  ? 2.872   3.371  -8.998 1.00 0.00 ? 5  LEU A HD12 3  
ATOM   401  H HD13 . LEU A 1 5  ? 4.137   3.813  -7.823 1.00 0.00 ? 5  LEU A HD13 3  
ATOM   402  H HD21 . LEU A 1 5  ? 1.180   3.119  -5.554 1.00 0.00 ? 5  LEU A HD21 3  
ATOM   403  H HD22 . LEU A 1 5  ? 2.405   4.320  -5.997 1.00 0.00 ? 5  LEU A HD22 3  
ATOM   404  H HD23 . LEU A 1 5  ? 1.080   3.939  -7.126 1.00 0.00 ? 5  LEU A HD23 3  
HETATM 405  N N    . 2MT A 1 6  ? -1.314  -0.228 -6.623 1.00 0.00 ? 6  2MT A N    3  
HETATM 406  C CA   . 2MT A 1 6  ? -1.643  1.019  -5.855 1.00 0.00 ? 6  2MT A CA   3  
HETATM 407  C C    . 2MT A 1 6  ? -1.347  0.828  -4.298 1.00 0.00 ? 6  2MT A C    3  
HETATM 408  O O    . 2MT A 1 6  ? -1.358  -0.327 -3.850 1.00 0.00 ? 6  2MT A O    3  
HETATM 409  C CB   . 2MT A 1 6  ? -3.174  1.265  -6.042 1.00 0.00 ? 6  2MT A CB   3  
HETATM 410  S SG   . 2MT A 1 6  ? -3.898  -0.368 -6.122 1.00 0.00 ? 6  2MT A SG   3  
HETATM 411  C CD1  . 2MT A 1 6  ? -2.488  -1.101 -6.966 1.00 0.00 ? 6  2MT A CD1  3  
HETATM 412  C CD2  . 2MT A 1 6  ? -2.828  -1.101 -8.475 1.00 0.00 ? 6  2MT A CD2  3  
HETATM 413  C CD3  . 2MT A 1 6  ? -2.399  -2.540 -6.403 1.00 0.00 ? 6  2MT A CD3  3  
HETATM 414  H HA   . 2MT A 1 6  ? -1.021  1.801  -6.383 1.00 0.00 ? 6  2MT A HA   3  
HETATM 415  H HB2  . 2MT A 1 6  ? -3.650  1.837  -5.218 1.00 0.00 ? 6  2MT A HB2  3  
HETATM 416  H HB3  . 2MT A 1 6  ? -3.483  1.785  -6.976 1.00 0.00 ? 6  2MT A HB3  3  
HETATM 417  H HD21 . 2MT A 1 6  ? -2.040  -1.583 -9.083 1.00 0.00 ? 6  2MT A HD21 3  
HETATM 418  H HD22 . 2MT A 1 6  ? -3.771  -1.642 -8.678 1.00 0.00 ? 6  2MT A HD22 3  
HETATM 419  H HD23 . 2MT A 1 6  ? -2.959  -0.074 -8.864 1.00 0.00 ? 6  2MT A HD23 3  
HETATM 420  H HD31 . 2MT A 1 6  ? -3.351  -3.086 -6.539 1.00 0.00 ? 6  2MT A HD31 3  
HETATM 421  H HD32 . 2MT A 1 6  ? -1.611  -3.140 -6.893 1.00 0.00 ? 6  2MT A HD32 3  
HETATM 422  H HD33 . 2MT A 1 6  ? -2.183  -2.539 -5.320 1.00 0.00 ? 6  2MT A HD33 3  
ATOM   423  N N    . ILE A 1 7  ? -1.106  1.862  -3.430 1.00 0.00 ? 7  ILE A N    3  
ATOM   424  C CA   . ILE A 1 7  ? -0.769  1.640  -1.995 1.00 0.00 ? 7  ILE A CA   3  
ATOM   425  C C    . ILE A 1 7  ? -2.130  1.587  -1.235 1.00 0.00 ? 7  ILE A C    3  
ATOM   426  O O    . ILE A 1 7  ? -2.785  2.613  -1.020 1.00 0.00 ? 7  ILE A O    3  
ATOM   427  C CB   . ILE A 1 7  ? 0.237   2.752  -1.526 1.00 0.00 ? 7  ILE A CB   3  
ATOM   428  C CG1  . ILE A 1 7  ? 1.637   2.661  -2.208 1.00 0.00 ? 7  ILE A CG1  3  
ATOM   429  C CG2  . ILE A 1 7  ? 0.392   2.815  0.003  1.00 0.00 ? 7  ILE A CG2  3  
ATOM   430  C CD1  . ILE A 1 7  ? 2.511   1.430  -1.912 1.00 0.00 ? 7  ILE A CD1  3  
ATOM   431  H H    . ILE A 1 7  ? -1.359  2.842  -3.612 1.00 0.00 ? 7  ILE A H    3  
ATOM   432  H HA   . ILE A 1 7  ? -0.232  0.675  -1.854 1.00 0.00 ? 7  ILE A HA   3  
ATOM   433  H HB   . ILE A 1 7  ? -0.177  3.745  -1.790 1.00 0.00 ? 7  ILE A HB   3  
ATOM   434  H HG12 . ILE A 1 7  ? 1.519   2.740  -3.304 1.00 0.00 ? 7  ILE A HG12 3  
ATOM   435  H HG13 . ILE A 1 7  ? 2.210   3.559  -1.936 1.00 0.00 ? 7  ILE A HG13 3  
ATOM   436  H HG21 . ILE A 1 7  ? -0.568  3.083  0.480  1.00 0.00 ? 7  ILE A HG21 3  
ATOM   437  H HG22 . ILE A 1 7  ? 1.123   3.588  0.295  1.00 0.00 ? 7  ILE A HG22 3  
ATOM   438  H HG23 . ILE A 1 7  ? 0.712   1.841  0.412  1.00 0.00 ? 7  ILE A HG23 3  
ATOM   439  H HD11 . ILE A 1 7  ? 2.781   1.361  -0.843 1.00 0.00 ? 7  ILE A HD11 3  
ATOM   440  H HD12 . ILE A 1 7  ? 3.456   1.474  -2.483 1.00 0.00 ? 7  ILE A HD12 3  
ATOM   441  H HD13 . ILE A 1 7  ? 2.013   0.486  -2.192 1.00 0.00 ? 7  ILE A HD13 3  
ATOM   442  N N    . LEU A 1 8  ? -2.534  0.363  -0.855 1.00 0.00 ? 8  LEU A N    3  
ATOM   443  C CA   . LEU A 1 8  ? -3.883  0.073  -0.332 1.00 0.00 ? 8  LEU A CA   3  
ATOM   444  C C    . LEU A 1 8  ? -3.921  0.285  1.205  1.00 0.00 ? 8  LEU A C    3  
ATOM   445  O O    . LEU A 1 8  ? -3.310  -0.478 1.963  1.00 0.00 ? 8  LEU A O    3  
ATOM   446  C CB   . LEU A 1 8  ? -4.223  -1.384 -0.747 1.00 0.00 ? 8  LEU A CB   3  
ATOM   447  C CG   . LEU A 1 8  ? -4.542  -1.591 -2.261 1.00 0.00 ? 8  LEU A CG   3  
ATOM   448  C CD1  . LEU A 1 8  ? -4.015  -2.948 -2.757 1.00 0.00 ? 8  LEU A CD1  3  
ATOM   449  C CD2  . LEU A 1 8  ? -6.042  -1.425 -2.569 1.00 0.00 ? 8  LEU A CD2  3  
ATOM   450  H H    . LEU A 1 8  ? -2.017  -0.420 -1.259 1.00 0.00 ? 8  LEU A H    3  
ATOM   451  H HA   . LEU A 1 8  ? -4.602  0.734  -0.843 1.00 0.00 ? 8  LEU A HA   3  
ATOM   452  H HB2  . LEU A 1 8  ? -3.380  -2.037 -0.436 1.00 0.00 ? 8  LEU A HB2  3  
ATOM   453  H HB3  . LEU A 1 8  ? -5.070  -1.754 -0.143 1.00 0.00 ? 8  LEU A HB3  3  
ATOM   454  H HG   . LEU A 1 8  ? -4.013  -0.826 -2.860 1.00 0.00 ? 8  LEU A HG   3  
ATOM   455  H HD11 . LEU A 1 8  ? -4.210  -3.090 -3.834 1.00 0.00 ? 8  LEU A HD11 3  
ATOM   456  H HD12 . LEU A 1 8  ? -4.469  -3.794 -2.210 1.00 0.00 ? 8  LEU A HD12 3  
ATOM   457  H HD13 . LEU A 1 8  ? -2.918  -3.016 -2.620 1.00 0.00 ? 8  LEU A HD13 3  
ATOM   458  H HD21 . LEU A 1 8  ? -6.660  -2.180 -2.046 1.00 0.00 ? 8  LEU A HD21 3  
ATOM   459  H HD22 . LEU A 1 8  ? -6.411  -0.430 -2.263 1.00 0.00 ? 8  LEU A HD22 3  
ATOM   460  H HD23 . LEU A 1 8  ? -6.250  -1.523 -3.651 1.00 0.00 ? 8  LEU A HD23 3  
ATOM   461  N N    . LYS A 1 9  ? -4.629  1.343  1.636  1.00 0.00 ? 9  LYS A N    3  
ATOM   462  C CA   . LYS A 1 9  ? -4.714  1.743  3.066  1.00 0.00 ? 9  LYS A CA   3  
ATOM   463  C C    . LYS A 1 9  ? -6.214  1.700  3.488  1.00 0.00 ? 9  LYS A C    3  
ATOM   464  O O    . LYS A 1 9  ? -6.926  2.698  3.330  1.00 0.00 ? 9  LYS A O    3  
ATOM   465  C CB   . LYS A 1 9  ? -4.041  3.138  3.231  1.00 0.00 ? 9  LYS A CB   3  
ATOM   466  C CG   . LYS A 1 9  ? -3.925  3.686  4.674  1.00 0.00 ? 9  LYS A CG   3  
ATOM   467  C CD   . LYS A 1 9  ? -3.079  2.862  5.677  1.00 0.00 ? 9  LYS A CD   3  
ATOM   468  C CE   . LYS A 1 9  ? -1.590  2.649  5.331  1.00 0.00 ? 9  LYS A CE   3  
ATOM   469  N NZ   . LYS A 1 9  ? -0.799  3.896  5.347  1.00 0.00 ? 9  LYS A NZ   3  
ATOM   470  H H    . LYS A 1 9  ? -5.096  1.878  0.895  1.00 0.00 ? 9  LYS A H    3  
ATOM   471  H HA   . LYS A 1 9  ? -4.114  1.056  3.696  1.00 0.00 ? 9  LYS A HA   3  
ATOM   472  H HB2  . LYS A 1 9  ? -3.025  3.116  2.792  1.00 0.00 ? 9  LYS A HB2  3  
ATOM   473  H HB3  . LYS A 1 9  ? -4.585  3.887  2.623  1.00 0.00 ? 9  LYS A HB3  3  
ATOM   474  H HG2  . LYS A 1 9  ? -3.519  4.714  4.627  1.00 0.00 ? 9  LYS A HG2  3  
ATOM   475  H HG3  . LYS A 1 9  ? -4.941  3.811  5.094  1.00 0.00 ? 9  LYS A HG3  3  
ATOM   476  H HD2  . LYS A 1 9  ? -3.154  3.335  6.675  1.00 0.00 ? 9  LYS A HD2  3  
ATOM   477  H HD3  . LYS A 1 9  ? -3.552  1.872  5.810  1.00 0.00 ? 9  LYS A HD3  3  
ATOM   478  H HE2  . LYS A 1 9  ? -1.146  1.946  6.059  1.00 0.00 ? 9  LYS A HE2  3  
ATOM   479  H HE3  . LYS A 1 9  ? -1.484  2.159  4.346  1.00 0.00 ? 9  LYS A HE3  3  
ATOM   480  H HZ1  . LYS A 1 9  ? -0.876  4.348  6.265  1.00 0.00 ? 9  LYS A HZ1  3  
ATOM   481  H HZ2  . LYS A 1 9  ? -1.189  4.567  4.676  1.00 0.00 ? 9  LYS A HZ2  3  
ATOM   482  N N    . ASN A 1 10 ? -6.691  0.553  4.027  1.00 0.00 ? 10 ASN A N    3  
ATOM   483  C CA   . ASN A 1 10 ? -8.092  0.410  4.512  1.00 0.00 ? 10 ASN A CA   3  
ATOM   484  C C    . ASN A 1 10 ? -8.141  0.771  6.025  1.00 0.00 ? 10 ASN A C    3  
ATOM   485  O O    . ASN A 1 10 ? -7.633  0.022  6.868  1.00 0.00 ? 10 ASN A O    3  
ATOM   486  C CB   . ASN A 1 10 ? -8.659  -1.009 4.207  1.00 0.00 ? 10 ASN A CB   3  
ATOM   487  C CG   . ASN A 1 10 ? -10.192 -1.121 4.349  1.00 0.00 ? 10 ASN A CG   3  
ATOM   488  O OD1  . ASN A 1 10 ? -10.947 -0.670 3.487  1.00 0.00 ? 10 ASN A OD1  3  
ATOM   489  N ND2  . ASN A 1 10 ? -10.681 -1.718 5.425  1.00 0.00 ? 10 ASN A ND2  3  
ATOM   490  H H    . ASN A 1 10 ? -6.036  -0.230 4.069  1.00 0.00 ? 10 ASN A H    3  
ATOM   491  H HA   . ASN A 1 10 ? -8.720  1.110  3.931  1.00 0.00 ? 10 ASN A HA   3  
ATOM   492  H HB2  . ASN A 1 10 ? -8.424  -1.289 3.161  1.00 0.00 ? 10 ASN A HB2  3  
ATOM   493  H HB3  . ASN A 1 10 ? -8.164  -1.786 4.824  1.00 0.00 ? 10 ASN A HB3  3  
ATOM   494  H HD21 . ASN A 1 10 ? -9.999  -2.072 6.104  1.00 0.00 ? 10 ASN A HD21 3  
ATOM   495  H HD22 . ASN A 1 10 ? -11.703 -1.779 5.493  1.00 0.00 ? 10 ASN A HD22 3  
ATOM   496  N N    . GLY A 1 11 ? -8.755  1.921  6.344  1.00 0.00 ? 11 GLY A N    3  
ATOM   497  C CA   . GLY A 1 11 ? -8.866  2.394  7.736  1.00 0.00 ? 11 GLY A CA   3  
ATOM   498  C C    . GLY A 1 11 ? -9.563  3.752  7.777  1.00 0.00 ? 11 GLY A C    3  
ATOM   499  O O    . GLY A 1 11 ? -8.961  4.825  7.721  1.00 0.00 ? 11 GLY A O    3  
ATOM   500  O OXT  . GLY A 1 11 ? -10.926 3.635  7.884  1.00 0.00 ? 11 GLY A OXT  3  
ATOM   501  H H    . GLY A 1 11 ? -9.135  2.451  5.552  1.00 0.00 ? 11 GLY A H    3  
ATOM   502  H HA2  . GLY A 1 11 ? -9.422  1.659  8.351  1.00 0.00 ? 11 GLY A HA2  3  
ATOM   503  H HA3  . GLY A 1 11 ? -7.861  2.483  8.193  1.00 0.00 ? 11 GLY A HA3  3  
ATOM   504  H HXT  . GLY A 1 11 ? -11.360 4.491  7.911  1.00 0.00 ? 11 GLY A HXT  3  
ATOM   505  N N    . GLY A 1 1  ? 5.449   -3.185 5.190  1.00 0.00 ? 1  GLY A N    4  
ATOM   506  C CA   . GLY A 1 1  ? 4.116   -2.560 5.259  1.00 0.00 ? 1  GLY A CA   4  
ATOM   507  C C    . GLY A 1 1  ? 3.322   -2.790 3.964  1.00 0.00 ? 1  GLY A C    4  
ATOM   508  O O    . GLY A 1 1  ? 2.689   -3.838 3.804  1.00 0.00 ? 1  GLY A O    4  
ATOM   509  H H1   . GLY A 1 1  ? 5.357   -4.199 5.063  1.00 0.00 ? 1  GLY A H1   4  
ATOM   510  H H2   . GLY A 1 1  ? 5.941   -3.063 6.083  1.00 0.00 ? 1  GLY A H2   4  
ATOM   511  H HA2  . GLY A 1 1  ? 3.560   -2.989 6.112  1.00 0.00 ? 1  GLY A HA2  4  
ATOM   512  H HA3  . GLY A 1 1  ? 4.226   -1.482 5.488  1.00 0.00 ? 1  GLY A HA3  4  
ATOM   513  N N    . PHE A 1 2  ? 3.347   -1.796 3.060  1.00 0.00 ? 2  PHE A N    4  
ATOM   514  C CA   . PHE A 1 2  ? 2.675   -1.875 1.750  1.00 0.00 ? 2  PHE A CA   4  
ATOM   515  C C    . PHE A 1 2  ? 3.437   -0.847 0.846  1.00 0.00 ? 2  PHE A C    4  
ATOM   516  O O    . PHE A 1 2  ? 3.052   0.324  0.753  1.00 0.00 ? 2  PHE A O    4  
ATOM   517  C CB   . PHE A 1 2  ? 1.139   -1.511 1.930  1.00 0.00 ? 2  PHE A CB   4  
ATOM   518  C CG   . PHE A 1 2  ? 0.227   -2.241 0.930  1.00 0.00 ? 2  PHE A CG   4  
ATOM   519  C CD1  . PHE A 1 2  ? 0.254   -1.927 -0.435 1.00 0.00 ? 2  PHE A CD1  4  
ATOM   520  C CD2  . PHE A 1 2  ? -0.632  -3.249 1.382  1.00 0.00 ? 2  PHE A CD2  4  
ATOM   521  C CE1  . PHE A 1 2  ? -0.560  -2.616 -1.331 1.00 0.00 ? 2  PHE A CE1  4  
ATOM   522  C CE2  . PHE A 1 2  ? -1.446  -3.935 0.483  1.00 0.00 ? 2  PHE A CE2  4  
ATOM   523  C CZ   . PHE A 1 2  ? -1.407  -3.620 -0.873 1.00 0.00 ? 2  PHE A CZ   4  
ATOM   524  H H    . PHE A 1 2  ? 3.970   -1.009 3.249  1.00 0.00 ? 2  PHE A H    4  
ATOM   525  H HA   . PHE A 1 2  ? 2.851   -2.900 1.296  1.00 0.00 ? 2  PHE A HA   4  
ATOM   526  H HB2  . PHE A 1 2  ? 0.704   -1.582 2.973  1.00 0.00 ? 2  PHE A HB2  4  
ATOM   527  H HB3  . PHE A 1 2  ? 1.024   -0.424 1.794  1.00 0.00 ? 2  PHE A HB3  4  
ATOM   528  H HD1  . PHE A 1 2  ? 0.912   -1.156 -0.811 1.00 0.00 ? 2  PHE A HD1  4  
ATOM   529  H HD2  . PHE A 1 2  ? -0.669  -3.510 2.430  1.00 0.00 ? 2  PHE A HD2  4  
ATOM   530  H HE1  . PHE A 1 2  ? -0.539  -2.373 -2.382 1.00 0.00 ? 2  PHE A HE1  4  
ATOM   531  H HE2  . PHE A 1 2  ? -2.107  -4.712 0.838  1.00 0.00 ? 2  PHE A HE2  4  
ATOM   532  H HZ   . PHE A 1 2  ? -2.037  -4.152 -1.569 1.00 0.00 ? 2  PHE A HZ   4  
ATOM   533  N N    . ALA A 1 3  ? 4.512   -1.292 0.163  1.00 0.00 ? 3  ALA A N    4  
ATOM   534  C CA   . ALA A 1 3  ? 5.081   -0.543 -1.005 1.00 0.00 ? 3  ALA A CA   4  
ATOM   535  C C    . ALA A 1 3  ? 4.884   -1.439 -2.264 1.00 0.00 ? 3  ALA A C    4  
ATOM   536  O O    . ALA A 1 3  ? 5.774   -2.198 -2.665 1.00 0.00 ? 3  ALA A O    4  
ATOM   537  C CB   . ALA A 1 3  ? 6.591   -0.181 -0.763 1.00 0.00 ? 3  ALA A CB   4  
ATOM   538  H H    . ALA A 1 3  ? 4.789   -2.246 0.439  1.00 0.00 ? 3  ALA A H    4  
ATOM   539  H HA   . ALA A 1 3  ? 4.485   0.400  -1.182 1.00 0.00 ? 3  ALA A HA   4  
ATOM   540  H HB1  . ALA A 1 3  ? 6.767   0.475  0.112  1.00 0.00 ? 3  ALA A HB1  4  
ATOM   541  H HB2  . ALA A 1 3  ? 7.246   -1.064 -0.600 1.00 0.00 ? 3  ALA A HB2  4  
ATOM   542  H HB3  . ALA A 1 3  ? 7.059   0.350  -1.619 1.00 0.00 ? 3  ALA A HB3  4  
ATOM   543  N N    . SER A 1 4  ? 3.694   -1.319 -2.886 1.00 0.00 ? 4  SER A N    4  
ATOM   544  C CA   . SER A 1 4  ? 3.310   -2.051 -4.121 1.00 0.00 ? 4  SER A CA   4  
ATOM   545  C C    . SER A 1 4  ? 2.103   -1.271 -4.699 1.00 0.00 ? 4  SER A C    4  
ATOM   546  O O    . SER A 1 4  ? 1.059   -1.168 -4.046 1.00 0.00 ? 4  SER A O    4  
ATOM   547  C CB   . SER A 1 4  ? 2.900   -3.524 -3.872 1.00 0.00 ? 4  SER A CB   4  
ATOM   548  O OG   . SER A 1 4  ? 4.004   -4.316 -3.453 1.00 0.00 ? 4  SER A OG   4  
ATOM   549  H H    . SER A 1 4  ? 3.030   -0.682 -2.432 1.00 0.00 ? 4  SER A H    4  
ATOM   550  H HA   . SER A 1 4  ? 4.159   -2.037 -4.835 1.00 0.00 ? 4  SER A HA   4  
ATOM   551  H HB2  . SER A 1 4  ? 2.093   -3.592 -3.118 1.00 0.00 ? 4  SER A HB2  4  
ATOM   552  H HB3  . SER A 1 4  ? 2.490   -3.964 -4.800 1.00 0.00 ? 4  SER A HB3  4  
ATOM   553  H HG   . SER A 1 4  ? 4.653   -4.258 -4.158 1.00 0.00 ? 4  SER A HG   4  
ATOM   554  N N    . LEU A 1 5  ? 2.248   -0.704 -5.910 1.00 0.00 ? 5  LEU A N    4  
ATOM   555  C CA   . LEU A 1 5  ? 1.267   0.261  -6.473 1.00 0.00 ? 5  LEU A CA   4  
ATOM   556  C C    . LEU A 1 5  ? 0.054   -0.460 -7.174 1.00 0.00 ? 5  LEU A C    4  
ATOM   557  O O    . LEU A 1 5  ? 0.336   -1.380 -7.951 1.00 0.00 ? 5  LEU A O    4  
ATOM   558  C CB   . LEU A 1 5  ? 2.022   1.190  -7.465 1.00 0.00 ? 5  LEU A CB   4  
ATOM   559  C CG   . LEU A 1 5  ? 2.838   2.356  -6.834 1.00 0.00 ? 5  LEU A CG   4  
ATOM   560  C CD1  . LEU A 1 5  ? 3.850   2.930  -7.845 1.00 0.00 ? 5  LEU A CD1  4  
ATOM   561  C CD2  . LEU A 1 5  ? 1.935   3.490  -6.301 1.00 0.00 ? 5  LEU A CD2  4  
ATOM   562  H H    . LEU A 1 5  ? 3.132   -0.886 -6.395 1.00 0.00 ? 5  LEU A H    4  
ATOM   563  H HA   . LEU A 1 5  ? 0.926   0.875  -5.622 1.00 0.00 ? 5  LEU A HA   4  
ATOM   564  H HB2  . LEU A 1 5  ? 2.688   0.563  -8.094 1.00 0.00 ? 5  LEU A HB2  4  
ATOM   565  H HB3  . LEU A 1 5  ? 1.306   1.622  -8.187 1.00 0.00 ? 5  LEU A HB3  4  
ATOM   566  H HG   . LEU A 1 5  ? 3.422   1.962  -5.980 1.00 0.00 ? 5  LEU A HG   4  
ATOM   567  H HD11 . LEU A 1 5  ? 3.353   3.354  -8.738 1.00 0.00 ? 5  LEU A HD11 4  
ATOM   568  H HD12 . LEU A 1 5  ? 4.464   3.733  -7.398 1.00 0.00 ? 5  LEU A HD12 4  
ATOM   569  H HD13 . LEU A 1 5  ? 4.554   2.154  -8.199 1.00 0.00 ? 5  LEU A HD13 4  
ATOM   570  H HD21 . LEU A 1 5  ? 2.528   4.293  -5.824 1.00 0.00 ? 5  LEU A HD21 4  
ATOM   571  H HD22 . LEU A 1 5  ? 1.338   3.958  -7.106 1.00 0.00 ? 5  LEU A HD22 4  
ATOM   572  H HD23 . LEU A 1 5  ? 1.222   3.133  -5.538 1.00 0.00 ? 5  LEU A HD23 4  
HETATM 573  N N    . 2MT A 1 6  ? -1.272  -0.116 -6.953 1.00 0.00 ? 6  2MT A N    4  
HETATM 574  C CA   . 2MT A 1 6  ? -1.675  1.071  -6.118 1.00 0.00 ? 6  2MT A CA   4  
HETATM 575  C C    . 2MT A 1 6  ? -1.562  0.737  -4.561 1.00 0.00 ? 6  2MT A C    4  
HETATM 576  O O    . 2MT A 1 6  ? -1.628  -0.455 -4.237 1.00 0.00 ? 6  2MT A O    4  
HETATM 577  C CB   . 2MT A 1 6  ? -3.176  1.361  -6.452 1.00 0.00 ? 6  2MT A CB   4  
HETATM 578  S SG   . 2MT A 1 6  ? -3.903  -0.244 -6.752 1.00 0.00 ? 6  2MT A SG   4  
HETATM 579  C CD1  . 2MT A 1 6  ? -2.413  -0.939 -7.486 1.00 0.00 ? 6  2MT A CD1  4  
HETATM 580  C CD2  . 2MT A 1 6  ? -2.413  -2.416 -7.024 1.00 0.00 ? 6  2MT A CD2  4  
HETATM 581  C CD3  . 2MT A 1 6  ? -2.582  -0.822 -9.018 1.00 0.00 ? 6  2MT A CD3  4  
HETATM 582  H HA   . 2MT A 1 6  ? -0.999  1.890  -6.503 1.00 0.00 ? 6  2MT A HA   4  
HETATM 583  H HB2  . 2MT A 1 6  ? -3.738  1.867  -5.639 1.00 0.00 ? 6  2MT A HB2  4  
HETATM 584  H HB3  . 2MT A 1 6  ? -3.377  1.963  -7.366 1.00 0.00 ? 6  2MT A HB3  4  
HETATM 585  H HD21 . 2MT A 1 6  ? -3.345  -2.932 -7.316 1.00 0.00 ? 6  2MT A HD21 4  
HETATM 586  H HD22 . 2MT A 1 6  ? -2.335  -2.498 -5.923 1.00 0.00 ? 6  2MT A HD22 4  
HETATM 587  H HD23 . 2MT A 1 6  ? -1.577  -2.997 -7.455 1.00 0.00 ? 6  2MT A HD23 4  
HETATM 588  H HD31 . 2MT A 1 6  ? -3.502  -1.327 -9.365 1.00 0.00 ? 6  2MT A HD31 4  
HETATM 589  H HD32 . 2MT A 1 6  ? -1.736  -1.274 -9.569 1.00 0.00 ? 6  2MT A HD32 4  
HETATM 590  H HD33 . 2MT A 1 6  ? -2.655  0.233  -9.341 1.00 0.00 ? 6  2MT A HD33 4  
ATOM   591  N N    . ILE A 1 7  ? -1.411  1.668  -3.566 1.00 0.00 ? 7  ILE A N    4  
ATOM   592  C CA   . ILE A 1 7  ? -1.051  1.298  -2.171 1.00 0.00 ? 7  ILE A CA   4  
ATOM   593  C C    . ILE A 1 7  ? -2.322  1.435  -1.286 1.00 0.00 ? 7  ILE A C    4  
ATOM   594  O O    . ILE A 1 7  ? -2.821  2.538  -1.036 1.00 0.00 ? 7  ILE A O    4  
ATOM   595  C CB   . ILE A 1 7  ? 0.174   2.191  -1.725 1.00 0.00 ? 7  ILE A CB   4  
ATOM   596  C CG1  . ILE A 1 7  ? 1.478   1.846  -2.510 1.00 0.00 ? 7  ILE A CG1  4  
ATOM   597  C CG2  . ILE A 1 7  ? 0.423   2.119  -0.208 1.00 0.00 ? 7  ILE A CG2  4  
ATOM   598  C CD1  . ILE A 1 7  ? 2.674   2.796  -2.336 1.00 0.00 ? 7  ILE A CD1  4  
ATOM   599  H H    . ILE A 1 7  ? -1.519  2.683  -3.670 1.00 0.00 ? 7  ILE A H    4  
ATOM   600  H HA   . ILE A 1 7  ? -0.746  0.226  -2.109 1.00 0.00 ? 7  ILE A HA   4  
ATOM   601  H HB   . ILE A 1 7  ? -0.056  3.258  -1.918 1.00 0.00 ? 7  ILE A HB   4  
ATOM   602  H HG12 . ILE A 1 7  ? 1.791   0.818  -2.273 1.00 0.00 ? 7  ILE A HG12 4  
ATOM   603  H HG13 . ILE A 1 7  ? 1.259   1.821  -3.590 1.00 0.00 ? 7  ILE A HG13 4  
ATOM   604  H HG21 . ILE A 1 7  ? 1.288   2.728  0.101  1.00 0.00 ? 7  ILE A HG21 4  
ATOM   605  H HG22 . ILE A 1 7  ? 0.580   1.079  0.116  1.00 0.00 ? 7  ILE A HG22 4  
ATOM   606  H HG23 . ILE A 1 7  ? -0.449  2.518  0.342  1.00 0.00 ? 7  ILE A HG23 4  
ATOM   607  H HD11 . ILE A 1 7  ? 3.503   2.509  -3.007 1.00 0.00 ? 7  ILE A HD11 4  
ATOM   608  H HD12 . ILE A 1 7  ? 3.074   2.778  -1.307 1.00 0.00 ? 7  ILE A HD12 4  
ATOM   609  H HD13 . ILE A 1 7  ? 2.403   3.841  -2.577 1.00 0.00 ? 7  ILE A HD13 4  
ATOM   610  N N    . LEU A 1 8  ? -2.759  0.282  -0.751 1.00 0.00 ? 8  LEU A N    4  
ATOM   611  C CA   . LEU A 1 8  ? -3.866  0.188  0.208  1.00 0.00 ? 8  LEU A CA   4  
ATOM   612  C C    . LEU A 1 8  ? -3.329  0.317  1.668  1.00 0.00 ? 8  LEU A C    4  
ATOM   613  O O    . LEU A 1 8  ? -3.082  -0.683 2.352  1.00 0.00 ? 8  LEU A O    4  
ATOM   614  C CB   . LEU A 1 8  ? -4.448  -1.219 -0.094 1.00 0.00 ? 8  LEU A CB   4  
ATOM   615  C CG   . LEU A 1 8  ? -5.079  -1.525 -1.491 1.00 0.00 ? 8  LEU A CG   4  
ATOM   616  C CD1  . LEU A 1 8  ? -4.314  -1.235 -2.803 1.00 0.00 ? 8  LEU A CD1  4  
ATOM   617  C CD2  . LEU A 1 8  ? -5.392  -3.020 -1.510 1.00 0.00 ? 8  LEU A CD2  4  
ATOM   618  H H    . LEU A 1 8  ? -2.761  -0.523 -1.408 1.00 0.00 ? 8  LEU A H    4  
ATOM   619  H HA   . LEU A 1 8  ? -4.645  0.951  0.008  1.00 0.00 ? 8  LEU A HA   4  
ATOM   620  H HB2  . LEU A 1 8  ? -3.673  -1.980 0.131  1.00 0.00 ? 8  LEU A HB2  4  
ATOM   621  H HB3  . LEU A 1 8  ? -5.229  -1.413 0.667  1.00 0.00 ? 8  LEU A HB3  4  
ATOM   622  H HG   . LEU A 1 8  ? -5.989  -0.922 -1.549 1.00 0.00 ? 8  LEU A HG   4  
ATOM   623  H HD11 . LEU A 1 8  ? -4.859  -1.595 -3.697 1.00 0.00 ? 8  LEU A HD11 4  
ATOM   624  H HD12 . LEU A 1 8  ? -3.319  -1.718 -2.811 1.00 0.00 ? 8  LEU A HD12 4  
ATOM   625  H HD13 . LEU A 1 8  ? -4.170  -0.152 -2.966 1.00 0.00 ? 8  LEU A HD13 4  
ATOM   626  H HD21 . LEU A 1 8  ? -5.930  -3.302 -2.430 1.00 0.00 ? 8  LEU A HD21 4  
ATOM   627  H HD22 . LEU A 1 8  ? -5.995  -3.308 -0.635 1.00 0.00 ? 8  LEU A HD22 4  
ATOM   628  H HD23 . LEU A 1 8  ? -4.445  -3.598 -1.477 1.00 0.00 ? 8  LEU A HD23 4  
ATOM   629  N N    . LYS A 1 9  ? -3.112  1.569  2.120  1.00 0.00 ? 9  LYS A N    4  
ATOM   630  C CA   . LYS A 1 9  ? -2.486  1.859  3.443  1.00 0.00 ? 9  LYS A CA   4  
ATOM   631  C C    . LYS A 1 9  ? -2.790  3.351  3.790  1.00 0.00 ? 9  LYS A C    4  
ATOM   632  O O    . LYS A 1 9  ? -2.435  4.238  3.004  1.00 0.00 ? 9  LYS A O    4  
ATOM   633  C CB   . LYS A 1 9  ? -0.950  1.592  3.403  1.00 0.00 ? 9  LYS A CB   4  
ATOM   634  C CG   . LYS A 1 9  ? -0.212  1.737  4.757  1.00 0.00 ? 9  LYS A CG   4  
ATOM   635  C CD   . LYS A 1 9  ? 1.271   1.309  4.744  1.00 0.00 ? 9  LYS A CD   4  
ATOM   636  C CE   . LYS A 1 9  ? 2.190   2.167  3.851  1.00 0.00 ? 9  LYS A CE   4  
ATOM   637  N NZ   . LYS A 1 9  ? 3.596   1.741  3.955  1.00 0.00 ? 9  LYS A NZ   4  
ATOM   638  H H    . LYS A 1 9  ? -3.310  2.307  1.431  1.00 0.00 ? 9  LYS A H    4  
ATOM   639  H HA   . LYS A 1 9  ? -2.912  1.154  4.191  1.00 0.00 ? 9  LYS A HA   4  
ATOM   640  H HB2  . LYS A 1 9  ? -0.773  0.567  3.030  1.00 0.00 ? 9  LYS A HB2  4  
ATOM   641  H HB3  . LYS A 1 9  ? -0.474  2.257  2.658  1.00 0.00 ? 9  LYS A HB3  4  
ATOM   642  H HG2  . LYS A 1 9  ? -0.289  2.781  5.116  1.00 0.00 ? 9  LYS A HG2  4  
ATOM   643  H HG3  . LYS A 1 9  ? -0.740  1.130  5.517  1.00 0.00 ? 9  LYS A HG3  4  
ATOM   644  H HD2  . LYS A 1 9  ? 1.642   1.344  5.786  1.00 0.00 ? 9  LYS A HD2  4  
ATOM   645  H HD3  . LYS A 1 9  ? 1.342   0.245  4.449  1.00 0.00 ? 9  LYS A HD3  4  
ATOM   646  H HE2  . LYS A 1 9  ? 1.876   2.100  2.793  1.00 0.00 ? 9  LYS A HE2  4  
ATOM   647  H HE3  . LYS A 1 9  ? 2.114   3.233  4.131  1.00 0.00 ? 9  LYS A HE3  4  
ATOM   648  H HZ1  . LYS A 1 9  ? 3.930   1.861  4.917  1.00 0.00 ? 9  LYS A HZ1  4  
ATOM   649  H HZ2  . LYS A 1 9  ? 4.190   2.346  3.379  1.00 0.00 ? 9  LYS A HZ2  4  
ATOM   650  N N    . ASN A 1 10 ? -3.380  3.646  4.975  1.00 0.00 ? 10 ASN A N    4  
ATOM   651  C CA   . ASN A 1 10 ? -3.547  5.044  5.462  1.00 0.00 ? 10 ASN A CA   4  
ATOM   652  C C    . ASN A 1 10 ? -2.263  5.453  6.242  1.00 0.00 ? 10 ASN A C    4  
ATOM   653  O O    . ASN A 1 10 ? -2.043  5.006  7.373  1.00 0.00 ? 10 ASN A O    4  
ATOM   654  C CB   . ASN A 1 10 ? -4.851  5.202  6.299  1.00 0.00 ? 10 ASN A CB   4  
ATOM   655  C CG   . ASN A 1 10 ? -5.289  6.667  6.513  1.00 0.00 ? 10 ASN A CG   4  
ATOM   656  O OD1  . ASN A 1 10 ? -5.840  7.304  5.617  1.00 0.00 ? 10 ASN A OD1  4  
ATOM   657  N ND2  . ASN A 1 10 ? -5.058  7.226  7.692  1.00 0.00 ? 10 ASN A ND2  4  
ATOM   658  H H    . ASN A 1 10 ? -3.615  2.864  5.588  1.00 0.00 ? 10 ASN A H    4  
ATOM   659  H HA   . ASN A 1 10 ? -3.681  5.690  4.576  1.00 0.00 ? 10 ASN A HA   4  
ATOM   660  H HB2  . ASN A 1 10 ? -5.688  4.695  5.782  1.00 0.00 ? 10 ASN A HB2  4  
ATOM   661  H HB3  . ASN A 1 10 ? -4.773  4.684  7.278  1.00 0.00 ? 10 ASN A HB3  4  
ATOM   662  H HD21 . ASN A 1 10 ? -4.595  6.639  8.396  1.00 0.00 ? 10 ASN A HD21 4  
ATOM   663  H HD22 . ASN A 1 10 ? -5.359  8.199  7.806  1.00 0.00 ? 10 ASN A HD22 4  
ATOM   664  N N    . GLY A 1 11 ? -1.415  6.279  5.602  1.00 0.00 ? 11 GLY A N    4  
ATOM   665  C CA   . GLY A 1 11 ? -0.108  6.680  6.165  1.00 0.00 ? 11 GLY A CA   4  
ATOM   666  C C    . GLY A 1 11 ? 1.013   5.755  5.681  1.00 0.00 ? 11 GLY A C    4  
ATOM   667  O O    . GLY A 1 11 ? 1.656   5.951  4.650  1.00 0.00 ? 11 GLY A O    4  
ATOM   668  O OXT  . GLY A 1 11 ? 1.210   4.693  6.526  1.00 0.00 ? 11 GLY A OXT  4  
ATOM   669  H H    . GLY A 1 11 ? -1.715  6.567  4.664  1.00 0.00 ? 11 GLY A H    4  
ATOM   670  H HA2  . GLY A 1 11 ? 0.112   7.714  5.842  1.00 0.00 ? 11 GLY A HA2  4  
ATOM   671  H HA3  . GLY A 1 11 ? -0.130  6.722  7.272  1.00 0.00 ? 11 GLY A HA3  4  
ATOM   672  H HXT  . GLY A 1 11 ? 1.913   4.115  6.219  1.00 0.00 ? 11 GLY A HXT  4  
ATOM   673  N N    . GLY A 1 1  ? 12.159  1.901  0.983  1.00 0.00 ? 1  GLY A N    5  
ATOM   674  C CA   . GLY A 1 1  ? 11.145  1.951  -0.086 1.00 0.00 ? 1  GLY A CA   5  
ATOM   675  C C    . GLY A 1 1  ? 10.710  0.542  -0.512 1.00 0.00 ? 1  GLY A C    5  
ATOM   676  O O    . GLY A 1 1  ? 11.393  -0.099 -1.316 1.00 0.00 ? 1  GLY A O    5  
ATOM   677  H H1   . GLY A 1 1  ? 12.968  1.350  0.676  1.00 0.00 ? 1  GLY A H1   5  
ATOM   678  H H2   . GLY A 1 1  ? 11.783  1.408  1.801  1.00 0.00 ? 1  GLY A H2   5  
ATOM   679  H HA2  . GLY A 1 1  ? 10.286  2.565  0.249  1.00 0.00 ? 1  GLY A HA2  5  
ATOM   680  H HA3  . GLY A 1 1  ? 11.567  2.484  -0.958 1.00 0.00 ? 1  GLY A HA3  5  
ATOM   681  N N    . PHE A 1 2  ? 9.571   0.072  0.030  1.00 0.00 ? 2  PHE A N    5  
ATOM   682  C CA   . PHE A 1 2  ? 8.986   -1.236 -0.334 1.00 0.00 ? 2  PHE A CA   5  
ATOM   683  C C    . PHE A 1 2  ? 7.447   -1.099 -0.093 1.00 0.00 ? 2  PHE A C    5  
ATOM   684  O O    . PHE A 1 2  ? 6.928   -1.443 0.976  1.00 0.00 ? 2  PHE A O    5  
ATOM   685  C CB   . PHE A 1 2  ? 9.660   -2.352 0.574  1.00 0.00 ? 2  PHE A CB   5  
ATOM   686  C CG   . PHE A 1 2  ? 9.771   -3.701 -0.149 1.00 0.00 ? 2  PHE A CG   5  
ATOM   687  C CD1  . PHE A 1 2  ? 8.732   -4.636 -0.077 1.00 0.00 ? 2  PHE A CD1  5  
ATOM   688  C CD2  . PHE A 1 2  ? 10.913  -3.998 -0.900 1.00 0.00 ? 2  PHE A CD2  5  
ATOM   689  C CE1  . PHE A 1 2  ? 8.836   -5.852 -0.750 1.00 0.00 ? 2  PHE A CE1  5  
ATOM   690  C CE2  . PHE A 1 2  ? 11.014  -5.215 -1.571 1.00 0.00 ? 2  PHE A CE2  5  
ATOM   691  C CZ   . PHE A 1 2  ? 9.977   -6.141 -1.494 1.00 0.00 ? 2  PHE A CZ   5  
ATOM   692  H H    . PHE A 1 2  ? 9.043   0.726  0.613  1.00 0.00 ? 2  PHE A H    5  
ATOM   693  H HA   . PHE A 1 2  ? 9.109   -1.410 -1.449 1.00 0.00 ? 2  PHE A HA   5  
ATOM   694  H HB2  . PHE A 1 2  ? 10.654  -2.107 1.063  1.00 0.00 ? 2  PHE A HB2  5  
ATOM   695  H HB3  . PHE A 1 2  ? 9.059   -2.474 1.493  1.00 0.00 ? 2  PHE A HB3  5  
ATOM   696  H HD1  . PHE A 1 2  ? 7.839   -4.423 0.492  1.00 0.00 ? 2  PHE A HD1  5  
ATOM   697  H HD2  . PHE A 1 2  ? 11.724  -3.287 -0.972 1.00 0.00 ? 2  PHE A HD2  5  
ATOM   698  H HE1  . PHE A 1 2  ? 8.031   -6.570 -0.694 1.00 0.00 ? 2  PHE A HE1  5  
ATOM   699  H HE2  . PHE A 1 2  ? 11.897  -5.441 -2.150 1.00 0.00 ? 2  PHE A HE2  5  
ATOM   700  H HZ   . PHE A 1 2  ? 10.056  -7.084 -2.016 1.00 0.00 ? 2  PHE A HZ   5  
ATOM   701  N N    . ALA A 1 3  ? 6.713   -0.602 -1.111 1.00 0.00 ? 3  ALA A N    5  
ATOM   702  C CA   . ALA A 1 3  ? 5.225   -0.496 -1.060 1.00 0.00 ? 3  ALA A CA   5  
ATOM   703  C C    . ALA A 1 3  ? 4.711   -0.611 -2.524 1.00 0.00 ? 3  ALA A C    5  
ATOM   704  O O    . ALA A 1 3  ? 4.922   0.300  -3.335 1.00 0.00 ? 3  ALA A O    5  
ATOM   705  C CB   . ALA A 1 3  ? 4.804   0.879  -0.437 1.00 0.00 ? 3  ALA A CB   5  
ATOM   706  H H    . ALA A 1 3  ? 7.287   -0.173 -1.855 1.00 0.00 ? 3  ALA A H    5  
ATOM   707  H HA   . ALA A 1 3  ? 4.814   -1.362 -0.457 1.00 0.00 ? 3  ALA A HA   5  
ATOM   708  H HB1  . ALA A 1 3  ? 5.168   1.028  0.599  1.00 0.00 ? 3  ALA A HB1  5  
ATOM   709  H HB2  . ALA A 1 3  ? 5.184   1.755  -1.005 1.00 0.00 ? 3  ALA A HB2  5  
ATOM   710  H HB3  . ALA A 1 3  ? 3.707   1.022  -0.391 1.00 0.00 ? 3  ALA A HB3  5  
ATOM   711  N N    . SER A 1 4  ? 4.041   -1.734 -2.869 1.00 0.00 ? 4  SER A N    5  
ATOM   712  C CA   . SER A 1 4  ? 3.575   -2.007 -4.257 1.00 0.00 ? 4  SER A CA   5  
ATOM   713  C C    . SER A 1 4  ? 2.315   -1.180 -4.643 1.00 0.00 ? 4  SER A C    5  
ATOM   714  O O    . SER A 1 4  ? 1.380   -1.040 -3.848 1.00 0.00 ? 4  SER A O    5  
ATOM   715  C CB   . SER A 1 4  ? 3.327   -3.525 -4.427 1.00 0.00 ? 4  SER A CB   5  
ATOM   716  O OG   . SER A 1 4  ? 2.281   -4.006 -3.585 1.00 0.00 ? 4  SER A OG   5  
ATOM   717  H H    . SER A 1 4  ? 3.923   -2.438 -2.134 1.00 0.00 ? 4  SER A H    5  
ATOM   718  H HA   . SER A 1 4  ? 4.409   -1.750 -4.943 1.00 0.00 ? 4  SER A HA   5  
ATOM   719  H HB2  . SER A 1 4  ? 3.073   -3.757 -5.478 1.00 0.00 ? 4  SER A HB2  5  
ATOM   720  H HB3  . SER A 1 4  ? 4.250   -4.099 -4.217 1.00 0.00 ? 4  SER A HB3  5  
ATOM   721  H HG   . SER A 1 4  ? 2.560   -3.825 -2.685 1.00 0.00 ? 4  SER A HG   5  
ATOM   722  N N    . LEU A 1 5  ? 2.309   -0.644 -5.878 1.00 0.00 ? 5  LEU A N    5  
ATOM   723  C CA   . LEU A 1 5  ? 1.230   0.243  -6.378 1.00 0.00 ? 5  LEU A CA   5  
ATOM   724  C C    . LEU A 1 5  ? 0.008   -0.578 -6.939 1.00 0.00 ? 5  LEU A C    5  
ATOM   725  O O    . LEU A 1 5  ? 0.275   -1.525 -7.689 1.00 0.00 ? 5  LEU A O    5  
ATOM   726  C CB   . LEU A 1 5  ? 1.834   1.163  -7.478 1.00 0.00 ? 5  LEU A CB   5  
ATOM   727  C CG   . LEU A 1 5  ? 2.654   2.387  -6.974 1.00 0.00 ? 5  LEU A CG   5  
ATOM   728  C CD1  . LEU A 1 5  ? 3.569   2.937  -8.086 1.00 0.00 ? 5  LEU A CD1  5  
ATOM   729  C CD2  . LEU A 1 5  ? 1.751   3.520  -6.439 1.00 0.00 ? 5  LEU A CD2  5  
ATOM   730  H H    . LEU A 1 5  ? 3.137   -0.816 -6.459 1.00 0.00 ? 5  LEU A H    5  
ATOM   731  H HA   . LEU A 1 5  ? 0.936   0.876  -5.523 1.00 0.00 ? 5  LEU A HA   5  
ATOM   732  H HB2  . LEU A 1 5  ? 2.462   0.540  -8.150 1.00 0.00 ? 5  LEU A HB2  5  
ATOM   733  H HB3  . LEU A 1 5  ? 1.029   1.534  -8.138 1.00 0.00 ? 5  LEU A HB3  5  
ATOM   734  H HG   . LEU A 1 5  ? 3.312   2.059  -6.148 1.00 0.00 ? 5  LEU A HG   5  
ATOM   735  H HD11 . LEU A 1 5  ? 4.184   3.783  -7.728 1.00 0.00 ? 5  LEU A HD11 5  
ATOM   736  H HD12 . LEU A 1 5  ? 4.274   2.166  -8.449 1.00 0.00 ? 5  LEU A HD12 5  
ATOM   737  H HD13 . LEU A 1 5  ? 2.995   3.293  -8.962 1.00 0.00 ? 5  LEU A HD13 5  
ATOM   738  H HD21 . LEU A 1 5  ? 1.098   3.938  -7.229 1.00 0.00 ? 5  LEU A HD21 5  
ATOM   739  H HD22 . LEU A 1 5  ? 1.086   3.174  -5.626 1.00 0.00 ? 5  LEU A HD22 5  
ATOM   740  H HD23 . LEU A 1 5  ? 2.345   4.356  -6.027 1.00 0.00 ? 5  LEU A HD23 5  
HETATM 741  N N    . 2MT A 1 6  ? -1.313  -0.287 -6.630 1.00 0.00 ? 6  2MT A N    5  
HETATM 742  C CA   . 2MT A 1 6  ? -1.709  0.926  -5.836 1.00 0.00 ? 6  2MT A CA   5  
HETATM 743  C C    . 2MT A 1 6  ? -1.460  0.685  -4.280 1.00 0.00 ? 6  2MT A C    5  
HETATM 744  O O    . 2MT A 1 6  ? -1.510  -0.482 -3.868 1.00 0.00 ? 6  2MT A O    5  
HETATM 745  C CB   . 2MT A 1 6  ? -3.242  1.129  -6.061 1.00 0.00 ? 6  2MT A CB   5  
HETATM 746  S SG   . 2MT A 1 6  ? -3.911  -0.520 -6.223 1.00 0.00 ? 6  2MT A SG   5  
HETATM 747  C CD1  . 2MT A 1 6  ? -2.449  -1.187 -7.033 1.00 0.00 ? 6  2MT A CD1  5  
HETATM 748  C CD2  . 2MT A 1 6  ? -2.341  -2.636 -6.502 1.00 0.00 ? 6  2MT A CD2  5  
HETATM 749  C CD3  . 2MT A 1 6  ? -2.737  -1.158 -8.552 1.00 0.00 ? 6  2MT A CD3  5  
HETATM 750  H HA   . 2MT A 1 6  ? -1.103  1.752  -6.310 1.00 0.00 ? 6  2MT A HA   5  
HETATM 751  H HB2  . 2MT A 1 6  ? -3.764  1.654  -5.234 1.00 0.00 ? 6  2MT A HB2  5  
HETATM 752  H HB3  . 2MT A 1 6  ? -3.541  1.673  -6.986 1.00 0.00 ? 6  2MT A HB3  5  
HETATM 753  H HD21 . 2MT A 1 6  ? -1.516  -3.202 -6.972 1.00 0.00 ? 6  2MT A HD21 5  
HETATM 754  H HD22 . 2MT A 1 6  ? -2.171  -2.658 -5.410 1.00 0.00 ? 6  2MT A HD22 5  
HETATM 755  H HD23 . 2MT A 1 6  ? -3.269  -3.206 -6.690 1.00 0.00 ? 6  2MT A HD23 5  
HETATM 756  H HD31 . 2MT A 1 6  ? -2.886  -0.125 -8.920 1.00 0.00 ? 6  2MT A HD31 5  
HETATM 757  H HD32 . 2MT A 1 6  ? -3.656  -1.721 -8.801 1.00 0.00 ? 6  2MT A HD32 5  
HETATM 758  H HD33 . 2MT A 1 6  ? -1.915  -1.601 -9.144 1.00 0.00 ? 6  2MT A HD33 5  
ATOM   759  N N    . ILE A 1 7  ? -1.165  1.681  -3.388 1.00 0.00 ? 7  ILE A N    5  
ATOM   760  C CA   . ILE A 1 7  ? -0.706  1.399  -2.001 1.00 0.00 ? 7  ILE A CA   5  
ATOM   761  C C    . ILE A 1 7  ? -1.998  1.428  -1.126 1.00 0.00 ? 7  ILE A C    5  
ATOM   762  O O    . ILE A 1 7  ? -2.522  2.496  -0.788 1.00 0.00 ? 7  ILE A O    5  
ATOM   763  C CB   . ILE A 1 7  ? 0.410   2.445  -1.634 1.00 0.00 ? 7  ILE A CB   5  
ATOM   764  C CG1  . ILE A 1 7  ? 1.696   2.286  -2.510 1.00 0.00 ? 7  ILE A CG1  5  
ATOM   765  C CG2  . ILE A 1 7  ? 0.769   2.364  -0.141 1.00 0.00 ? 7  ILE A CG2  5  
ATOM   766  C CD1  . ILE A 1 7  ? 2.732   3.418  -2.421 1.00 0.00 ? 7  ILE A CD1  5  
ATOM   767  H H    . ILE A 1 7  ? -1.437  2.668  -3.483 1.00 0.00 ? 7  ILE A H    5  
ATOM   768  H HA   . ILE A 1 7  ? -0.242  0.385  -1.923 1.00 0.00 ? 7  ILE A HA   5  
ATOM   769  H HB   . ILE A 1 7  ? 0.018   3.469  -1.791 1.00 0.00 ? 7  ILE A HB   5  
ATOM   770  H HG12 . ILE A 1 7  ? 2.179   1.320  -2.294 1.00 0.00 ? 7  ILE A HG12 5  
ATOM   771  H HG13 . ILE A 1 7  ? 1.418   2.208  -3.574 1.00 0.00 ? 7  ILE A HG13 5  
ATOM   772  H HG21 . ILE A 1 7  ? -0.117  2.566  0.487  1.00 0.00 ? 7  ILE A HG21 5  
ATOM   773  H HG22 . ILE A 1 7  ? 1.151   1.362  0.121  1.00 0.00 ? 7  ILE A HG22 5  
ATOM   774  H HG23 . ILE A 1 7  ? 1.525   3.118  0.134  1.00 0.00 ? 7  ILE A HG23 5  
ATOM   775  H HD11 . ILE A 1 7  ? 2.287   4.398  -2.676 1.00 0.00 ? 7  ILE A HD11 5  
ATOM   776  H HD12 . ILE A 1 7  ? 3.175   3.501  -1.412 1.00 0.00 ? 7  ILE A HD12 5  
ATOM   777  H HD13 . ILE A 1 7  ? 3.566   3.244  -3.125 1.00 0.00 ? 7  ILE A HD13 5  
ATOM   778  N N    . LEU A 1 8  ? -2.503  0.226  -0.799 1.00 0.00 ? 8  LEU A N    5  
ATOM   779  C CA   . LEU A 1 8  ? -3.857  0.031  -0.249 1.00 0.00 ? 8  LEU A CA   5  
ATOM   780  C C    . LEU A 1 8  ? -3.825  0.078  1.302  1.00 0.00 ? 8  LEU A C    5  
ATOM   781  O O    . LEU A 1 8  ? -3.254  -0.807 1.949  1.00 0.00 ? 8  LEU A O    5  
ATOM   782  C CB   . LEU A 1 8  ? -4.375  -1.328 -0.796 1.00 0.00 ? 8  LEU A CB   5  
ATOM   783  C CG   . LEU A 1 8  ? -4.761  -1.336 -2.309 1.00 0.00 ? 8  LEU A CG   5  
ATOM   784  C CD1  . LEU A 1 8  ? -4.402  -2.680 -2.966 1.00 0.00 ? 8  LEU A CD1  5  
ATOM   785  C CD2  . LEU A 1 8  ? -6.241  -0.978 -2.536 1.00 0.00 ? 8  LEU A CD2  5  
ATOM   786  H H    . LEU A 1 8  ? -2.092  -0.568 -1.295 1.00 0.00 ? 8  LEU A H    5  
ATOM   787  H HA   . LEU A 1 8  ? -4.515  0.817  -0.658 1.00 0.00 ? 8  LEU A HA   5  
ATOM   788  H HB2  . LEU A 1 8  ? -3.605  -2.100 -0.588 1.00 0.00 ? 8  LEU A HB2  5  
ATOM   789  H HB3  . LEU A 1 8  ? -5.243  -1.662 -0.197 1.00 0.00 ? 8  LEU A HB3  5  
ATOM   790  H HG   . LEU A 1 8  ? -4.167  -0.573 -2.847 1.00 0.00 ? 8  LEU A HG   5  
ATOM   791  H HD11 . LEU A 1 8  ? -4.940  -3.526 -2.502 1.00 0.00 ? 8  LEU A HD11 5  
ATOM   792  H HD12 . LEU A 1 8  ? -4.633  -2.678 -4.047 1.00 0.00 ? 8  LEU A HD12 5  
ATOM   793  H HD13 . LEU A 1 8  ? -3.319  -2.887 -2.875 1.00 0.00 ? 8  LEU A HD13 5  
ATOM   794  H HD21 . LEU A 1 8  ? -6.491  -0.935 -3.613 1.00 0.00 ? 8  LEU A HD21 5  
ATOM   795  H HD22 . LEU A 1 8  ? -6.488  0.013  -2.113 1.00 0.00 ? 8  LEU A HD22 5  
ATOM   796  H HD23 . LEU A 1 8  ? -6.924  -1.714 -2.069 1.00 0.00 ? 8  LEU A HD23 5  
ATOM   797  N N    . LYS A 1 9  ? -4.445  1.127  1.872  1.00 0.00 ? 9  LYS A N    5  
ATOM   798  C CA   . LYS A 1 9  ? -4.523  1.329  3.343  1.00 0.00 ? 9  LYS A CA   5  
ATOM   799  C C    . LYS A 1 9  ? -6.017  1.184  3.765  1.00 0.00 ? 9  LYS A C    5  
ATOM   800  O O    . LYS A 1 9  ? -6.753  2.178  3.777  1.00 0.00 ? 9  LYS A O    5  
ATOM   801  C CB   . LYS A 1 9  ? -3.884  2.707  3.694  1.00 0.00 ? 9  LYS A CB   5  
ATOM   802  C CG   . LYS A 1 9  ? -3.773  3.058  5.197  1.00 0.00 ? 9  LYS A CG   5  
ATOM   803  C CD   . LYS A 1 9  ? -2.781  2.184  5.998  1.00 0.00 ? 9  LYS A CD   5  
ATOM   804  C CE   . LYS A 1 9  ? -2.559  2.626  7.459  1.00 0.00 ? 9  LYS A CE   5  
ATOM   805  N NZ   . LYS A 1 9  ? -3.732  2.396  8.324  1.00 0.00 ? 9  LYS A NZ   5  
ATOM   806  H H    . LYS A 1 9  ? -4.911  1.758  1.210  1.00 0.00 ? 9  LYS A H    5  
ATOM   807  H HA   . LYS A 1 9  ? -3.898  0.579  3.870  1.00 0.00 ? 9  LYS A HA   5  
ATOM   808  H HB2  . LYS A 1 9  ? -2.870  2.772  3.255  1.00 0.00 ? 9  LYS A HB2  5  
ATOM   809  H HB3  . LYS A 1 9  ? -4.455  3.516  3.197  1.00 0.00 ? 9  LYS A HB3  5  
ATOM   810  H HG2  . LYS A 1 9  ? -3.460  4.115  5.278  1.00 0.00 ? 9  LYS A HG2  5  
ATOM   811  H HG3  . LYS A 1 9  ? -4.775  3.019  5.665  1.00 0.00 ? 9  LYS A HG3  5  
ATOM   812  H HD2  . LYS A 1 9  ? -3.099  1.124  5.977  1.00 0.00 ? 9  LYS A HD2  5  
ATOM   813  H HD3  . LYS A 1 9  ? -1.800  2.201  5.485  1.00 0.00 ? 9  LYS A HD3  5  
ATOM   814  H HE2  . LYS A 1 9  ? -1.701  2.073  7.880  1.00 0.00 ? 9  LYS A HE2  5  
ATOM   815  H HE3  . LYS A 1 9  ? -2.275  3.694  7.500  1.00 0.00 ? 9  LYS A HE3  5  
ATOM   816  H HZ1  . LYS A 1 9  ? -4.527  2.955  7.995  1.00 0.00 ? 9  LYS A HZ1  5  
ATOM   817  H HZ2  . LYS A 1 9  ? -3.537  2.726  9.276  1.00 0.00 ? 9  LYS A HZ2  5  
ATOM   818  N N    . ASN A 1 10 ? -6.465  -0.048 4.104  1.00 0.00 ? 10 ASN A N    5  
ATOM   819  C CA   . ASN A 1 10 ? -7.868  -0.312 4.524  1.00 0.00 ? 10 ASN A CA   5  
ATOM   820  C C    . ASN A 1 10 ? -7.950  -0.248 6.076  1.00 0.00 ? 10 ASN A C    5  
ATOM   821  O O    . ASN A 1 10 ? -7.491  -1.164 6.768  1.00 0.00 ? 10 ASN A O    5  
ATOM   822  C CB   . ASN A 1 10 ? -8.391  -1.656 3.933  1.00 0.00 ? 10 ASN A CB   5  
ATOM   823  C CG   . ASN A 1 10 ? -9.915  -1.862 4.071  1.00 0.00 ? 10 ASN A CG   5  
ATOM   824  O OD1  . ASN A 1 10 ? -10.397 -2.395 5.070  1.00 0.00 ? 10 ASN A OD1  5  
ATOM   825  N ND2  . ASN A 1 10 ? -10.696 -1.448 3.085  1.00 0.00 ? 10 ASN A ND2  5  
ATOM   826  H H    . ASN A 1 10 ? -5.786  -0.807 4.024  1.00 0.00 ? 10 ASN A H    5  
ATOM   827  H HA   . ASN A 1 10 ? -8.507  0.472  4.077  1.00 0.00 ? 10 ASN A HA   5  
ATOM   828  H HB2  . ASN A 1 10 ? -8.119  -1.735 2.861  1.00 0.00 ? 10 ASN A HB2  5  
ATOM   829  H HB3  . ASN A 1 10 ? -7.894  -2.523 4.411  1.00 0.00 ? 10 ASN A HB3  5  
ATOM   830  H HD21 . ASN A 1 10 ? -10.230 -1.011 2.282  1.00 0.00 ? 10 ASN A HD21 5  
ATOM   831  H HD22 . ASN A 1 10 ? -11.704 -1.597 3.204  1.00 0.00 ? 10 ASN A HD22 5  
ATOM   832  N N    . GLY A 1 11 ? -8.529  0.847  6.599  1.00 0.00 ? 11 GLY A N    5  
ATOM   833  C CA   . GLY A 1 11 ? -8.679  1.057  8.055  1.00 0.00 ? 11 GLY A CA   5  
ATOM   834  C C    . GLY A 1 11 ? -7.453  1.747  8.662  1.00 0.00 ? 11 GLY A C    5  
ATOM   835  O O    . GLY A 1 11 ? -7.290  2.967  8.660  1.00 0.00 ? 11 GLY A O    5  
ATOM   836  O OXT  . GLY A 1 11 ? -6.567  0.850  9.201  1.00 0.00 ? 11 GLY A OXT  5  
ATOM   837  H H    . GLY A 1 11 ? -8.865  1.532  5.913  1.00 0.00 ? 11 GLY A H    5  
ATOM   838  H HA2  . GLY A 1 11 ? -9.568  1.689  8.229  1.00 0.00 ? 11 GLY A HA2  5  
ATOM   839  H HA3  . GLY A 1 11 ? -8.895  0.107  8.580  1.00 0.00 ? 11 GLY A HA3  5  
ATOM   840  H HXT  . GLY A 1 11 ? -6.870  -0.056 9.104  1.00 0.00 ? 11 GLY A HXT  5  
ATOM   841  N N    . GLY A 1 1  ? 12.625  0.505  -4.273 1.00 0.00 ? 1  GLY A N    6  
ATOM   842  C CA   . GLY A 1 1  ? 12.810  -0.095 -2.940 1.00 0.00 ? 1  GLY A CA   6  
ATOM   843  C C    . GLY A 1 1  ? 11.800  -1.225 -2.688 1.00 0.00 ? 1  GLY A C    6  
ATOM   844  O O    . GLY A 1 1  ? 12.027  -2.362 -3.114 1.00 0.00 ? 1  GLY A O    6  
ATOM   845  H H1   . GLY A 1 1  ? 12.768  -0.204 -5.001 1.00 0.00 ? 1  GLY A H1   6  
ATOM   846  H H2   . GLY A 1 1  ? 13.341  1.221  -4.440 1.00 0.00 ? 1  GLY A H2   6  
ATOM   847  H HA2  . GLY A 1 1  ? 13.838  -0.497 -2.864 1.00 0.00 ? 1  GLY A HA2  6  
ATOM   848  H HA3  . GLY A 1 1  ? 12.745  0.695  -2.168 1.00 0.00 ? 1  GLY A HA3  6  
ATOM   849  N N    . PHE A 1 2  ? 10.700  -0.904 -1.984 1.00 0.00 ? 2  PHE A N    6  
ATOM   850  C CA   . PHE A 1 2  ? 9.603   -1.862 -1.727 1.00 0.00 ? 2  PHE A CA   6  
ATOM   851  C C    . PHE A 1 2  ? 8.310   -0.996 -1.564 1.00 0.00 ? 2  PHE A C    6  
ATOM   852  O O    . PHE A 1 2  ? 7.917   -0.628 -0.451 1.00 0.00 ? 2  PHE A O    6  
ATOM   853  C CB   . PHE A 1 2  ? 9.960   -2.694 -0.422 1.00 0.00 ? 2  PHE A CB   6  
ATOM   854  C CG   . PHE A 1 2  ? 9.380   -4.114 -0.463 1.00 0.00 ? 2  PHE A CG   6  
ATOM   855  C CD1  . PHE A 1 2  ? 8.094   -4.375 0.023  1.00 0.00 ? 2  PHE A CD1  6  
ATOM   856  C CD2  . PHE A 1 2  ? 10.134  -5.160 -1.010 1.00 0.00 ? 2  PHE A CD2  6  
ATOM   857  C CE1  . PHE A 1 2  ? 7.569   -5.664 -0.037 1.00 0.00 ? 2  PHE A CE1  6  
ATOM   858  C CE2  . PHE A 1 2  ? 9.606   -6.448 -1.066 1.00 0.00 ? 2  PHE A CE2  6  
ATOM   859  C CZ   . PHE A 1 2  ? 8.325   -6.699 -0.581 1.00 0.00 ? 2  PHE A CZ   6  
ATOM   860  H H    . PHE A 1 2  ? 10.578  0.086  -1.760 1.00 0.00 ? 2  PHE A H    6  
ATOM   861  H HA   . PHE A 1 2  ? 9.432   -2.499 -2.651 1.00 0.00 ? 2  PHE A HA   6  
ATOM   862  H HB2  . PHE A 1 2  ? 11.048  -2.743 -0.103 1.00 0.00 ? 2  PHE A HB2  6  
ATOM   863  H HB3  . PHE A 1 2  ? 9.562   -2.160 0.460  1.00 0.00 ? 2  PHE A HB3  6  
ATOM   864  H HD1  . PHE A 1 2  ? 7.494   -3.580 0.442  1.00 0.00 ? 2  PHE A HD1  6  
ATOM   865  H HD2  . PHE A 1 2  ? 11.126  -4.977 -1.396 1.00 0.00 ? 2  PHE A HD2  6  
ATOM   866  H HE1  . PHE A 1 2  ? 6.575   -5.860 0.337  1.00 0.00 ? 2  PHE A HE1  6  
ATOM   867  H HE2  . PHE A 1 2  ? 10.191  -7.252 -1.490 1.00 0.00 ? 2  PHE A HE2  6  
ATOM   868  H HZ   . PHE A 1 2  ? 7.917   -7.699 -0.627 1.00 0.00 ? 2  PHE A HZ   6  
ATOM   869  N N    . ALA A 1 3  ? 7.637   -0.689 -2.693 1.00 0.00 ? 3  ALA A N    6  
ATOM   870  C CA   . ALA A 1 3  ? 6.327   0.026  -2.682 1.00 0.00 ? 3  ALA A CA   6  
ATOM   871  C C    . ALA A 1 3  ? 5.515   -0.495 -3.902 1.00 0.00 ? 3  ALA A C    6  
ATOM   872  O O    . ALA A 1 3  ? 5.690   -0.013 -5.028 1.00 0.00 ? 3  ALA A O    6  
ATOM   873  C CB   . ALA A 1 3  ? 6.562   1.575  -2.772 1.00 0.00 ? 3  ALA A CB   6  
ATOM   874  H H    . ALA A 1 3  ? 8.168   -0.889 -3.555 1.00 0.00 ? 3  ALA A H    6  
ATOM   875  H HA   . ALA A 1 3  ? 5.755   -0.245 -1.743 1.00 0.00 ? 3  ALA A HA   6  
ATOM   876  H HB1  . ALA A 1 3  ? 7.131   1.988  -1.916 1.00 0.00 ? 3  ALA A HB1  6  
ATOM   877  H HB2  . ALA A 1 3  ? 7.133   1.882  -3.675 1.00 0.00 ? 3  ALA A HB2  6  
ATOM   878  H HB3  . ALA A 1 3  ? 5.622   2.160  -2.819 1.00 0.00 ? 3  ALA A HB3  6  
ATOM   879  N N    . SER A 1 4  ? 4.629   -1.488 -3.673 1.00 0.00 ? 4  SER A N    6  
ATOM   880  C CA   . SER A 1 4  ? 3.799   -2.097 -4.747 1.00 0.00 ? 4  SER A CA   6  
ATOM   881  C C    . SER A 1 4  ? 2.491   -1.286 -4.955 1.00 0.00 ? 4  SER A C    6  
ATOM   882  O O    . SER A 1 4  ? 1.644   -1.203 -4.060 1.00 0.00 ? 4  SER A O    6  
ATOM   883  C CB   . SER A 1 4  ? 3.517   -3.587 -4.432 1.00 0.00 ? 4  SER A CB   6  
ATOM   884  O OG   . SER A 1 4  ? 2.810   -3.766 -3.208 1.00 0.00 ? 4  SER A OG   6  
ATOM   885  H H    . SER A 1 4  ? 4.584   -1.835 -2.709 1.00 0.00 ? 4  SER A H    6  
ATOM   886  H HA   . SER A 1 4  ? 4.391   -2.098 -5.688 1.00 0.00 ? 4  SER A HA   6  
ATOM   887  H HB2  . SER A 1 4  ? 2.934   -4.047 -5.252 1.00 0.00 ? 4  SER A HB2  6  
ATOM   888  H HB3  . SER A 1 4  ? 4.463   -4.159 -4.387 1.00 0.00 ? 4  SER A HB3  6  
ATOM   889  H HG   . SER A 1 4  ? 1.981   -3.293 -3.309 1.00 0.00 ? 4  SER A HG   6  
ATOM   890  N N    . LEU A 1 5  ? 2.352   -0.684 -6.149 1.00 0.00 ? 5  LEU A N    6  
ATOM   891  C CA   . LEU A 1 5  ? 1.220   0.215  -6.483 1.00 0.00 ? 5  LEU A CA   6  
ATOM   892  C C    . LEU A 1 5  ? -0.040  -0.597 -6.969 1.00 0.00 ? 5  LEU A C    6  
ATOM   893  O O    . LEU A 1 5  ? 0.160   -1.549 -7.733 1.00 0.00 ? 5  LEU A O    6  
ATOM   894  C CB   . LEU A 1 5  ? 1.711   1.200  -7.583 1.00 0.00 ? 5  LEU A CB   6  
ATOM   895  C CG   . LEU A 1 5  ? 2.595   2.389  -7.103 1.00 0.00 ? 5  LEU A CG   6  
ATOM   896  C CD1  . LEU A 1 5  ? 3.322   3.045  -8.293 1.00 0.00 ? 5  LEU A CD1  6  
ATOM   897  C CD2  . LEU A 1 5  ? 1.789   3.456  -6.333 1.00 0.00 ? 5  LEU A CD2  6  
ATOM   898  H H    . LEU A 1 5  ? 3.097   -0.851 -6.832 1.00 0.00 ? 5  LEU A H    6  
ATOM   899  H HA   . LEU A 1 5  ? 0.991   0.798  -5.567 1.00 0.00 ? 5  LEU A HA   6  
ATOM   900  H HB2  . LEU A 1 5  ? 2.254   0.618  -8.357 1.00 0.00 ? 5  LEU A HB2  6  
ATOM   901  H HB3  . LEU A 1 5  ? 0.840   1.613  -8.122 1.00 0.00 ? 5  LEU A HB3  6  
ATOM   902  H HG   . LEU A 1 5  ? 3.376   2.001  -6.423 1.00 0.00 ? 5  LEU A HG   6  
ATOM   903  H HD11 . LEU A 1 5  ? 3.987   3.866  -7.964 1.00 0.00 ? 5  LEU A HD11 6  
ATOM   904  H HD12 . LEU A 1 5  ? 2.616   3.469  -9.032 1.00 0.00 ? 5  LEU A HD12 6  
ATOM   905  H HD13 . LEU A 1 5  ? 3.961   2.319  -8.830 1.00 0.00 ? 5  LEU A HD13 6  
ATOM   906  H HD21 . LEU A 1 5  ? 0.997   3.910  -6.959 1.00 0.00 ? 5  LEU A HD21 6  
ATOM   907  H HD22 . LEU A 1 5  ? 1.292   3.037  -5.440 1.00 0.00 ? 5  LEU A HD22 6  
ATOM   908  H HD23 . LEU A 1 5  ? 2.436   4.278  -5.975 1.00 0.00 ? 5  LEU A HD23 6  
HETATM 909  N N    . 2MT A 1 6  ? -1.328  -0.284 -6.570 1.00 0.00 ? 6  2MT A N    6  
HETATM 910  C CA   . 2MT A 1 6  ? -1.641  0.954  -5.779 1.00 0.00 ? 6  2MT A CA   6  
HETATM 911  C C    . 2MT A 1 6  ? -1.289  0.754  -4.234 1.00 0.00 ? 6  2MT A C    6  
HETATM 912  O O    . 2MT A 1 6  ? -1.262  -0.406 -3.799 1.00 0.00 ? 6  2MT A O    6  
HETATM 913  C CB   . 2MT A 1 6  ? -3.180  1.187  -5.913 1.00 0.00 ? 6  2MT A CB   6  
HETATM 914  S SG   . 2MT A 1 6  ? -3.893  -0.450 -5.984 1.00 0.00 ? 6  2MT A SG   6  
HETATM 915  C CD1  . 2MT A 1 6  ? -2.506  -1.165 -6.881 1.00 0.00 ? 6  2MT A CD1  6  
HETATM 916  C CD2  . 2MT A 1 6  ? -2.385  -2.607 -6.333 1.00 0.00 ? 6  2MT A CD2  6  
HETATM 917  C CD3  . 2MT A 1 6  ? -2.898  -1.156 -8.377 1.00 0.00 ? 6  2MT A CD3  6  
HETATM 918  H HA   . 2MT A 1 6  ? -1.045  1.743  -6.326 1.00 0.00 ? 6  2MT A HA   6  
HETATM 919  H HB2  . 2MT A 1 6  ? -3.632  1.747  -5.068 1.00 0.00 ? 6  2MT A HB2  6  
HETATM 920  H HB3  . 2MT A 1 6  ? -3.527  1.714  -6.830 1.00 0.00 ? 6  2MT A HB3  6  
HETATM 921  H HD21 . 2MT A 1 6  ? -2.138  -2.613 -5.255 1.00 0.00 ? 6  2MT A HD21 6  
HETATM 922  H HD22 . 2MT A 1 6  ? -1.605  -3.194 -6.850 1.00 0.00 ? 6  2MT A HD22 6  
HETATM 923  H HD23 . 2MT A 1 6  ? -3.335  -3.163 -6.445 1.00 0.00 ? 6  2MT A HD23 6  
HETATM 924  H HD31 . 2MT A 1 6  ? -3.050  -0.128 -8.753 1.00 0.00 ? 6  2MT A HD31 6  
HETATM 925  H HD32 . 2MT A 1 6  ? -2.128  -1.627 -9.016 1.00 0.00 ? 6  2MT A HD32 6  
HETATM 926  H HD33 . 2MT A 1 6  ? -3.843  -1.703 -8.552 1.00 0.00 ? 6  2MT A HD33 6  
ATOM   927  N N    . ILE A 1 7  ? -1.076  1.784  -3.354 1.00 0.00 ? 7  ILE A N    6  
ATOM   928  C CA   . ILE A 1 7  ? -0.770  1.558  -1.912 1.00 0.00 ? 7  ILE A CA   6  
ATOM   929  C C    . ILE A 1 7  ? -2.148  1.584  -1.184 1.00 0.00 ? 7  ILE A C    6  
ATOM   930  O O    . ILE A 1 7  ? -2.749  2.647  -0.983 1.00 0.00 ? 7  ILE A O    6  
ATOM   931  C CB   . ILE A 1 7  ? 0.287   2.619  -1.439 1.00 0.00 ? 7  ILE A CB   6  
ATOM   932  C CG1  . ILE A 1 7  ? 1.694   2.420  -2.083 1.00 0.00 ? 7  ILE A CG1  6  
ATOM   933  C CG2  . ILE A 1 7  ? 0.404   2.714  0.094  1.00 0.00 ? 7  ILE A CG2  6  
ATOM   934  C CD1  . ILE A 1 7  ? 2.496   1.164  -1.695 1.00 0.00 ? 7  ILE A CD1  6  
ATOM   935  H H    . ILE A 1 7  ? -1.286  2.771  -3.544 1.00 0.00 ? 7  ILE A H    6  
ATOM   936  H HA   . ILE A 1 7  ? -0.291  0.567  -1.749 1.00 0.00 ? 7  ILE A HA   6  
ATOM   937  H HB   . ILE A 1 7  ? -0.055  3.629  -1.737 1.00 0.00 ? 7  ILE A HB   6  
ATOM   938  H HG12 . ILE A 1 7  ? 1.601   2.442  -3.184 1.00 0.00 ? 7  ILE A HG12 6  
ATOM   939  H HG13 . ILE A 1 7  ? 2.307   3.302  -1.849 1.00 0.00 ? 7  ILE A HG13 6  
ATOM   940  H HG21 . ILE A 1 7  ? 0.648   1.734  0.538  1.00 0.00 ? 7  ILE A HG21 6  
ATOM   941  H HG22 . ILE A 1 7  ? -0.550  3.058  0.535  1.00 0.00 ? 7  ILE A HG22 6  
ATOM   942  H HG23 . ILE A 1 7  ? 1.176   3.445  0.387  1.00 0.00 ? 7  ILE A HG23 6  
ATOM   943  H HD11 . ILE A 1 7  ? 3.446   1.118  -2.256 1.00 0.00 ? 7  ILE A HD11 6  
ATOM   944  H HD12 . ILE A 1 7  ? 2.753   1.153  -0.620 1.00 0.00 ? 7  ILE A HD12 6  
ATOM   945  H HD13 . ILE A 1 7  ? 1.948   0.231  -1.915 1.00 0.00 ? 7  ILE A HD13 6  
ATOM   946  N N    . LEU A 1 8  ? -2.636  0.386  -0.821 1.00 0.00 ? 8  LEU A N    6  
ATOM   947  C CA   . LEU A 1 8  ? -4.023  0.174  -0.361 1.00 0.00 ? 8  LEU A CA   6  
ATOM   948  C C    . LEU A 1 8  ? -4.123  0.369  1.176  1.00 0.00 ? 8  LEU A C    6  
ATOM   949  O O    . LEU A 1 8  ? -3.582  -0.429 1.951  1.00 0.00 ? 8  LEU A O    6  
ATOM   950  C CB   . LEU A 1 8  ? -4.430  -1.255 -0.809 1.00 0.00 ? 8  LEU A CB   6  
ATOM   951  C CG   . LEU A 1 8  ? -4.692  -1.428 -2.339 1.00 0.00 ? 8  LEU A CG   6  
ATOM   952  C CD1  . LEU A 1 8  ? -4.227  -2.811 -2.825 1.00 0.00 ? 8  LEU A CD1  6  
ATOM   953  C CD2  . LEU A 1 8  ? -6.162  -1.166 -2.714 1.00 0.00 ? 8  LEU A CD2  6  
ATOM   954  H H    . LEU A 1 8  ? -2.151  -0.425 -1.208 1.00 0.00 ? 8  LEU A H    6  
ATOM   955  H HA   . LEU A 1 8  ? -4.677  0.882  -0.896 1.00 0.00 ? 8  LEU A HA   6  
ATOM   956  H HB2  . LEU A 1 8  ? -3.644  -1.962 -0.468 1.00 0.00 ? 8  LEU A HB2  6  
ATOM   957  H HB3  . LEU A 1 8  ? -5.327  -1.579 -0.249 1.00 0.00 ? 8  LEU A HB3  6  
ATOM   958  H HG   . LEU A 1 8  ? -4.088  -0.694 -2.904 1.00 0.00 ? 8  LEU A HG   6  
ATOM   959  H HD11 . LEU A 1 8  ? -4.759  -3.632 -2.311 1.00 0.00 ? 8  LEU A HD11 6  
ATOM   960  H HD12 . LEU A 1 8  ? -4.380  -2.931 -3.913 1.00 0.00 ? 8  LEU A HD12 6  
ATOM   961  H HD13 . LEU A 1 8  ? -3.144  -2.950 -2.640 1.00 0.00 ? 8  LEU A HD13 6  
ATOM   962  H HD21 . LEU A 1 8  ? -6.850  -1.885 -2.228 1.00 0.00 ? 8  LEU A HD21 6  
ATOM   963  H HD22 . LEU A 1 8  ? -6.325  -1.242 -3.804 1.00 0.00 ? 8  LEU A HD22 6  
ATOM   964  H HD23 . LEU A 1 8  ? -6.483  -0.151 -2.413 1.00 0.00 ? 8  LEU A HD23 6  
ATOM   965  N N    . LYS A 1 9  ? -4.813  1.449  1.587  1.00 0.00 ? 9  LYS A N    6  
ATOM   966  C CA   . LYS A 1 9  ? -5.006  1.802  3.021  1.00 0.00 ? 9  LYS A CA   6  
ATOM   967  C C    . LYS A 1 9  ? -6.516  1.621  3.377  1.00 0.00 ? 9  LYS A C    6  
ATOM   968  O O    . LYS A 1 9  ? -7.363  2.273  2.755  1.00 0.00 ? 9  LYS A O    6  
ATOM   969  C CB   . LYS A 1 9  ? -4.514  3.259  3.265  1.00 0.00 ? 9  LYS A CB   6  
ATOM   970  C CG   . LYS A 1 9  ? -4.618  3.797  4.714  1.00 0.00 ? 9  LYS A CG   6  
ATOM   971  C CD   . LYS A 1 9  ? -3.710  3.088  5.746  1.00 0.00 ? 9  LYS A CD   6  
ATOM   972  C CE   . LYS A 1 9  ? -3.864  3.583  7.197  1.00 0.00 ? 9  LYS A CE   6  
ATOM   973  N NZ   . LYS A 1 9  ? -3.366  4.957  7.407  1.00 0.00 ? 9  LYS A NZ   6  
ATOM   974  H H    . LYS A 1 9  ? -5.248  1.987  0.830  1.00 0.00 ? 9  LYS A H    6  
ATOM   975  H HA   . LYS A 1 9  ? -4.346  1.162  3.640  1.00 0.00 ? 9  LYS A HA   6  
ATOM   976  H HB2  . LYS A 1 9  ? -3.461  3.358  2.940  1.00 0.00 ? 9  LYS A HB2  6  
ATOM   977  H HB3  . LYS A 1 9  ? -5.075  3.955  2.611  1.00 0.00 ? 9  LYS A HB3  6  
ATOM   978  H HG2  . LYS A 1 9  ? -4.371  4.875  4.700  1.00 0.00 ? 9  LYS A HG2  6  
ATOM   979  H HG3  . LYS A 1 9  ? -5.671  3.752  5.051  1.00 0.00 ? 9  LYS A HG3  6  
ATOM   980  H HD2  . LYS A 1 9  ? -3.937  2.006  5.740  1.00 0.00 ? 9  LYS A HD2  6  
ATOM   981  H HD3  . LYS A 1 9  ? -2.651  3.162  5.431  1.00 0.00 ? 9  LYS A HD3  6  
ATOM   982  H HE2  . LYS A 1 9  ? -4.921  3.522  7.515  1.00 0.00 ? 9  LYS A HE2  6  
ATOM   983  H HE3  . LYS A 1 9  ? -3.312  2.905  7.873  1.00 0.00 ? 9  LYS A HE3  6  
ATOM   984  H HZ1  . LYS A 1 9  ? -3.512  5.239  8.383  1.00 0.00 ? 9  LYS A HZ1  6  
ATOM   985  H HZ2  . LYS A 1 9  ? -3.910  5.619  6.844  1.00 0.00 ? 9  LYS A HZ2  6  
ATOM   986  N N    . ASN A 1 10 ? -6.859  0.800  4.400  1.00 0.00 ? 10 ASN A N    6  
ATOM   987  C CA   . ASN A 1 10 ? -8.247  0.715  4.931  1.00 0.00 ? 10 ASN A CA   6  
ATOM   988  C C    . ASN A 1 10 ? -8.423  1.801  6.032  1.00 0.00 ? 10 ASN A C    6  
ATOM   989  O O    . ASN A 1 10 ? -7.889  1.668  7.139  1.00 0.00 ? 10 ASN A O    6  
ATOM   990  C CB   . ASN A 1 10 ? -8.580  -0.723 5.430  1.00 0.00 ? 10 ASN A CB   6  
ATOM   991  C CG   . ASN A 1 10 ? -10.087 -0.986 5.635  1.00 0.00 ? 10 ASN A CG   6  
ATOM   992  O OD1  . ASN A 1 10 ? -10.834 -1.193 4.678  1.00 0.00 ? 10 ASN A OD1  6  
ATOM   993  N ND2  . ASN A 1 10 ? -10.563 -0.985 6.872  1.00 0.00 ? 10 ASN A ND2  6  
ATOM   994  H H    . ASN A 1 10 ? -6.104  0.302  4.876  1.00 0.00 ? 10 ASN A H    6  
ATOM   995  H HA   . ASN A 1 10 ? -8.938  0.906  4.088  1.00 0.00 ? 10 ASN A HA   6  
ATOM   996  H HB2  . ASN A 1 10 ? -8.231  -1.465 4.686  1.00 0.00 ? 10 ASN A HB2  6  
ATOM   997  H HB3  . ASN A 1 10 ? -8.023  -0.973 6.357  1.00 0.00 ? 10 ASN A HB3  6  
ATOM   998  H HD21 . ASN A 1 10 ? -9.887  -0.806 7.623  1.00 0.00 ? 10 ASN A HD21 6  
ATOM   999  H HD22 . ASN A 1 10 ? -11.567 -1.163 6.977  1.00 0.00 ? 10 ASN A HD22 6  
ATOM   1000 N N    . GLY A 1 11 ? -9.150  2.882  5.694  1.00 0.00 ? 11 GLY A N    6  
ATOM   1001 C CA   . GLY A 1 11 ? -9.338  4.036  6.597  1.00 0.00 ? 11 GLY A CA   6  
ATOM   1002 C C    . GLY A 1 11 ? -8.268  5.107  6.365  1.00 0.00 ? 11 GLY A C    6  
ATOM   1003 O O    . GLY A 1 11 ? -8.356  5.981  5.502  1.00 0.00 ? 11 GLY A O    6  
ATOM   1004 O OXT  . GLY A 1 11 ? -7.207  4.976  7.226  1.00 0.00 ? 11 GLY A OXT  6  
ATOM   1005 H H    . GLY A 1 11 ? -9.528  2.868  4.740  1.00 0.00 ? 11 GLY A H    6  
ATOM   1006 H HA2  . GLY A 1 11 ? -10.333 4.475  6.403  1.00 0.00 ? 11 GLY A HA2  6  
ATOM   1007 H HA3  . GLY A 1 11 ? -9.362  3.726  7.660  1.00 0.00 ? 11 GLY A HA3  6  
ATOM   1008 H HXT  . GLY A 1 11 ? -6.539  5.647  7.077  1.00 0.00 ? 11 GLY A HXT  6  
ATOM   1009 N N    . GLY A 1 1  ? 0.953   -1.976 6.169  1.00 0.00 ? 1  GLY A N    7  
ATOM   1010 C CA   . GLY A 1 1  ? 2.022   -2.777 5.543  1.00 0.00 ? 1  GLY A CA   7  
ATOM   1011 C C    . GLY A 1 1  ? 1.665   -3.154 4.097  1.00 0.00 ? 1  GLY A C    7  
ATOM   1012 O O    . GLY A 1 1  ? 1.039   -4.193 3.865  1.00 0.00 ? 1  GLY A O    7  
ATOM   1013 H H1   . GLY A 1 1  ? 1.221   -1.721 7.127  1.00 0.00 ? 1  GLY A H1   7  
ATOM   1014 H H2   . GLY A 1 1  ? 0.840   -1.087 5.670  1.00 0.00 ? 1  GLY A H2   7  
ATOM   1015 H HA2  . GLY A 1 1  ? 2.977   -2.220 5.594  1.00 0.00 ? 1  GLY A HA2  7  
ATOM   1016 H HA3  . GLY A 1 1  ? 2.179   -3.695 6.136  1.00 0.00 ? 1  GLY A HA3  7  
ATOM   1017 N N    . PHE A 1 2  ? 2.059   -2.297 3.138  1.00 0.00 ? 2  PHE A N    7  
ATOM   1018 C CA   . PHE A 1 2  ? 1.780   -2.494 1.702  1.00 0.00 ? 2  PHE A CA   7  
ATOM   1019 C C    . PHE A 1 2  ? 2.749   -1.509 0.963  1.00 0.00 ? 2  PHE A C    7  
ATOM   1020 O O    . PHE A 1 2  ? 2.379   -0.366 0.671  1.00 0.00 ? 2  PHE A O    7  
ATOM   1021 C CB   . PHE A 1 2  ? 0.254   -2.149 1.430  1.00 0.00 ? 2  PHE A CB   7  
ATOM   1022 C CG   . PHE A 1 2  ? -0.326  -2.913 0.233  1.00 0.00 ? 2  PHE A CG   7  
ATOM   1023 C CD1  . PHE A 1 2  ? -0.155  -2.432 -1.070 1.00 0.00 ? 2  PHE A CD1  7  
ATOM   1024 C CD2  . PHE A 1 2  ? -1.048  -4.093 0.440  1.00 0.00 ? 2  PHE A CD2  7  
ATOM   1025 C CE1  . PHE A 1 2  ? -0.700  -3.123 -2.150 1.00 0.00 ? 2  PHE A CE1  7  
ATOM   1026 C CE2  . PHE A 1 2  ? -1.596  -4.779 -0.642 1.00 0.00 ? 2  PHE A CE2  7  
ATOM   1027 C CZ   . PHE A 1 2  ? -1.420  -4.293 -1.935 1.00 0.00 ? 2  PHE A CZ   7  
ATOM   1028 H H    . PHE A 1 2  ? 2.619   -1.496 3.432  1.00 0.00 ? 2  PHE A H    7  
ATOM   1029 H HA   . PHE A 1 2  ? 2.083   -3.547 1.400  1.00 0.00 ? 2  PHE A HA   7  
ATOM   1030 H HB2  . PHE A 1 2  ? -0.456  -2.215 2.312  1.00 0.00 ? 2  PHE A HB2  7  
ATOM   1031 H HB3  . PHE A 1 2  ? 0.158   -1.064 1.245  1.00 0.00 ? 2  PHE A HB3  7  
ATOM   1032 H HD1  . PHE A 1 2  ? 0.398   -1.521 -1.247 1.00 0.00 ? 2  PHE A HD1  7  
ATOM   1033 H HD2  . PHE A 1 2  ? -1.192  -4.481 1.439  1.00 0.00 ? 2  PHE A HD2  7  
ATOM   1034 H HE1  . PHE A 1 2  ? -0.567  -2.752 -3.155 1.00 0.00 ? 2  PHE A HE1  7  
ATOM   1035 H HE2  . PHE A 1 2  ? -2.157  -5.686 -0.476 1.00 0.00 ? 2  PHE A HE2  7  
ATOM   1036 H HZ   . PHE A 1 2  ? -1.847  -4.825 -2.774 1.00 0.00 ? 2  PHE A HZ   7  
ATOM   1037 N N    . ALA A 1 3  ? 3.984   -1.961 0.637  1.00 0.00 ? 3  ALA A N    7  
ATOM   1038 C CA   . ALA A 1 3  ? 4.860   -1.234 -0.348 1.00 0.00 ? 3  ALA A CA   7  
ATOM   1039 C C    . ALA A 1 3  ? 4.704   -1.932 -1.735 1.00 0.00 ? 3  ALA A C    7  
ATOM   1040 O O    . ALA A 1 3  ? 5.493   -2.804 -2.115 1.00 0.00 ? 3  ALA A O    7  
ATOM   1041 C CB   . ALA A 1 3  ? 6.370   -1.175 0.102  1.00 0.00 ? 3  ALA A CB   7  
ATOM   1042 H H    . ALA A 1 3  ? 4.158   -2.898 1.030  1.00 0.00 ? 3  ALA A H    7  
ATOM   1043 H HA   . ALA A 1 3  ? 4.478   -0.177 -0.469 1.00 0.00 ? 3  ALA A HA   7  
ATOM   1044 H HB1  . ALA A 1 3  ? 7.026   -0.652 -0.628 1.00 0.00 ? 3  ALA A HB1  7  
ATOM   1045 H HB2  . ALA A 1 3  ? 6.853   -2.170 0.223  1.00 0.00 ? 3  ALA A HB2  7  
ATOM   1046 H HB3  . ALA A 1 3  ? 6.548   -0.647 1.061  1.00 0.00 ? 3  ALA A HB3  7  
ATOM   1047 N N    . SER A 1 4  ? 3.667   -1.509 -2.485 1.00 0.00 ? 4  SER A N    7  
ATOM   1048 C CA   . SER A 1 4  ? 3.367   -1.968 -3.865 1.00 0.00 ? 4  SER A CA   7  
ATOM   1049 C C    . SER A 1 4  ? 2.195   -1.092 -4.382 1.00 0.00 ? 4  SER A C    7  
ATOM   1050 O O    . SER A 1 4  ? 1.211   -0.843 -3.677 1.00 0.00 ? 4  SER A O    7  
ATOM   1051 C CB   . SER A 1 4  ? 2.978   -3.462 -3.973 1.00 0.00 ? 4  SER A CB   7  
ATOM   1052 O OG   . SER A 1 4  ? 2.804   -3.854 -5.330 1.00 0.00 ? 4  SER A OG   7  
ATOM   1053 H H    . SER A 1 4  ? 3.066   -0.812 -2.032 1.00 0.00 ? 4  SER A H    7  
ATOM   1054 H HA   . SER A 1 4  ? 4.274   -1.799 -4.480 1.00 0.00 ? 4  SER A HA   7  
ATOM   1055 H HB2  . SER A 1 4  ? 3.765   -4.096 -3.534 1.00 0.00 ? 4  SER A HB2  7  
ATOM   1056 H HB3  . SER A 1 4  ? 2.047   -3.664 -3.415 1.00 0.00 ? 4  SER A HB3  7  
ATOM   1057 H HG   . SER A 1 4  ? 3.646   -3.690 -5.762 1.00 0.00 ? 4  SER A HG   7  
ATOM   1058 N N    . LEU A 1 5  ? 2.293   -0.658 -5.644 1.00 0.00 ? 5  LEU A N    7  
ATOM   1059 C CA   . LEU A 1 5  ? 1.274   0.206  -6.290 1.00 0.00 ? 5  LEU A CA   7  
ATOM   1060 C C    . LEU A 1 5  ? 0.081   -0.654 -6.859 1.00 0.00 ? 5  LEU A C    7  
ATOM   1061 O O    . LEU A 1 5  ? 0.386   -1.648 -7.529 1.00 0.00 ? 5  LEU A O    7  
ATOM   1062 C CB   . LEU A 1 5  ? 1.983   0.995  -7.426 1.00 0.00 ? 5  LEU A CB   7  
ATOM   1063 C CG   . LEU A 1 5  ? 2.794   2.248  -6.990 1.00 0.00 ? 5  LEU A CG   7  
ATOM   1064 C CD1  . LEU A 1 5  ? 3.775   2.683  -8.096 1.00 0.00 ? 5  LEU A CD1  7  
ATOM   1065 C CD2  . LEU A 1 5  ? 1.886   3.434  -6.603 1.00 0.00 ? 5  LEU A CD2  7  
ATOM   1066 H H    . LEU A 1 5  ? 3.080   -1.042 -6.175 1.00 0.00 ? 5  LEU A H    7  
ATOM   1067 H HA   . LEU A 1 5  ? 0.928   0.924  -5.518 1.00 0.00 ? 5  LEU A HA   7  
ATOM   1068 H HB2  . LEU A 1 5  ? 2.642   0.293  -7.979 1.00 0.00 ? 5  LEU A HB2  7  
ATOM   1069 H HB3  . LEU A 1 5  ? 1.238   1.307  -8.179 1.00 0.00 ? 5  LEU A HB3  7  
ATOM   1070 H HG   . LEU A 1 5  ? 3.402   1.981  -6.105 1.00 0.00 ? 5  LEU A HG   7  
ATOM   1071 H HD11 . LEU A 1 5  ? 3.252   2.970  -9.028 1.00 0.00 ? 5  LEU A HD11 7  
ATOM   1072 H HD12 . LEU A 1 5  ? 4.387   3.550  -7.782 1.00 0.00 ? 5  LEU A HD12 7  
ATOM   1073 H HD13 . LEU A 1 5  ? 4.483   1.873  -8.353 1.00 0.00 ? 5  LEU A HD13 7  
ATOM   1074 H HD21 . LEU A 1 5  ? 1.274   3.783  -7.456 1.00 0.00 ? 5  LEU A HD21 7  
ATOM   1075 H HD22 . LEU A 1 5  ? 1.185   3.175  -5.790 1.00 0.00 ? 5  LEU A HD22 7  
ATOM   1076 H HD23 . LEU A 1 5  ? 2.475   4.300  -6.247 1.00 0.00 ? 5  LEU A HD23 7  
HETATM 1077 N N    . 2MT A 1 6  ? -1.253  -0.355 -6.632 1.00 0.00 ? 6  2MT A N    7  
HETATM 1078 C CA   . 2MT A 1 6  ? -1.691  0.914  -5.956 1.00 0.00 ? 6  2MT A CA   7  
HETATM 1079 C C    . 2MT A 1 6  ? -1.511  0.802  -4.376 1.00 0.00 ? 6  2MT A C    7  
HETATM 1080 O O    . 2MT A 1 6  ? -1.577  -0.326 -3.871 1.00 0.00 ? 6  2MT A O    7  
HETATM 1081 C CB   . 2MT A 1 6  ? -3.215  1.082  -6.264 1.00 0.00 ? 6  2MT A CB   7  
HETATM 1082 S SG   . 2MT A 1 6  ? -3.864  -0.582 -6.323 1.00 0.00 ? 6  2MT A SG   7  
HETATM 1083 C CD1  . 2MT A 1 6  ? -2.363  -1.295 -7.012 1.00 0.00 ? 6  2MT A CD1  7  
HETATM 1084 C CD2  . 2MT A 1 6  ? -2.585  -1.389 -8.540 1.00 0.00 ? 6  2MT A CD2  7  
HETATM 1085 C CD3  . 2MT A 1 6  ? -2.264  -2.698 -6.366 1.00 0.00 ? 6  2MT A CD3  7  
HETATM 1086 H HA   . 2MT A 1 6  ? -1.071  1.705  -6.471 1.00 0.00 ? 6  2MT A HA   7  
HETATM 1087 H HB2  . 2MT A 1 6  ? -3.776  1.664  -5.503 1.00 0.00 ? 6  2MT A HB2  7  
HETATM 1088 H HB3  . 2MT A 1 6  ? -3.477  1.547  -7.241 1.00 0.00 ? 6  2MT A HB3  7  
HETATM 1089 H HD21 . 2MT A 1 6  ? -3.487  -1.979 -8.783 1.00 0.00 ? 6  2MT A HD21 7  
HETATM 1090 H HD22 . 2MT A 1 6  ? -1.734  -1.868 -9.060 1.00 0.00 ? 6  2MT A HD22 7  
HETATM 1091 H HD23 . 2MT A 1 6  ? -2.725  -0.391 -8.994 1.00 0.00 ? 6  2MT A HD23 7  
HETATM 1092 H HD31 . 2MT A 1 6  ? -2.125  -2.633 -5.271 1.00 0.00 ? 6  2MT A HD31 7  
HETATM 1093 H HD32 . 2MT A 1 6  ? -3.183  -3.288 -6.536 1.00 0.00 ? 6  2MT A HD32 7  
HETATM 1094 H HD33 . 2MT A 1 6  ? -1.422  -3.292 -6.765 1.00 0.00 ? 6  2MT A HD33 7  
ATOM   1095 N N    . ILE A 1 7  ? -1.254  1.872  -3.559 1.00 0.00 ? 7  ILE A N    7  
ATOM   1096 C CA   . ILE A 1 7  ? -0.831  1.710  -2.136 1.00 0.00 ? 7  ILE A CA   7  
ATOM   1097 C C    . ILE A 1 7  ? -2.119  1.552  -1.270 1.00 0.00 ? 7  ILE A C    7  
ATOM   1098 O O    . ILE A 1 7  ? -2.810  2.526  -0.953 1.00 0.00 ? 7  ILE A O    7  
ATOM   1099 C CB   . ILE A 1 7  ? 0.118   2.904  -1.744 1.00 0.00 ? 7  ILE A CB   7  
ATOM   1100 C CG1  . ILE A 1 7  ? 1.511   2.836  -2.443 1.00 0.00 ? 7  ILE A CG1  7  
ATOM   1101 C CG2  . ILE A 1 7  ? 0.286   3.096  -0.225 1.00 0.00 ? 7  ILE A CG2  7  
ATOM   1102 C CD1  . ILE A 1 7  ? 2.520   1.791  -1.935 1.00 0.00 ? 7  ILE A CD1  7  
ATOM   1103 H H    . ILE A 1 7  ? -1.620  2.813  -3.751 1.00 0.00 ? 7  ILE A H    7  
ATOM   1104 H HA   . ILE A 1 7  ? -0.223  0.784  -2.019 1.00 0.00 ? 7  ILE A HA   7  
ATOM   1105 H HB   . ILE A 1 7  ? -0.349  3.853  -2.073 1.00 0.00 ? 7  ILE A HB   7  
ATOM   1106 H HG12 . ILE A 1 7  ? 1.374   2.684  -3.529 1.00 0.00 ? 7  ILE A HG12 7  
ATOM   1107 H HG13 . ILE A 1 7  ? 1.986   3.826  -2.366 1.00 0.00 ? 7  ILE A HG13 7  
ATOM   1108 H HG21 . ILE A 1 7  ? 0.637   2.167  0.258  1.00 0.00 ? 7  ILE A HG21 7  
ATOM   1109 H HG22 . ILE A 1 7  ? 0.998   3.909  -0.005 1.00 0.00 ? 7  ILE A HG22 7  
ATOM   1110 H HG23 . ILE A 1 7  ? -0.674  3.378  0.242  1.00 0.00 ? 7  ILE A HG23 7  
ATOM   1111 H HD11 . ILE A 1 7  ? 3.409   1.741  -2.590 1.00 0.00 ? 7  ILE A HD11 7  
ATOM   1112 H HD12 . ILE A 1 7  ? 2.880   2.029  -0.918 1.00 0.00 ? 7  ILE A HD12 7  
ATOM   1113 H HD13 . ILE A 1 7  ? 2.083   0.780  -1.894 1.00 0.00 ? 7  ILE A HD13 7  
ATOM   1114 N N    . LEU A 1 8  ? -2.389  0.293  -0.891 1.00 0.00 ? 8  LEU A N    7  
ATOM   1115 C CA   . LEU A 1 8  ? -3.561  -0.101 -0.091 1.00 0.00 ? 8  LEU A CA   7  
ATOM   1116 C C    . LEU A 1 8  ? -3.086  -0.407 1.358  1.00 0.00 ? 8  LEU A C    7  
ATOM   1117 O O    . LEU A 1 8  ? -2.909  -1.572 1.732  1.00 0.00 ? 8  LEU A O    7  
ATOM   1118 C CB   . LEU A 1 8  ? -4.189  -1.330 -0.807 1.00 0.00 ? 8  LEU A CB   7  
ATOM   1119 C CG   . LEU A 1 8  ? -4.840  -1.056 -2.198 1.00 0.00 ? 8  LEU A CG   7  
ATOM   1120 C CD1  . LEU A 1 8  ? -4.609  -2.243 -3.147 1.00 0.00 ? 8  LEU A CD1  7  
ATOM   1121 C CD2  . LEU A 1 8  ? -6.334  -0.699 -2.087 1.00 0.00 ? 8  LEU A CD2  7  
ATOM   1122 H H    . LEU A 1 8  ? -2.015  -0.415 -1.519 1.00 0.00 ? 8  LEU A H    7  
ATOM   1123 H HA   . LEU A 1 8  ? -4.296  0.709  -0.099 1.00 0.00 ? 8  LEU A HA   7  
ATOM   1124 H HB2  . LEU A 1 8  ? -3.398  -2.102 -0.903 1.00 0.00 ? 8  LEU A HB2  7  
ATOM   1125 H HB3  . LEU A 1 8  ? -4.932  -1.803 -0.141 1.00 0.00 ? 8  LEU A HB3  7  
ATOM   1126 H HG   . LEU A 1 8  ? -4.339  -0.193 -2.676 1.00 0.00 ? 8  LEU A HG   7  
ATOM   1127 H HD11 . LEU A 1 8  ? -5.048  -3.178 -2.758 1.00 0.00 ? 8  LEU A HD11 7  
ATOM   1128 H HD12 . LEU A 1 8  ? -3.525  -2.422 -3.290 1.00 0.00 ? 8  LEU A HD12 7  
ATOM   1129 H HD13 . LEU A 1 8  ? -5.031  -2.051 -4.150 1.00 0.00 ? 8  LEU A HD13 7  
ATOM   1130 H HD21 . LEU A 1 8  ? -6.491  0.187  -1.446 1.00 0.00 ? 8  LEU A HD21 7  
ATOM   1131 H HD22 . LEU A 1 8  ? -6.928  -1.527 -1.655 1.00 0.00 ? 8  LEU A HD22 7  
ATOM   1132 H HD23 . LEU A 1 8  ? -6.770  -0.462 -3.075 1.00 0.00 ? 8  LEU A HD23 7  
ATOM   1133 N N    . LYS A 1 9  ? -2.826  0.649  2.159  1.00 0.00 ? 9  LYS A N    7  
ATOM   1134 C CA   . LYS A 1 9  ? -2.014  0.508  3.408  1.00 0.00 ? 9  LYS A CA   7  
ATOM   1135 C C    . LYS A 1 9  ? -2.918  0.062  4.595  1.00 0.00 ? 9  LYS A C    7  
ATOM   1136 O O    . LYS A 1 9  ? -3.751  0.837  5.077  1.00 0.00 ? 9  LYS A O    7  
ATOM   1137 C CB   . LYS A 1 9  ? -1.187  1.787  3.739  1.00 0.00 ? 9  LYS A CB   7  
ATOM   1138 C CG   . LYS A 1 9  ? -0.111  1.560  4.828  1.00 0.00 ? 9  LYS A CG   7  
ATOM   1139 C CD   . LYS A 1 9  ? 0.764   2.801  5.100  1.00 0.00 ? 9  LYS A CD   7  
ATOM   1140 C CE   . LYS A 1 9  ? 1.813   2.616  6.215  1.00 0.00 ? 9  LYS A CE   7  
ATOM   1141 N NZ   . LYS A 1 9  ? 2.899   1.684  5.850  1.00 0.00 ? 9  LYS A NZ   7  
ATOM   1142 H H    . LYS A 1 9  ? -3.209  1.532  1.793  1.00 0.00 ? 9  LYS A H    7  
ATOM   1143 H HA   . LYS A 1 9  ? -1.234  -0.260 3.214  1.00 0.00 ? 9  LYS A HA   7  
ATOM   1144 H HB2  . LYS A 1 9  ? -0.663  2.145  2.831  1.00 0.00 ? 9  LYS A HB2  7  
ATOM   1145 H HB3  . LYS A 1 9  ? -1.844  2.622  4.050  1.00 0.00 ? 9  LYS A HB3  7  
ATOM   1146 H HG2  . LYS A 1 9  ? -0.597  1.244  5.771  1.00 0.00 ? 9  LYS A HG2  7  
ATOM   1147 H HG3  . LYS A 1 9  ? 0.537   0.714  4.528  1.00 0.00 ? 9  LYS A HG3  7  
ATOM   1148 H HD2  . LYS A 1 9  ? 1.261   3.128  4.167  1.00 0.00 ? 9  LYS A HD2  7  
ATOM   1149 H HD3  . LYS A 1 9  ? 0.105   3.644  5.387  1.00 0.00 ? 9  LYS A HD3  7  
ATOM   1150 H HE2  . LYS A 1 9  ? 2.261   3.596  6.460  1.00 0.00 ? 9  LYS A HE2  7  
ATOM   1151 H HE3  . LYS A 1 9  ? 1.329   2.268  7.146  1.00 0.00 ? 9  LYS A HE3  7  
ATOM   1152 H HZ1  . LYS A 1 9  ? 2.511   0.763  5.621  1.00 0.00 ? 9  LYS A HZ1  7  
ATOM   1153 H HZ2  . LYS A 1 9  ? 3.367   2.007  4.996  1.00 0.00 ? 9  LYS A HZ2  7  
ATOM   1154 N N    . ASN A 1 10 ? -2.711  -1.176 5.081  1.00 0.00 ? 10 ASN A N    7  
ATOM   1155 C CA   . ASN A 1 10 ? -3.444  -1.786 6.182  1.00 0.00 ? 10 ASN A CA   7  
ATOM   1156 C C    . ASN A 1 10 ? -2.663  -1.556 7.508  1.00 0.00 ? 10 ASN A C    7  
ATOM   1157 O O    . ASN A 1 10 ? -1.795  -2.350 7.887  1.00 0.00 ? 10 ASN A O    7  
ATOM   1158 C CB   . ASN A 1 10 ? -3.602  -3.273 5.738  1.00 0.00 ? 10 ASN A CB   7  
ATOM   1159 C CG   . ASN A 1 10 ? -2.435  -4.109 5.121  1.00 0.00 ? 10 ASN A CG   7  
ATOM   1160 O OD1  . ASN A 1 10 ? -2.199  -4.066 3.915  1.00 0.00 ? 10 ASN A OD1  7  
ATOM   1161 N ND2  . ASN A 1 10 ? -1.697  -4.867 5.918  1.00 0.00 ? 10 ASN A ND2  7  
ATOM   1162 H H    . ASN A 1 10 ? -2.227  -1.918 4.570  1.00 0.00 ? 10 ASN A H    7  
ATOM   1163 H HA   . ASN A 1 10 ? -4.464  -1.358 6.268  1.00 0.00 ? 10 ASN A HA   7  
ATOM   1164 H HB2  . ASN A 1 10 ? -3.891  -3.772 6.639  1.00 0.00 ? 10 ASN A HB2  7  
ATOM   1165 H HB3  . ASN A 1 10 ? -4.491  -3.380 5.083  1.00 0.00 ? 10 ASN A HB3  7  
ATOM   1166 H HD21 . ASN A 1 10 ? -1.941  -4.860 6.915  1.00 0.00 ? 10 ASN A HD21 7  
ATOM   1167 H HD22 . ASN A 1 10 ? -0.939  -5.398 5.474  1.00 0.00 ? 10 ASN A HD22 7  
ATOM   1168 N N    . GLY A 1 11 ? -2.961  -0.429 8.182  1.00 0.00 ? 11 GLY A N    7  
ATOM   1169 C CA   . GLY A 1 11 ? -2.190  0.028  9.358  1.00 0.00 ? 11 GLY A CA   7  
ATOM   1170 C C    . GLY A 1 11 ? -1.027  0.933  8.939  1.00 0.00 ? 11 GLY A C    7  
ATOM   1171 O O    . GLY A 1 11 ? -1.127  2.154  8.815  1.00 0.00 ? 11 GLY A O    7  
ATOM   1172 O OXT  . GLY A 1 11 ? 0.126   0.225  8.712  1.00 0.00 ? 11 GLY A OXT  7  
ATOM   1173 H H    . GLY A 1 11 ? -3.694  0.149  7.756  1.00 0.00 ? 11 GLY A H    7  
ATOM   1174 H HA2  . GLY A 1 11 ? -2.866  0.593  10.026 1.00 0.00 ? 11 GLY A HA2  7  
ATOM   1175 H HA3  . GLY A 1 11 ? -1.826  -0.823 9.967  1.00 0.00 ? 11 GLY A HA3  7  
ATOM   1176 H HXT  . GLY A 1 11 ? 0.005   -0.715 8.858  1.00 0.00 ? 11 GLY A HXT  7  
ATOM   1177 N N    . GLY A 1 1  ? 9.797   1.487  1.550  1.00 0.00 ? 1  GLY A N    8  
ATOM   1178 C CA   . GLY A 1 1  ? 10.039  0.226  2.273  1.00 0.00 ? 1  GLY A CA   8  
ATOM   1179 C C    . GLY A 1 1  ? 9.778   -0.993 1.375  1.00 0.00 ? 1  GLY A C    8  
ATOM   1180 O O    . GLY A 1 1  ? 10.658  -1.391 0.604  1.00 0.00 ? 1  GLY A O    8  
ATOM   1181 H H1   . GLY A 1 1  ? 10.428  1.558  0.744  1.00 0.00 ? 1  GLY A H1   8  
ATOM   1182 H H2   . GLY A 1 1  ? 10.025  2.287  2.151  1.00 0.00 ? 1  GLY A H2   8  
ATOM   1183 H HA2  . GLY A 1 1  ? 11.087  0.206  2.624  1.00 0.00 ? 1  GLY A HA2  8  
ATOM   1184 H HA3  . GLY A 1 1  ? 9.419   0.202  3.190  1.00 0.00 ? 1  GLY A HA3  8  
ATOM   1185 N N    . PHE A 1 2  ? 8.576   -1.584 1.494  1.00 0.00 ? 2  PHE A N    8  
ATOM   1186 C CA   . PHE A 1 2  ? 8.149   -2.719 0.644  1.00 0.00 ? 2  PHE A CA   8  
ATOM   1187 C C    . PHE A 1 2  ? 6.590   -2.647 0.570  1.00 0.00 ? 2  PHE A C    8  
ATOM   1188 O O    . PHE A 1 2  ? 5.880   -3.289 1.353  1.00 0.00 ? 2  PHE A O    8  
ATOM   1189 C CB   . PHE A 1 2  ? 8.665   -4.066 1.306  1.00 0.00 ? 2  PHE A CB   8  
ATOM   1190 C CG   . PHE A 1 2  ? 8.895   -5.173 0.267  1.00 0.00 ? 2  PHE A CG   8  
ATOM   1191 C CD1  . PHE A 1 2  ? 10.135  -5.288 -0.372 1.00 0.00 ? 2  PHE A CD1  8  
ATOM   1192 C CD2  . PHE A 1 2  ? 7.868   -6.066 -0.061 1.00 0.00 ? 2  PHE A CD2  8  
ATOM   1193 C CE1  . PHE A 1 2  ? 10.344  -6.282 -1.325 1.00 0.00 ? 2  PHE A CE1  8  
ATOM   1194 C CE2  . PHE A 1 2  ? 8.080   -7.059 -1.015 1.00 0.00 ? 2  PHE A CE2  8  
ATOM   1195 C CZ   . PHE A 1 2  ? 9.317   -7.167 -1.646 1.00 0.00 ? 2  PHE A CZ   8  
ATOM   1196 H H    . PHE A 1 2  ? 7.905   -1.107 2.101  1.00 0.00 ? 2  PHE A H    8  
ATOM   1197 H HA   . PHE A 1 2  ? 8.534   -2.547 -0.412 1.00 0.00 ? 2  PHE A HA   8  
ATOM   1198 H HB2  . PHE A 1 2  ? 9.587   -3.955 1.938  1.00 0.00 ? 2  PHE A HB2  8  
ATOM   1199 H HB3  . PHE A 1 2  ? 7.960   -4.437 2.088  1.00 0.00 ? 2  PHE A HB3  8  
ATOM   1200 H HD1  . PHE A 1 2  ? 10.940  -4.605 -0.136 1.00 0.00 ? 2  PHE A HD1  8  
ATOM   1201 H HD2  . PHE A 1 2  ? 6.902   -5.991 0.417  1.00 0.00 ? 2  PHE A HD2  8  
ATOM   1202 H HE1  . PHE A 1 2  ? 11.302  -6.367 -1.817 1.00 0.00 ? 2  PHE A HE1  8  
ATOM   1203 H HE2  . PHE A 1 2  ? 7.284   -7.745 -1.267 1.00 0.00 ? 2  PHE A HE2  8  
ATOM   1204 H HZ   . PHE A 1 2  ? 9.480   -7.936 -2.386 1.00 0.00 ? 2  PHE A HZ   8  
ATOM   1205 N N    . ALA A 1 3  ? 6.066   -1.866 -0.395 1.00 0.00 ? 3  ALA A N    8  
ATOM   1206 C CA   . ALA A 1 3  ? 4.595   -1.763 -0.642 1.00 0.00 ? 3  ALA A CA   8  
ATOM   1207 C C    . ALA A 1 3  ? 4.402   -1.430 -2.150 1.00 0.00 ? 3  ALA A C    8  
ATOM   1208 O O    . ALA A 1 3  ? 4.826   -0.364 -2.614 1.00 0.00 ? 3  ALA A O    8  
ATOM   1209 C CB   . ALA A 1 3  ? 3.978   -0.627 0.243  1.00 0.00 ? 3  ALA A CB   8  
ATOM   1210 H H    . ALA A 1 3  ? 6.761   -1.244 -0.838 1.00 0.00 ? 3  ALA A H    8  
ATOM   1211 H HA   . ALA A 1 3  ? 4.117   -2.765 -0.419 1.00 0.00 ? 3  ALA A HA   8  
ATOM   1212 H HB1  . ALA A 1 3  ? 2.892   -0.485 0.076  1.00 0.00 ? 3  ALA A HB1  8  
ATOM   1213 H HB2  . ALA A 1 3  ? 4.430   0.372  0.056  1.00 0.00 ? 3  ALA A HB2  8  
ATOM   1214 H HB3  . ALA A 1 3  ? 4.097   -0.797 1.330  1.00 0.00 ? 3  ALA A HB3  8  
ATOM   1215 N N    . SER A 1 4  ? 3.766   -2.340 -2.918 1.00 0.00 ? 4  SER A N    8  
ATOM   1216 C CA   . SER A 1 4  ? 3.574   -2.175 -4.384 1.00 0.00 ? 4  SER A CA   8  
ATOM   1217 C C    . SER A 1 4  ? 2.279   -1.387 -4.733 1.00 0.00 ? 4  SER A C    8  
ATOM   1218 O O    . SER A 1 4  ? 1.240   -1.538 -4.079 1.00 0.00 ? 4  SER A O    8  
ATOM   1219 C CB   . SER A 1 4  ? 3.582   -3.572 -5.056 1.00 0.00 ? 4  SER A CB   8  
ATOM   1220 O OG   . SER A 1 4  ? 2.495   -4.391 -4.631 1.00 0.00 ? 4  SER A OG   8  
ATOM   1221 H H    . SER A 1 4  ? 3.445   -3.193 -2.447 1.00 0.00 ? 4  SER A H    8  
ATOM   1222 H HA   . SER A 1 4  ? 4.452   -1.632 -4.792 1.00 0.00 ? 4  SER A HA   8  
ATOM   1223 H HB2  . SER A 1 4  ? 3.538   -3.467 -6.157 1.00 0.00 ? 4  SER A HB2  8  
ATOM   1224 H HB3  . SER A 1 4  ? 4.533   -4.100 -4.853 1.00 0.00 ? 4  SER A HB3  8  
ATOM   1225 H HG   . SER A 1 4  ? 2.596   -4.490 -3.682 1.00 0.00 ? 4  SER A HG   8  
ATOM   1226 N N    . LEU A 1 5  ? 2.349   -0.580 -5.810 1.00 0.00 ? 5  LEU A N    8  
ATOM   1227 C CA   . LEU A 1 5  ? 1.229   0.266  -6.282 1.00 0.00 ? 5  LEU A CA   8  
ATOM   1228 C C    . LEU A 1 5  ? 0.027   -0.581 -6.858 1.00 0.00 ? 5  LEU A C    8  
ATOM   1229 O O    . LEU A 1 5  ? 0.310   -1.561 -7.558 1.00 0.00 ? 5  LEU A O    8  
ATOM   1230 C CB   . LEU A 1 5  ? 1.800   1.233  -7.360 1.00 0.00 ? 5  LEU A CB   8  
ATOM   1231 C CG   . LEU A 1 5  ? 2.449   2.536  -6.816 1.00 0.00 ? 5  LEU A CG   8  
ATOM   1232 C CD1  . LEU A 1 5  ? 3.635   2.314  -5.863 1.00 0.00 ? 5  LEU A CD1  8  
ATOM   1233 C CD2  . LEU A 1 5  ? 2.849   3.479  -7.967 1.00 0.00 ? 5  LEU A CD2  8  
ATOM   1234 H H    . LEU A 1 5  ? 3.286   -0.324 -6.133 1.00 0.00 ? 5  LEU A H    8  
ATOM   1235 H HA   . LEU A 1 5  ? 0.935   0.889  -5.408 1.00 0.00 ? 5  LEU A HA   8  
ATOM   1236 H HB2  . LEU A 1 5  ? 2.503   0.703  -8.034 1.00 0.00 ? 5  LEU A HB2  8  
ATOM   1237 H HB3  . LEU A 1 5  ? 0.972   1.544  -8.024 1.00 0.00 ? 5  LEU A HB3  8  
ATOM   1238 H HG   . LEU A 1 5  ? 1.677   3.039  -6.217 1.00 0.00 ? 5  LEU A HG   8  
ATOM   1239 H HD11 . LEU A 1 5  ? 4.073   3.268  -5.523 1.00 0.00 ? 5  LEU A HD11 8  
ATOM   1240 H HD12 . LEU A 1 5  ? 3.306   1.786  -4.948 1.00 0.00 ? 5  LEU A HD12 8  
ATOM   1241 H HD13 . LEU A 1 5  ? 4.427   1.701  -6.328 1.00 0.00 ? 5  LEU A HD13 8  
ATOM   1242 H HD21 . LEU A 1 5  ? 3.632   3.037  -8.611 1.00 0.00 ? 5  LEU A HD21 8  
ATOM   1243 H HD22 . LEU A 1 5  ? 1.986   3.719  -8.617 1.00 0.00 ? 5  LEU A HD22 8  
ATOM   1244 H HD23 . LEU A 1 5  ? 3.238   4.443  -7.590 1.00 0.00 ? 5  LEU A HD23 8  
HETATM 1245 N N    . 2MT A 1 6  ? -1.292  -0.271 -6.589 1.00 0.00 ? 6  2MT A N    8  
HETATM 1246 C CA   . 2MT A 1 6  ? -1.681  0.997  -5.890 1.00 0.00 ? 6  2MT A CA   8  
HETATM 1247 C C    . 2MT A 1 6  ? -1.450  0.881  -4.317 1.00 0.00 ? 6  2MT A C    8  
HETATM 1248 O O    . 2MT A 1 6  ? -1.410  -0.252 -3.817 1.00 0.00 ? 6  2MT A O    8  
HETATM 1249 C CB   . 2MT A 1 6  ? -3.205  1.203  -6.163 1.00 0.00 ? 6  2MT A CB   8  
HETATM 1250 S SG   . 2MT A 1 6  ? -3.893  -0.447 -6.209 1.00 0.00 ? 6  2MT A SG   8  
HETATM 1251 C CD1  . 2MT A 1 6  ? -2.428  -1.187 -6.950 1.00 0.00 ? 6  2MT A CD1  8  
HETATM 1252 C CD2  . 2MT A 1 6  ? -2.335  -2.595 -6.318 1.00 0.00 ? 6  2MT A CD2  8  
HETATM 1253 C CD3  . 2MT A 1 6  ? -2.694  -1.261 -8.472 1.00 0.00 ? 6  2MT A CD3  8  
HETATM 1254 H HA   . 2MT A 1 6  ? -1.042  1.764  -6.420 1.00 0.00 ? 6  2MT A HA   8  
HETATM 1255 H HB2  . 2MT A 1 6  ? -3.729  1.800  -5.389 1.00 0.00 ? 6  2MT A HB2  8  
HETATM 1256 H HB3  . 2MT A 1 6  ? -3.473  1.679  -7.133 1.00 0.00 ? 6  2MT A HB3  8  
HETATM 1257 H HD21 . 2MT A 1 6  ? -3.266  -3.171 -6.473 1.00 0.00 ? 6  2MT A HD21 8  
HETATM 1258 H HD22 . 2MT A 1 6  ? -2.170  -2.540 -5.226 1.00 0.00 ? 6  2MT A HD22 8  
HETATM 1259 H HD23 . 2MT A 1 6  ? -1.510  -3.196 -6.742 1.00 0.00 ? 6  2MT A HD23 8  
HETATM 1260 H HD31 . 2MT A 1 6  ? -3.614  -1.832 -8.696 1.00 0.00 ? 6  2MT A HD31 8  
HETATM 1261 H HD32 . 2MT A 1 6  ? -2.828  -0.255 -8.912 1.00 0.00 ? 6  2MT A HD32 8  
HETATM 1262 H HD33 . 2MT A 1 6  ? -1.867  -1.751 -9.019 1.00 0.00 ? 6  2MT A HD33 8  
ATOM   1263 N N    . ILE A 1 7  ? -1.262  1.964  -3.503 1.00 0.00 ? 7  ILE A N    8  
ATOM   1264 C CA   . ILE A 1 7  ? -0.902  1.833  -2.063 1.00 0.00 ? 7  ILE A CA   8  
ATOM   1265 C C    . ILE A 1 7  ? -2.249  1.722  -1.283 1.00 0.00 ? 7  ILE A C    8  
ATOM   1266 O O    . ILE A 1 7  ? -2.975  2.708  -1.113 1.00 0.00 ? 7  ILE A O    8  
ATOM   1267 C CB   . ILE A 1 7  ? 0.023   3.037  -1.666 1.00 0.00 ? 7  ILE A CB   8  
ATOM   1268 C CG1  . ILE A 1 7  ? 1.412   3.032  -2.377 1.00 0.00 ? 7  ILE A CG1  8  
ATOM   1269 C CG2  . ILE A 1 7  ? 0.206   3.167  -0.144 1.00 0.00 ? 7  ILE A CG2  8  
ATOM   1270 C CD1  . ILE A 1 7  ? 2.356   1.849  -2.098 1.00 0.00 ? 7  ILE A CD1  8  
ATOM   1271 H H    . ILE A 1 7  ? -1.583  2.913  -3.729 1.00 0.00 ? 7  ILE A H    8  
ATOM   1272 H HA   . ILE A 1 7  ? -0.295  0.916  -1.884 1.00 0.00 ? 7  ILE A HA   8  
ATOM   1273 H HB   . ILE A 1 7  ? -0.473  3.985  -1.954 1.00 0.00 ? 7  ILE A HB   8  
ATOM   1274 H HG12 . ILE A 1 7  ? 1.283   3.114  -3.471 1.00 0.00 ? 7  ILE A HG12 8  
ATOM   1275 H HG13 . ILE A 1 7  ? 1.935   3.959  -2.104 1.00 0.00 ? 7  ILE A HG13 8  
ATOM   1276 H HG21 . ILE A 1 7  ? 0.881   4.004  0.104  1.00 0.00 ? 7  ILE A HG21 8  
ATOM   1277 H HG22 . ILE A 1 7  ? 0.609   2.237  0.291  1.00 0.00 ? 7  ILE A HG22 8  
ATOM   1278 H HG23 . ILE A 1 7  ? -0.762  3.378  0.346  1.00 0.00 ? 7  ILE A HG23 8  
ATOM   1279 H HD11 . ILE A 1 7  ? 1.946   0.893  -2.471 1.00 0.00 ? 7  ILE A HD11 8  
ATOM   1280 H HD12 . ILE A 1 7  ? 2.562   1.731  -1.020 1.00 0.00 ? 7  ILE A HD12 8  
ATOM   1281 H HD13 . ILE A 1 7  ? 3.333   1.998  -2.595 1.00 0.00 ? 7  ILE A HD13 8  
ATOM   1282 N N    . LEU A 1 8  ? -2.559  0.494  -0.835 1.00 0.00 ? 8  LEU A N    8  
ATOM   1283 C CA   . LEU A 1 8  ? -3.881  0.134  -0.287 1.00 0.00 ? 8  LEU A CA   8  
ATOM   1284 C C    . LEU A 1 8  ? -3.931  0.413  1.239  1.00 0.00 ? 8  LEU A C    8  
ATOM   1285 O O    . LEU A 1 8  ? -3.264  -0.266 2.028  1.00 0.00 ? 8  LEU A O    8  
ATOM   1286 C CB   . LEU A 1 8  ? -4.117  -1.363 -0.628 1.00 0.00 ? 8  LEU A CB   8  
ATOM   1287 C CG   . LEU A 1 8  ? -4.430  -1.665 -2.128 1.00 0.00 ? 8  LEU A CG   8  
ATOM   1288 C CD1  . LEU A 1 8  ? -3.809  -3.003 -2.562 1.00 0.00 ? 8  LEU A CD1  8  
ATOM   1289 C CD2  . LEU A 1 8  ? -5.939  -1.624 -2.429 1.00 0.00 ? 8  LEU A CD2  8  
ATOM   1290 H H    . LEU A 1 8  ? -1.990  -0.269 -1.206 1.00 0.00 ? 8  LEU A H    8  
ATOM   1291 H HA   . LEU A 1 8  ? -4.648  0.715  -0.824 1.00 0.00 ? 8  LEU A HA   8  
ATOM   1292 H HB2  . LEU A 1 8  ? -3.227  -1.937 -0.295 1.00 0.00 ? 8  LEU A HB2  8  
ATOM   1293 H HB3  . LEU A 1 8  ? -4.932  -1.764 0.001  1.00 0.00 ? 8  LEU A HB3  8  
ATOM   1294 H HG   . LEU A 1 8  ? -3.960  -0.895 -2.768 1.00 0.00 ? 8  LEU A HG   8  
ATOM   1295 H HD11 . LEU A 1 8  ? -4.001  -3.214 -3.630 1.00 0.00 ? 8  LEU A HD11 8  
ATOM   1296 H HD12 . LEU A 1 8  ? -2.708  -2.986 -2.436 1.00 0.00 ? 8  LEU A HD12 8  
ATOM   1297 H HD13 . LEU A 1 8  ? -4.196  -3.852 -1.970 1.00 0.00 ? 8  LEU A HD13 8  
ATOM   1298 H HD21 . LEU A 1 8  ? -6.378  -0.643 -2.166 1.00 0.00 ? 8  LEU A HD21 8  
ATOM   1299 H HD22 . LEU A 1 8  ? -6.145  -1.789 -3.503 1.00 0.00 ? 8  LEU A HD22 8  
ATOM   1300 H HD23 . LEU A 1 8  ? -6.498  -2.395 -1.865 1.00 0.00 ? 8  LEU A HD23 8  
ATOM   1301 N N    . LYS A 1 9  ? -4.724  1.429  1.625  1.00 0.00 ? 9  LYS A N    8  
ATOM   1302 C CA   . LYS A 1 9  ? -4.877  1.855  3.041  1.00 0.00 ? 9  LYS A CA   8  
ATOM   1303 C C    . LYS A 1 9  ? -6.361  1.604  3.453  1.00 0.00 ? 9  LYS A C    8  
ATOM   1304 O O    . LYS A 1 9  ? -7.229  2.423  3.128  1.00 0.00 ? 9  LYS A O    8  
ATOM   1305 C CB   . LYS A 1 9  ? -4.440  3.342  3.175  1.00 0.00 ? 9  LYS A CB   8  
ATOM   1306 C CG   . LYS A 1 9  ? -4.410  3.869  4.631  1.00 0.00 ? 9  LYS A CG   8  
ATOM   1307 C CD   . LYS A 1 9  ? -3.933  5.330  4.786  1.00 0.00 ? 9  LYS A CD   8  
ATOM   1308 C CE   . LYS A 1 9  ? -4.854  6.430  4.215  1.00 0.00 ? 9  LYS A CE   8  
ATOM   1309 N NZ   . LYS A 1 9  ? -6.140  6.546  4.930  1.00 0.00 ? 9  LYS A NZ   8  
ATOM   1310 H H    . LYS A 1 9  ? -5.239  1.882  0.862  1.00 0.00 ? 9  LYS A H    8  
ATOM   1311 H HA   . LYS A 1 9  ? -4.175  1.295  3.691  1.00 0.00 ? 9  LYS A HA   8  
ATOM   1312 H HB2  . LYS A 1 9  ? -3.427  3.468  2.747  1.00 0.00 ? 9  LYS A HB2  8  
ATOM   1313 H HB3  . LYS A 1 9  ? -5.097  3.986  2.560  1.00 0.00 ? 9  LYS A HB3  8  
ATOM   1314 H HG2  . LYS A 1 9  ? -5.406  3.757  5.097  1.00 0.00 ? 9  LYS A HG2  8  
ATOM   1315 H HG3  . LYS A 1 9  ? -3.740  3.222  5.228  1.00 0.00 ? 9  LYS A HG3  8  
ATOM   1316 H HD2  . LYS A 1 9  ? -3.755  5.533  5.859  1.00 0.00 ? 9  LYS A HD2  8  
ATOM   1317 H HD3  . LYS A 1 9  ? -2.934  5.429  4.319  1.00 0.00 ? 9  LYS A HD3  8  
ATOM   1318 H HE2  . LYS A 1 9  ? -4.334  7.404  4.273  1.00 0.00 ? 9  LYS A HE2  8  
ATOM   1319 H HE3  . LYS A 1 9  ? -5.045  6.262  3.140  1.00 0.00 ? 9  LYS A HE3  8  
ATOM   1320 H HZ1  . LYS A 1 9  ? -5.974  6.723  5.927  1.00 0.00 ? 9  LYS A HZ1  8  
ATOM   1321 H HZ2  . LYS A 1 9  ? -6.647  5.656  4.888  1.00 0.00 ? 9  LYS A HZ2  8  
ATOM   1322 N N    . ASN A 1 10 ? -6.656  0.496  4.175  1.00 0.00 ? 10 ASN A N    8  
ATOM   1323 C CA   . ASN A 1 10 ? -8.019  0.231  4.717  1.00 0.00 ? 10 ASN A CA   8  
ATOM   1324 C C    . ASN A 1 10 ? -8.150  0.936  6.099  1.00 0.00 ? 10 ASN A C    8  
ATOM   1325 O O    . ASN A 1 10 ? -7.539  0.507  7.084  1.00 0.00 ? 10 ASN A O    8  
ATOM   1326 C CB   . ASN A 1 10 ? -8.331  -1.295 4.778  1.00 0.00 ? 10 ASN A CB   8  
ATOM   1327 C CG   . ASN A 1 10 ? -9.822  -1.627 4.997  1.00 0.00 ? 10 ASN A CG   8  
ATOM   1328 O OD1  . ASN A 1 10 ? -10.639 -1.524 4.082  1.00 0.00 ? 10 ASN A OD1  8  
ATOM   1329 N ND2  . ASN A 1 10 ? -10.206 -2.030 6.200  1.00 0.00 ? 10 ASN A ND2  8  
ATOM   1330 H H    . ASN A 1 10 ? -5.882  -0.147 4.358  1.00 0.00 ? 10 ASN A H    8  
ATOM   1331 H HA   . ASN A 1 10 ? -8.748  0.652  4.000  1.00 0.00 ? 10 ASN A HA   8  
ATOM   1332 H HB2  . ASN A 1 10 ? -8.045  -1.776 3.821  1.00 0.00 ? 10 ASN A HB2  8  
ATOM   1333 H HB3  . ASN A 1 10 ? -7.712  -1.806 5.544  1.00 0.00 ? 10 ASN A HB3  8  
ATOM   1334 H HD21 . ASN A 1 10 ? -9.476  -2.096 6.917  1.00 0.00 ? 10 ASN A HD21 8  
ATOM   1335 H HD22 . ASN A 1 10 ? -11.203 -2.244 6.316  1.00 0.00 ? 10 ASN A HD22 8  
ATOM   1336 N N    . GLY A 1 11 ? -8.929  2.032  6.136  1.00 0.00 ? 11 GLY A N    8  
ATOM   1337 C CA   . GLY A 1 11 ? -9.064  2.879  7.339  1.00 0.00 ? 11 GLY A CA   8  
ATOM   1338 C C    . GLY A 1 11 ? -8.191  4.132  7.226  1.00 0.00 ? 11 GLY A C    8  
ATOM   1339 O O    . GLY A 1 11 ? -8.618  5.223  6.850  1.00 0.00 ? 11 GLY A O    8  
ATOM   1340 O OXT  . GLY A 1 11 ? -6.890  3.894  7.592  1.00 0.00 ? 11 GLY A OXT  8  
ATOM   1341 H H    . GLY A 1 11 ? -9.371  2.280  5.244  1.00 0.00 ? 11 GLY A H    8  
ATOM   1342 H HA2  . GLY A 1 11 ? -10.123 3.181  7.440  1.00 0.00 ? 11 GLY A HA2  8  
ATOM   1343 H HA3  . GLY A 1 11 ? -8.831  2.329  8.271  1.00 0.00 ? 11 GLY A HA3  8  
ATOM   1344 H HXT  . GLY A 1 11 ? -6.347  4.682  7.520  1.00 0.00 ? 11 GLY A HXT  8  
ATOM   1345 N N    . GLY A 1 1  ? 11.638  -2.391 2.335  1.00 0.00 ? 1  GLY A N    9  
ATOM   1346 C CA   . GLY A 1 1  ? 10.995  -1.639 1.242  1.00 0.00 ? 1  GLY A CA   9  
ATOM   1347 C C    . GLY A 1 1  ? 10.002  -2.517 0.465  1.00 0.00 ? 1  GLY A C    9  
ATOM   1348 O O    . GLY A 1 1  ? 10.410  -3.277 -0.419 1.00 0.00 ? 1  GLY A O    9  
ATOM   1349 H H1   . GLY A 1 1  ? 12.106  -3.224 1.961  1.00 0.00 ? 1  GLY A H1   9  
ATOM   1350 H H2   . GLY A 1 1  ? 10.926  -2.742 2.985  1.00 0.00 ? 1  GLY A H2   9  
ATOM   1351 H HA2  . GLY A 1 1  ? 10.510  -0.733 1.653  1.00 0.00 ? 1  GLY A HA2  9  
ATOM   1352 H HA3  . GLY A 1 1  ? 11.776  -1.269 0.551  1.00 0.00 ? 1  GLY A HA3  9  
ATOM   1353 N N    . PHE A 1 2  ? 8.705   -2.402 0.801  1.00 0.00 ? 2  PHE A N    9  
ATOM   1354 C CA   . PHE A 1 2  ? 7.624   -3.124 0.100  1.00 0.00 ? 2  PHE A CA   9  
ATOM   1355 C C    . PHE A 1 2  ? 6.333   -2.260 0.290  1.00 0.00 ? 2  PHE A C    9  
ATOM   1356 O O    . PHE A 1 2  ? 5.541   -2.482 1.213  1.00 0.00 ? 2  PHE A O    9  
ATOM   1357 C CB   . PHE A 1 2  ? 7.486   -4.576 0.729  1.00 0.00 ? 2  PHE A CB   9  
ATOM   1358 C CG   . PHE A 1 2  ? 6.969   -5.593 -0.300 1.00 0.00 ? 2  PHE A CG   9  
ATOM   1359 C CD1  . PHE A 1 2  ? 5.595   -5.759 -0.511 1.00 0.00 ? 2  PHE A CD1  9  
ATOM   1360 C CD2  . PHE A 1 2  ? 7.876   -6.334 -1.065 1.00 0.00 ? 2  PHE A CD2  9  
ATOM   1361 C CE1  . PHE A 1 2  ? 5.137   -6.651 -1.476 1.00 0.00 ? 2  PHE A CE1  9  
ATOM   1362 C CE2  . PHE A 1 2  ? 7.414   -7.227 -2.029 1.00 0.00 ? 2  PHE A CE2  9  
ATOM   1363 C CZ   . PHE A 1 2  ? 6.045   -7.385 -2.235 1.00 0.00 ? 2  PHE A CZ   9  
ATOM   1364 H H    . PHE A 1 2  ? 8.470   -1.673 1.478  1.00 0.00 ? 2  PHE A H    9  
ATOM   1365 H HA   . PHE A 1 2  ? 7.838   -3.124 -1.017 1.00 0.00 ? 2  PHE A HA   9  
ATOM   1366 H HB2  . PHE A 1 2  ? 8.379   -5.003 1.282  1.00 0.00 ? 2  PHE A HB2  9  
ATOM   1367 H HB3  . PHE A 1 2  ? 6.783   -4.528 1.581  1.00 0.00 ? 2  PHE A HB3  9  
ATOM   1368 H HD1  . PHE A 1 2  ? 4.879   -5.186 0.061  1.00 0.00 ? 2  PHE A HD1  9  
ATOM   1369 H HD2  . PHE A 1 2  ? 8.941   -6.214 -0.924 1.00 0.00 ? 2  PHE A HD2  9  
ATOM   1370 H HE1  . PHE A 1 2  ? 4.076   -6.770 -1.642 1.00 0.00 ? 2  PHE A HE1  9  
ATOM   1371 H HE2  . PHE A 1 2  ? 8.118   -7.796 -2.620 1.00 0.00 ? 2  PHE A HE2  9  
ATOM   1372 H HZ   . PHE A 1 2  ? 5.689   -8.075 -2.986 1.00 0.00 ? 2  PHE A HZ   9  
ATOM   1373 N N    . ALA A 1 3  ? 6.109   -1.291 -0.621 1.00 0.00 ? 3  ALA A N    9  
ATOM   1374 C CA   . ALA A 1 3  ? 4.783   -0.616 -0.773 1.00 0.00 ? 3  ALA A CA   9  
ATOM   1375 C C    . ALA A 1 3  ? 4.420   -0.703 -2.282 1.00 0.00 ? 3  ALA A C    9  
ATOM   1376 O O    . ALA A 1 3  ? 4.786   0.169  -3.079 1.00 0.00 ? 3  ALA A O    9  
ATOM   1377 C CB   . ALA A 1 3  ? 4.857   0.865  -0.261 1.00 0.00 ? 3  ALA A CB   9  
ATOM   1378 H H    . ALA A 1 3  ? 6.922   -1.109 -1.229 1.00 0.00 ? 3  ALA A H    9  
ATOM   1379 H HA   . ALA A 1 3  ? 3.992   -1.192 -0.205 1.00 0.00 ? 3  ALA A HA   9  
ATOM   1380 H HB1  . ALA A 1 3  ? 3.897   1.411  -0.365 1.00 0.00 ? 3  ALA A HB1  9  
ATOM   1381 H HB2  . ALA A 1 3  ? 5.596   1.492  -0.806 1.00 0.00 ? 3  ALA A HB2  9  
ATOM   1382 H HB3  . ALA A 1 3  ? 5.131   0.960  0.808  1.00 0.00 ? 3  ALA A HB3  9  
ATOM   1383 N N    . SER A 1 4  ? 3.714   -1.786 -2.673 1.00 0.00 ? 4  SER A N    9  
ATOM   1384 C CA   . SER A 1 4  ? 3.389   -2.080 -4.094 1.00 0.00 ? 4  SER A CA   9  
ATOM   1385 C C    . SER A 1 4  ? 2.152   -1.273 -4.571 1.00 0.00 ? 4  SER A C    9  
ATOM   1386 O O    . SER A 1 4  ? 1.149   -1.166 -3.856 1.00 0.00 ? 4  SER A O    9  
ATOM   1387 C CB   . SER A 1 4  ? 3.145   -3.598 -4.261 1.00 0.00 ? 4  SER A CB   9  
ATOM   1388 O OG   . SER A 1 4  ? 4.320   -4.348 -3.967 1.00 0.00 ? 4  SER A OG   9  
ATOM   1389 H H    . SER A 1 4  ? 3.492   -2.461 -1.932 1.00 0.00 ? 4  SER A H    9  
ATOM   1390 H HA   . SER A 1 4  ? 4.271   -1.827 -4.718 1.00 0.00 ? 4  SER A HA   9  
ATOM   1391 H HB2  . SER A 1 4  ? 2.315   -3.948 -3.617 1.00 0.00 ? 4  SER A HB2  9  
ATOM   1392 H HB3  . SER A 1 4  ? 2.839   -3.826 -5.299 1.00 0.00 ? 4  SER A HB3  9  
ATOM   1393 H HG   . SER A 1 4  ? 4.991   -4.040 -4.580 1.00 0.00 ? 4  SER A HG   9  
ATOM   1394 N N    . LEU A 1 5  ? 2.239   -0.707 -5.790 1.00 0.00 ? 5  LEU A N    9  
ATOM   1395 C CA   . LEU A 1 5  ? 1.206   0.206  -6.340 1.00 0.00 ? 5  LEU A CA   9  
ATOM   1396 C C    . LEU A 1 5  ? -0.028  -0.575 -6.933 1.00 0.00 ? 5  LEU A C    9  
ATOM   1397 O O    . LEU A 1 5  ? 0.230   -1.536 -7.668 1.00 0.00 ? 5  LEU A O    9  
ATOM   1398 C CB   . LEU A 1 5  ? 1.877   1.098  -7.426 1.00 0.00 ? 5  LEU A CB   9  
ATOM   1399 C CG   . LEU A 1 5  ? 2.688   2.319  -6.902 1.00 0.00 ? 5  LEU A CG   9  
ATOM   1400 C CD1  . LEU A 1 5  ? 3.672   2.830  -7.973 1.00 0.00 ? 5  LEU A CD1  9  
ATOM   1401 C CD2  . LEU A 1 5  ? 1.775   3.477  -6.444 1.00 0.00 ? 5  LEU A CD2  9  
ATOM   1402 H H    . LEU A 1 5  ? 3.104   -0.874 -6.312 1.00 0.00 ? 5  LEU A H    9  
ATOM   1403 H HA   . LEU A 1 5  ? 0.907   0.854  -5.499 1.00 0.00 ? 5  LEU A HA   9  
ATOM   1404 H HB2  . LEU A 1 5  ? 2.525   0.454  -8.056 1.00 0.00 ? 5  LEU A HB2  9  
ATOM   1405 H HB3  . LEU A 1 5  ? 1.111   1.468  -8.131 1.00 0.00 ? 5  LEU A HB3  9  
ATOM   1406 H HG   . LEU A 1 5  ? 3.293   2.000  -6.033 1.00 0.00 ? 5  LEU A HG   9  
ATOM   1407 H HD11 . LEU A 1 5  ? 3.153   3.175  -8.887 1.00 0.00 ? 5  LEU A HD11 9  
ATOM   1408 H HD12 . LEU A 1 5  ? 4.280   3.675  -7.599 1.00 0.00 ? 5  LEU A HD12 9  
ATOM   1409 H HD13 . LEU A 1 5  ? 4.384   2.040  -8.278 1.00 0.00 ? 5  LEU A HD13 9  
ATOM   1410 H HD21 . LEU A 1 5  ? 1.175   3.889  -7.278 1.00 0.00 ? 5  LEU A HD21 9  
ATOM   1411 H HD22 . LEU A 1 5  ? 2.358   4.312  -6.015 1.00 0.00 ? 5  LEU A HD22 9  
ATOM   1412 H HD23 . LEU A 1 5  ? 1.060   3.160  -5.665 1.00 0.00 ? 5  LEU A HD23 9  
HETATM 1413 N N    . 2MT A 1 6  ? -1.346  -0.238 -6.665 1.00 0.00 ? 6  2MT A N    9  
HETATM 1414 C CA   . 2MT A 1 6  ? -1.725  0.993  -5.887 1.00 0.00 ? 6  2MT A CA   9  
HETATM 1415 C C    . 2MT A 1 6  ? -1.538  0.751  -4.325 1.00 0.00 ? 6  2MT A C    9  
HETATM 1416 O O    . 2MT A 1 6  ? -1.661  -0.408 -3.907 1.00 0.00 ? 6  2MT A O    9  
HETATM 1417 C CB   . 2MT A 1 6  ? -3.243  1.247  -6.164 1.00 0.00 ? 6  2MT A CB   9  
HETATM 1418 S SG   . 2MT A 1 6  ? -3.962  -0.380 -6.335 1.00 0.00 ? 6  2MT A SG   9  
HETATM 1419 C CD1  . 2MT A 1 6  ? -2.500  -1.101 -7.097 1.00 0.00 ? 6  2MT A CD1  9  
HETATM 1420 C CD2  . 2MT A 1 6  ? -2.458  -2.550 -6.553 1.00 0.00 ? 6  2MT A CD2  9  
HETATM 1421 C CD3  . 2MT A 1 6  ? -2.740  -1.074 -8.624 1.00 0.00 ? 6  2MT A CD3  9  
HETATM 1422 H HA   . 2MT A 1 6  ? -1.078  1.798  -6.341 1.00 0.00 ? 6  2MT A HA   9  
HETATM 1423 H HB2  . 2MT A 1 6  ? -3.775  1.795  -5.356 1.00 0.00 ? 6  2MT A HB2  9  
HETATM 1424 H HB3  . 2MT A 1 6  ? -3.492  1.793  -7.100 1.00 0.00 ? 6  2MT A HB3  9  
HETATM 1425 H HD21 . 2MT A 1 6  ? -1.637  -3.145 -6.992 1.00 0.00 ? 6  2MT A HD21 9  
HETATM 1426 H HD22 . 2MT A 1 6  ? -3.399  -3.090 -6.768 1.00 0.00 ? 6  2MT A HD22 9  
HETATM 1427 H HD23 . 2MT A 1 6  ? -2.325  -2.569 -5.455 1.00 0.00 ? 6  2MT A HD23 9  
HETATM 1428 H HD31 . 2MT A 1 6  ? -2.843  -0.040 -9.002 1.00 0.00 ? 6  2MT A HD31 9  
HETATM 1429 H HD32 . 2MT A 1 6  ? -3.670  -1.607 -8.897 1.00 0.00 ? 6  2MT A HD32 9  
HETATM 1430 H HD33 . 2MT A 1 6  ? -1.917  -1.549 -9.187 1.00 0.00 ? 6  2MT A HD33 9  
ATOM   1431 N N    . ILE A 1 7  ? -1.195  1.733  -3.435 1.00 0.00 ? 7  ILE A N    9  
ATOM   1432 C CA   . ILE A 1 7  ? -0.746  1.430  -2.048 1.00 0.00 ? 7  ILE A CA   9  
ATOM   1433 C C    . ILE A 1 7  ? -2.035  1.461  -1.171 1.00 0.00 ? 7  ILE A C    9  
ATOM   1434 O O    . ILE A 1 7  ? -2.556  2.528  -0.828 1.00 0.00 ? 7  ILE A O    9  
ATOM   1435 C CB   . ILE A 1 7  ? 0.379   2.461  -1.662 1.00 0.00 ? 7  ILE A CB   9  
ATOM   1436 C CG1  . ILE A 1 7  ? 1.667   2.300  -2.533 1.00 0.00 ? 7  ILE A CG1  9  
ATOM   1437 C CG2  . ILE A 1 7  ? 0.733   2.357  -0.168 1.00 0.00 ? 7  ILE A CG2  9  
ATOM   1438 C CD1  . ILE A 1 7  ? 2.706   3.428  -2.437 1.00 0.00 ? 7  ILE A CD1  9  
ATOM   1439 H H    . ILE A 1 7  ? -1.453  2.726  -3.520 1.00 0.00 ? 7  ILE A H    9  
ATOM   1440 H HA   . ILE A 1 7  ? -0.291  0.413  -1.985 1.00 0.00 ? 7  ILE A HA   9  
ATOM   1441 H HB   . ILE A 1 7  ? -0.003  3.490  -1.808 1.00 0.00 ? 7  ILE A HB   9  
ATOM   1442 H HG12 . ILE A 1 7  ? 2.144   1.330  -2.315 1.00 0.00 ? 7  ILE A HG12 9  
ATOM   1443 H HG13 . ILE A 1 7  ? 1.396   2.224  -3.599 1.00 0.00 ? 7  ILE A HG13 9  
ATOM   1444 H HG21 . ILE A 1 7  ? 1.106   1.349  0.080  1.00 0.00 ? 7  ILE A HG21 9  
ATOM   1445 H HG22 . ILE A 1 7  ? 1.493   3.103  0.117  1.00 0.00 ? 7  ILE A HG22 9  
ATOM   1446 H HG23 . ILE A 1 7  ? -0.154  2.559  0.459  1.00 0.00 ? 7  ILE A HG23 9  
ATOM   1447 H HD11 . ILE A 1 7  ? 3.546   3.248  -3.133 1.00 0.00 ? 7  ILE A HD11 9  
ATOM   1448 H HD12 . ILE A 1 7  ? 3.140   3.515  -1.424 1.00 0.00 ? 7  ILE A HD12 9  
ATOM   1449 H HD13 . ILE A 1 7  ? 2.268   4.408  -2.701 1.00 0.00 ? 7  ILE A HD13 9  
ATOM   1450 N N    . LEU A 1 8  ? -2.537  0.257  -0.841 1.00 0.00 ? 8  LEU A N    9  
ATOM   1451 C CA   . LEU A 1 8  ? -3.867  0.063  -0.235 1.00 0.00 ? 8  LEU A CA   9  
ATOM   1452 C C    . LEU A 1 8  ? -3.757  0.126  1.311  1.00 0.00 ? 8  LEU A C    9  
ATOM   1453 O O    . LEU A 1 8  ? -3.184  -0.769 1.941  1.00 0.00 ? 8  LEU A O    9  
ATOM   1454 C CB   . LEU A 1 8  ? -4.400  -1.303 -0.750 1.00 0.00 ? 8  LEU A CB   9  
ATOM   1455 C CG   . LEU A 1 8  ? -4.844  -1.325 -2.247 1.00 0.00 ? 8  LEU A CG   9  
ATOM   1456 C CD1  . LEU A 1 8  ? -4.503  -2.669 -2.912 1.00 0.00 ? 8  LEU A CD1  9  
ATOM   1457 C CD2  . LEU A 1 8  ? -6.336  -0.977 -2.417 1.00 0.00 ? 8  LEU A CD2  9  
ATOM   1458 H H    . LEU A 1 8  ? -2.140  -0.537 -1.345 1.00 0.00 ? 8  LEU A H    9  
ATOM   1459 H HA   . LEU A 1 8  ? -4.543  0.843  -0.621 1.00 0.00 ? 8  LEU A HA   9  
ATOM   1460 H HB2  . LEU A 1 8  ? -3.618  -2.070 -0.568 1.00 0.00 ? 8  LEU A HB2  9  
ATOM   1461 H HB3  . LEU A 1 8  ? -5.241  -1.635 -0.115 1.00 0.00 ? 8  LEU A HB3  9  
ATOM   1462 H HG   . LEU A 1 8  ? -4.278  -0.561 -2.812 1.00 0.00 ? 8  LEU A HG   9  
ATOM   1463 H HD11 . LEU A 1 8  ? -4.774  -2.673 -3.983 1.00 0.00 ? 8  LEU A HD11 9  
ATOM   1464 H HD12 . LEU A 1 8  ? -5.020  -3.516 -2.425 1.00 0.00 ? 8  LEU A HD12 9  
ATOM   1465 H HD13 . LEU A 1 8  ? -3.416  -2.870 -2.860 1.00 0.00 ? 8  LEU A HD13 9  
ATOM   1466 H HD21 . LEU A 1 8  ? -6.572  0.015  -1.990 1.00 0.00 ? 8  LEU A HD21 9  
ATOM   1467 H HD22 . LEU A 1 8  ? -6.994  -1.714 -1.919 1.00 0.00 ? 8  LEU A HD22 9  
ATOM   1468 H HD23 . LEU A 1 8  ? -6.628  -0.943 -3.484 1.00 0.00 ? 8  LEU A HD23 9  
ATOM   1469 N N    . LYS A 1 9  ? -4.294  1.213  1.895  1.00 0.00 ? 9  LYS A N    9  
ATOM   1470 C CA   . LYS A 1 9  ? -4.176  1.498  3.349  1.00 0.00 ? 9  LYS A CA   9  
ATOM   1471 C C    . LYS A 1 9  ? -5.613  1.620  3.938  1.00 0.00 ? 9  LYS A C    9  
ATOM   1472 O O    . LYS A 1 9  ? -6.183  2.717  3.950  1.00 0.00 ? 9  LYS A O    9  
ATOM   1473 C CB   . LYS A 1 9  ? -3.298  2.772  3.534  1.00 0.00 ? 9  LYS A CB   9  
ATOM   1474 C CG   . LYS A 1 9  ? -2.912  3.138  4.987  1.00 0.00 ? 9  LYS A CG   9  
ATOM   1475 C CD   . LYS A 1 9  ? -2.057  2.123  5.786  1.00 0.00 ? 9  LYS A CD   9  
ATOM   1476 C CE   . LYS A 1 9  ? -0.607  1.899  5.304  1.00 0.00 ? 9  LYS A CE   9  
ATOM   1477 N NZ   . LYS A 1 9  ? -0.498  0.990  4.147  1.00 0.00 ? 9  LYS A NZ   9  
ATOM   1478 H H    . LYS A 1 9  ? -4.754  1.864  1.248  1.00 0.00 ? 9  LYS A H    9  
ATOM   1479 H HA   . LYS A 1 9  ? -3.620  0.685  3.857  1.00 0.00 ? 9  LYS A HA   9  
ATOM   1480 H HB2  . LYS A 1 9  ? -2.364  2.677  2.947  1.00 0.00 ? 9  LYS A HB2  9  
ATOM   1481 H HB3  . LYS A 1 9  ? -3.810  3.645  3.084  1.00 0.00 ? 9  LYS A HB3  9  
ATOM   1482 H HG2  . LYS A 1 9  ? -2.385  4.111  4.975  1.00 0.00 ? 9  LYS A HG2  9  
ATOM   1483 H HG3  . LYS A 1 9  ? -3.839  3.335  5.558  1.00 0.00 ? 9  LYS A HG3  9  
ATOM   1484 H HD2  . LYS A 1 9  ? -2.000  2.502  6.822  1.00 0.00 ? 9  LYS A HD2  9  
ATOM   1485 H HD3  . LYS A 1 9  ? -2.590  1.158  5.882  1.00 0.00 ? 9  LYS A HD3  9  
ATOM   1486 H HE2  . LYS A 1 9  ? -0.120  2.863  5.067  1.00 0.00 ? 9  LYS A HE2  9  
ATOM   1487 H HE3  . LYS A 1 9  ? -0.016  1.465  6.134  1.00 0.00 ? 9  LYS A HE3  9  
ATOM   1488 H HZ1  . LYS A 1 9  ? -0.928  0.085  4.368  1.00 0.00 ? 9  LYS A HZ1  9  
ATOM   1489 H HZ2  . LYS A 1 9  ? -1.033  1.364  3.355  1.00 0.00 ? 9  LYS A HZ2  9  
ATOM   1490 N N    . ASN A 1 10 ? -6.197  0.501  4.430  1.00 0.00 ? 10 ASN A N    9  
ATOM   1491 C CA   . ASN A 1 10 ? -7.543  0.504  5.064  1.00 0.00 ? 10 ASN A CA   9  
ATOM   1492 C C    . ASN A 1 10 ? -7.378  0.715  6.597  1.00 0.00 ? 10 ASN A C    9  
ATOM   1493 O O    . ASN A 1 10 ? -6.915  -0.183 7.311  1.00 0.00 ? 10 ASN A O    9  
ATOM   1494 C CB   . ASN A 1 10 ? -8.344  -0.786 4.709  1.00 0.00 ? 10 ASN A CB   9  
ATOM   1495 C CG   . ASN A 1 10 ? -9.853  -0.701 5.023  1.00 0.00 ? 10 ASN A CG   9  
ATOM   1496 O OD1  . ASN A 1 10 ? -10.619 -0.065 4.300  1.00 0.00 ? 10 ASN A OD1  9  
ATOM   1497 N ND2  . ASN A 1 10 ? -10.308 -1.332 6.096  1.00 0.00 ? 10 ASN A ND2  9  
ATOM   1498 H H    . ASN A 1 10 ? -5.663  -0.364 4.327  1.00 0.00 ? 10 ASN A H    9  
ATOM   1499 H HA   . ASN A 1 10 ? -8.119  1.338  4.623  1.00 0.00 ? 10 ASN A HA   9  
ATOM   1500 H HB2  . ASN A 1 10 ? -8.263  -0.989 3.623  1.00 0.00 ? 10 ASN A HB2  9  
ATOM   1501 H HB3  . ASN A 1 10 ? -7.905  -1.683 5.195  1.00 0.00 ? 10 ASN A HB3  9  
ATOM   1502 H HD21 . ASN A 1 10 ? -9.616  -1.843 6.656  1.00 0.00 ? 10 ASN A HD21 9  
ATOM   1503 H HD22 . ASN A 1 10 ? -11.314 -1.258 6.279  1.00 0.00 ? 10 ASN A HD22 9  
ATOM   1504 N N    . GLY A 1 11 ? -7.760  1.908  7.079  1.00 0.00 ? 11 GLY A N    9  
ATOM   1505 C CA   . GLY A 1 11 ? -7.643  2.254  8.508  1.00 0.00 ? 11 GLY A CA   9  
ATOM   1506 C C    . GLY A 1 11 ? -8.065  3.705  8.734  1.00 0.00 ? 11 GLY A C    9  
ATOM   1507 O O    . GLY A 1 11 ? -9.213  4.039  9.028  1.00 0.00 ? 11 GLY A O    9  
ATOM   1508 O OXT  . GLY A 1 11 ? -7.021  4.581  8.577  1.00 0.00 ? 11 GLY A OXT  9  
ATOM   1509 H H    . GLY A 1 11 ? -8.127  2.567  6.383  1.00 0.00 ? 11 GLY A H    9  
ATOM   1510 H HA2  . GLY A 1 11 ? -8.281  1.584  9.115  1.00 0.00 ? 11 GLY A HA2  9  
ATOM   1511 H HA3  . GLY A 1 11 ? -6.606  2.101  8.862  1.00 0.00 ? 11 GLY A HA3  9  
ATOM   1512 H HXT  . GLY A 1 11 ? -6.204  4.130  8.350  1.00 0.00 ? 11 GLY A HXT  9  
ATOM   1513 N N    . GLY A 1 1  ? 4.127   -4.613 5.039  1.00 0.00 ? 1  GLY A N    10 
ATOM   1514 C CA   . GLY A 1 1  ? 2.800   -3.975 4.953  1.00 0.00 ? 1  GLY A CA   10 
ATOM   1515 C C    . GLY A 1 1  ? 2.246   -4.029 3.522  1.00 0.00 ? 1  GLY A C    10 
ATOM   1516 O O    . GLY A 1 1  ? 1.669   -5.045 3.120  1.00 0.00 ? 1  GLY A O    10 
ATOM   1517 H H1   . GLY A 1 1  ? 4.061   -5.600 4.771  1.00 0.00 ? 1  GLY A H1   10 
ATOM   1518 H H2   . GLY A 1 1  ? 4.456   -4.611 6.011  1.00 0.00 ? 1  GLY A H2   10 
ATOM   1519 H HA2  . GLY A 1 1  ? 2.105   -4.496 5.636  1.00 0.00 ? 1  GLY A HA2  10 
ATOM   1520 H HA3  . GLY A 1 1  ? 2.864   -2.937 5.331  1.00 0.00 ? 1  GLY A HA3  10 
ATOM   1521 N N    . PHE A 1 2  ? 2.407   -2.926 2.770  1.00 0.00 ? 2  PHE A N    10 
ATOM   1522 C CA   . PHE A 1 2  ? 1.991   -2.844 1.357  1.00 0.00 ? 2  PHE A CA   10 
ATOM   1523 C C    . PHE A 1 2  ? 2.907   -1.743 0.724  1.00 0.00 ? 2  PHE A C    10 
ATOM   1524 O O    . PHE A 1 2  ? 2.527   -0.569 0.652  1.00 0.00 ? 2  PHE A O    10 
ATOM   1525 C CB   . PHE A 1 2  ? 0.448   -2.467 1.312  1.00 0.00 ? 2  PHE A CB   10 
ATOM   1526 C CG   . PHE A 1 2  ? -0.273  -3.130 0.132  1.00 0.00 ? 2  PHE A CG   10 
ATOM   1527 C CD1  . PHE A 1 2  ? -0.262  -2.545 -1.141 1.00 0.00 ? 2  PHE A CD1  10 
ATOM   1528 C CD2  . PHE A 1 2  ? -0.933  -4.350 0.318  1.00 0.00 ? 2  PHE A CD2  10 
ATOM   1529 C CE1  . PHE A 1 2  ? -0.908  -3.170 -2.205 1.00 0.00 ? 2  PHE A CE1  10 
ATOM   1530 C CE2  . PHE A 1 2  ? -1.578  -4.970 -0.748 1.00 0.00 ? 2  PHE A CE2  10 
ATOM   1531 C CZ   . PHE A 1 2  ? -1.564  -4.382 -2.009 1.00 0.00 ? 2  PHE A CZ   10 
ATOM   1532 H H    . PHE A 1 2  ? 2.966   -2.167 3.165  1.00 0.00 ? 2  PHE A H    10 
ATOM   1533 H HA   . PHE A 1 2  ? 2.238   -3.816 0.829  1.00 0.00 ? 2  PHE A HA   10 
ATOM   1534 H HB2  . PHE A 1 2  ? -0.157  -2.616 2.257  1.00 0.00 ? 2  PHE A HB2  10 
ATOM   1535 H HB3  . PHE A 1 2  ? 0.352   -1.370 1.240  1.00 0.00 ? 2  PHE A HB3  10 
ATOM   1536 H HD1  . PHE A 1 2  ? 0.251   -1.609 -1.309 1.00 0.00 ? 2  PHE A HD1  10 
ATOM   1537 H HD2  . PHE A 1 2  ? -0.945  -4.824 1.291  1.00 0.00 ? 2  PHE A HD2  10 
ATOM   1538 H HE1  . PHE A 1 2  ? -0.899  -2.722 -3.186 1.00 0.00 ? 2  PHE A HE1  10 
ATOM   1539 H HE2  . PHE A 1 2  ? -2.089  -5.910 -0.596 1.00 0.00 ? 2  PHE A HE2  10 
ATOM   1540 H HZ   . PHE A 1 2  ? -2.064  -4.863 -2.836 1.00 0.00 ? 2  PHE A HZ   10 
ATOM   1541 N N    . ALA A 1 3  ? 4.104   -2.135 0.230  1.00 0.00 ? 3  ALA A N    10 
ATOM   1542 C CA   . ALA A 1 3  ? 4.899   -1.272 -0.707 1.00 0.00 ? 3  ALA A CA   10 
ATOM   1543 C C    . ALA A 1 3  ? 4.833   -1.927 -2.119 1.00 0.00 ? 3  ALA A C    10 
ATOM   1544 O O    . ALA A 1 3  ? 5.728   -2.662 -2.547 1.00 0.00 ? 3  ALA A O    10 
ATOM   1545 C CB   . ALA A 1 3  ? 6.381   -1.085 -0.211 1.00 0.00 ? 3  ALA A CB   10 
ATOM   1546 H H    . ALA A 1 3  ? 4.309   -3.121 0.448  1.00 0.00 ? 3  ALA A H    10 
ATOM   1547 H HA   . ALA A 1 3  ? 4.403   -0.262 -0.804 1.00 0.00 ? 3  ALA A HA   10 
ATOM   1548 H HB1  . ALA A 1 3  ? 6.474   -0.590 0.775  1.00 0.00 ? 3  ALA A HB1  10 
ATOM   1549 H HB2  . ALA A 1 3  ? 6.999   -0.467 -0.898 1.00 0.00 ? 3  ALA A HB2  10 
ATOM   1550 H HB3  . ALA A 1 3  ? 6.951   -2.034 -0.117 1.00 0.00 ? 3  ALA A HB3  10 
ATOM   1551 N N    . SER A 1 4  ? 3.737   -1.607 -2.834 1.00 0.00 ? 4  SER A N    10 
ATOM   1552 C CA   . SER A 1 4  ? 3.404   -2.148 -4.167 1.00 0.00 ? 4  SER A CA   10 
ATOM   1553 C C    . SER A 1 4  ? 2.189   -1.323 -4.677 1.00 0.00 ? 4  SER A C    10 
ATOM   1554 O O    . SER A 1 4  ? 1.143   -1.284 -4.020 1.00 0.00 ? 4  SER A O    10 
ATOM   1555 C CB   . SER A 1 4  ? 3.078   -3.658 -4.114 1.00 0.00 ? 4  SER A CB   10 
ATOM   1556 O OG   . SER A 1 4  ? 2.013   -3.973 -3.222 1.00 0.00 ? 4  SER A OG   10 
ATOM   1557 H H    . SER A 1 4  ? 2.973   -1.239 -2.269 1.00 0.00 ? 4  SER A H    10 
ATOM   1558 H HA   . SER A 1 4  ? 4.275   -2.003 -4.838 1.00 0.00 ? 4  SER A HA   10 
ATOM   1559 H HB2  . SER A 1 4  ? 2.820   -4.012 -5.124 1.00 0.00 ? 4  SER A HB2  10 
ATOM   1560 H HB3  . SER A 1 4  ? 3.977   -4.213 -3.795 1.00 0.00 ? 4  SER A HB3  10 
ATOM   1561 H HG   . SER A 1 4  ? 2.297   -3.674 -2.355 1.00 0.00 ? 4  SER A HG   10 
ATOM   1562 N N    . LEU A 1 5  ? 2.321   -0.659 -5.840 1.00 0.00 ? 5  LEU A N    10 
ATOM   1563 C CA   . LEU A 1 5  ? 1.267   0.244  -6.379 1.00 0.00 ? 5  LEU A CA   10 
ATOM   1564 C C    . LEU A 1 5  ? 0.039   -0.559 -6.961 1.00 0.00 ? 5  LEU A C    10 
ATOM   1565 O O    . LEU A 1 5  ? 0.299   -1.533 -7.677 1.00 0.00 ? 5  LEU A O    10 
ATOM   1566 C CB   . LEU A 1 5  ? 1.914   1.142  -7.473 1.00 0.00 ? 5  LEU A CB   10 
ATOM   1567 C CG   . LEU A 1 5  ? 2.686   2.393  -6.962 1.00 0.00 ? 5  LEU A CG   10 
ATOM   1568 C CD1  . LEU A 1 5  ? 3.653   2.926  -8.037 1.00 0.00 ? 5  LEU A CD1  10 
ATOM   1569 C CD2  . LEU A 1 5  ? 1.736   3.522  -6.511 1.00 0.00 ? 5  LEU A CD2  10 
ATOM   1570 H H    . LEU A 1 5  ? 3.205   -0.780 -6.344 1.00 0.00 ? 5  LEU A H    10 
ATOM   1571 H HA   . LEU A 1 5  ? 0.957   0.888  -5.531 1.00 0.00 ? 5  LEU A HA   10 
ATOM   1572 H HB2  . LEU A 1 5  ? 2.583   0.513  -8.097 1.00 0.00 ? 5  LEU A HB2  10 
ATOM   1573 H HB3  . LEU A 1 5  ? 1.139   1.484  -8.184 1.00 0.00 ? 5  LEU A HB3  10 
ATOM   1574 H HG   . LEU A 1 5  ? 3.302   2.100  -6.091 1.00 0.00 ? 5  LEU A HG   10 
ATOM   1575 H HD11 . LEU A 1 5  ? 4.233   3.794  -7.672 1.00 0.00 ? 5  LEU A HD11 10 
ATOM   1576 H HD12 . LEU A 1 5  ? 4.389   2.158  -8.338 1.00 0.00 ? 5  LEU A HD12 10 
ATOM   1577 H HD13 . LEU A 1 5  ? 3.122   3.247  -8.953 1.00 0.00 ? 5  LEU A HD13 10 
ATOM   1578 H HD21 . LEU A 1 5  ? 1.124   3.909  -7.349 1.00 0.00 ? 5  LEU A HD21 10 
ATOM   1579 H HD22 . LEU A 1 5  ? 1.030   3.185  -5.730 1.00 0.00 ? 5  LEU A HD22 10 
ATOM   1580 H HD23 . LEU A 1 5  ? 2.291   4.379  -6.087 1.00 0.00 ? 5  LEU A HD23 10 
HETATM 1581 N N    . 2MT A 1 6  ? -1.278  -0.227 -6.686 1.00 0.00 ? 6  2MT A N    10 
HETATM 1582 C CA   . 2MT A 1 6  ? -1.655  1.031  -5.955 1.00 0.00 ? 6  2MT A CA   10 
HETATM 1583 C C    . 2MT A 1 6  ? -1.450  0.855  -4.385 1.00 0.00 ? 6  2MT A C    10 
HETATM 1584 O O    . 2MT A 1 6  ? -1.528  -0.291 -3.922 1.00 0.00 ? 6  2MT A O    10 
HETATM 1585 C CB   . 2MT A 1 6  ? -3.175  1.266  -6.231 1.00 0.00 ? 6  2MT A CB   10 
HETATM 1586 S SG   . 2MT A 1 6  ? -3.889  -0.370 -6.329 1.00 0.00 ? 6  2MT A SG   10 
HETATM 1587 C CD1  . 2MT A 1 6  ? -2.428  -1.121 -7.064 1.00 0.00 ? 6  2MT A CD1  10 
HETATM 1588 C CD2  . 2MT A 1 6  ? -2.685  -1.176 -8.587 1.00 0.00 ? 6  2MT A CD2  10 
HETATM 1589 C CD3  . 2MT A 1 6  ? -2.365  -2.536 -6.442 1.00 0.00 ? 6  2MT A CD3  10 
HETATM 1590 H HA   . 2MT A 1 6  ? -1.011  1.813  -6.451 1.00 0.00 ? 6  2MT A HA   10 
HETATM 1591 H HB2  . 2MT A 1 6  ? -3.701  1.846  -5.443 1.00 0.00 ? 6  2MT A HB2  10 
HETATM 1592 H HB3  . 2MT A 1 6  ? -3.432  1.771  -7.189 1.00 0.00 ? 6  2MT A HB3  10 
HETATM 1593 H HD21 . 2MT A 1 6  ? -2.796  -0.164 -9.019 1.00 0.00 ? 6  2MT A HD21 10 
HETATM 1594 H HD22 . 2MT A 1 6  ? -3.615  -1.728 -8.821 1.00 0.00 ? 6  2MT A HD22 10 
HETATM 1595 H HD23 . 2MT A 1 6  ? -1.865  -1.677 -9.135 1.00 0.00 ? 6  2MT A HD23 10 
HETATM 1596 H HD31 . 2MT A 1 6  ? -3.295  -3.103 -6.631 1.00 0.00 ? 6  2MT A HD31 10 
HETATM 1597 H HD32 . 2MT A 1 6  ? -2.239  -2.494 -5.344 1.00 0.00 ? 6  2MT A HD32 10 
HETATM 1598 H HD33 . 2MT A 1 6  ? -1.532  -3.140 -6.844 1.00 0.00 ? 6  2MT A HD33 10 
ATOM   1599 N N    . ILE A 1 7  ? -1.168  1.886  -3.529 1.00 0.00 ? 7  ILE A N    10 
ATOM   1600 C CA   . ILE A 1 7  ? -0.767  1.660  -2.110 1.00 0.00 ? 7  ILE A CA   10 
ATOM   1601 C C    . ILE A 1 7  ? -2.076  1.502  -1.276 1.00 0.00 ? 7  ILE A C    10 
ATOM   1602 O O    . ILE A 1 7  ? -2.785  2.477  -1.001 1.00 0.00 ? 7  ILE A O    10 
ATOM   1603 C CB   . ILE A 1 7  ? 0.186   2.824  -1.660 1.00 0.00 ? 7  ILE A CB   10 
ATOM   1604 C CG1  . ILE A 1 7  ? 1.560   2.843  -2.399 1.00 0.00 ? 7  ILE A CG1  10 
ATOM   1605 C CG2  . ILE A 1 7  ? 0.408   2.863  -0.137 1.00 0.00 ? 7  ILE A CG2  10 
ATOM   1606 C CD1  . ILE A 1 7  ? 2.517   1.662  -2.172 1.00 0.00 ? 7  ILE A CD1  10 
ATOM   1607 H H    . ILE A 1 7  ? -1.482  2.851  -3.689 1.00 0.00 ? 7  ILE A H    10 
ATOM   1608 H HA   . ILE A 1 7  ? -0.165  0.728  -2.017 1.00 0.00 ? 7  ILE A HA   10 
ATOM   1609 H HB   . ILE A 1 7  ? -0.302  3.793  -1.881 1.00 0.00 ? 7  ILE A HB   10 
ATOM   1610 H HG12 . ILE A 1 7  ? 1.398   2.948  -3.485 1.00 0.00 ? 7  ILE A HG12 10 
ATOM   1611 H HG13 . ILE A 1 7  ? 2.088   3.766  -2.119 1.00 0.00 ? 7  ILE A HG13 10 
ATOM   1612 H HG21 . ILE A 1 7  ? 0.801   1.900  0.232  1.00 0.00 ? 7  ILE A HG21 10 
ATOM   1613 H HG22 . ILE A 1 7  ? -0.543  3.065  0.387  1.00 0.00 ? 7  ILE A HG22 10 
ATOM   1614 H HG23 . ILE A 1 7  ? 1.106   3.670  0.141  1.00 0.00 ? 7  ILE A HG23 10 
ATOM   1615 H HD11 . ILE A 1 7  ? 2.057   0.699  -2.451 1.00 0.00 ? 7  ILE A HD11 10 
ATOM   1616 H HD12 . ILE A 1 7  ? 2.831   1.585  -1.115 1.00 0.00 ? 7  ILE A HD12 10 
ATOM   1617 H HD13 . ILE A 1 7  ? 3.435   1.770  -2.777 1.00 0.00 ? 7  ILE A HD13 10 
ATOM   1618 N N    . LEU A 1 8  ? -2.365  0.248  -0.890 1.00 0.00 ? 8  LEU A N    10 
ATOM   1619 C CA   . LEU A 1 8  ? -3.623  -0.139 -0.239 1.00 0.00 ? 8  LEU A CA   10 
ATOM   1620 C C    . LEU A 1 8  ? -3.495  -0.037 1.303  1.00 0.00 ? 8  LEU A C    10 
ATOM   1621 O O    . LEU A 1 8  ? -2.589  -0.630 1.900  1.00 0.00 ? 8  LEU A O    10 
ATOM   1622 C CB   . LEU A 1 8  ? -4.038  -1.555 -0.697 1.00 0.00 ? 8  LEU A CB   10 
ATOM   1623 C CG   . LEU A 1 8  ? -4.481  -1.718 -2.191 1.00 0.00 ? 8  LEU A CG   10 
ATOM   1624 C CD1  . LEU A 1 8  ? -5.183  -3.058 -2.519 1.00 0.00 ? 8  LEU A CD1  10 
ATOM   1625 C CD2  . LEU A 1 8  ? -5.254  -0.539 -2.800 1.00 0.00 ? 8  LEU A CD2  10 
ATOM   1626 H H    . LEU A 1 8  ? -1.876  -0.484 -1.393 1.00 0.00 ? 8  LEU A H    10 
ATOM   1627 H HA   . LEU A 1 8  ? -4.412  0.497  -0.645 1.00 0.00 ? 8  LEU A HA   10 
ATOM   1628 H HB2  . LEU A 1 8  ? -3.190  -2.236 -0.473 1.00 0.00 ? 8  LEU A HB2  10 
ATOM   1629 H HB3  . LEU A 1 8  ? -4.852  -1.877 -0.031 1.00 0.00 ? 8  LEU A HB3  10 
ATOM   1630 H HG   . LEU A 1 8  ? -3.562  -1.686 -2.765 1.00 0.00 ? 8  LEU A HG   10 
ATOM   1631 H HD11 . LEU A 1 8  ? -5.345  -3.182 -3.610 1.00 0.00 ? 8  LEU A HD11 10 
ATOM   1632 H HD12 . LEU A 1 8  ? -6.181  -3.145 -2.049 1.00 0.00 ? 8  LEU A HD12 10 
ATOM   1633 H HD13 . LEU A 1 8  ? -4.591  -3.936 -2.202 1.00 0.00 ? 8  LEU A HD13 10 
ATOM   1634 H HD21 . LEU A 1 8  ? -4.609  0.362  -2.828 1.00 0.00 ? 8  LEU A HD21 10 
ATOM   1635 H HD22 . LEU A 1 8  ? -6.151  -0.294 -2.209 1.00 0.00 ? 8  LEU A HD22 10 
ATOM   1636 H HD23 . LEU A 1 8  ? -5.535  -0.733 -3.848 1.00 0.00 ? 8  LEU A HD23 10 
ATOM   1637 N N    . LYS A 1 9  ? -4.435  0.697  1.927  1.00 0.00 ? 9  LYS A N    10 
ATOM   1638 C CA   . LYS A 1 9  ? -4.510  0.812  3.412  1.00 0.00 ? 9  LYS A CA   10 
ATOM   1639 C C    . LYS A 1 9  ? -5.478  -0.288 3.936  1.00 0.00 ? 9  LYS A C    10 
ATOM   1640 O O    . LYS A 1 9  ? -6.702  -0.109 3.940  1.00 0.00 ? 9  LYS A O    10 
ATOM   1641 C CB   . LYS A 1 9  ? -4.904  2.261  3.831  1.00 0.00 ? 9  LYS A CB   10 
ATOM   1642 C CG   . LYS A 1 9  ? -4.945  2.556  5.349  1.00 0.00 ? 9  LYS A CG   10 
ATOM   1643 C CD   . LYS A 1 9  ? -3.581  2.487  6.068  1.00 0.00 ? 9  LYS A CD   10 
ATOM   1644 C CE   . LYS A 1 9  ? -3.679  2.853  7.560  1.00 0.00 ? 9  LYS A CE   10 
ATOM   1645 N NZ   . LYS A 1 9  ? -2.365  2.774  8.221  1.00 0.00 ? 9  LYS A NZ   10 
ATOM   1646 H H    . LYS A 1 9  ? -5.189  1.012  1.304  1.00 0.00 ? 9  LYS A H    10 
ATOM   1647 H HA   . LYS A 1 9  ? -3.498  0.655  3.837  1.00 0.00 ? 9  LYS A HA   10 
ATOM   1648 H HB2  . LYS A 1 9  ? -4.210  2.990  3.368  1.00 0.00 ? 9  LYS A HB2  10 
ATOM   1649 H HB3  . LYS A 1 9  ? -5.898  2.516  3.415  1.00 0.00 ? 9  LYS A HB3  10 
ATOM   1650 H HG2  . LYS A 1 9  ? -5.371  3.568  5.488  1.00 0.00 ? 9  LYS A HG2  10 
ATOM   1651 H HG3  . LYS A 1 9  ? -5.664  1.874  5.842  1.00 0.00 ? 9  LYS A HG3  10 
ATOM   1652 H HD2  . LYS A 1 9  ? -3.161  1.469  5.965  1.00 0.00 ? 9  LYS A HD2  10 
ATOM   1653 H HD3  . LYS A 1 9  ? -2.866  3.164  5.561  1.00 0.00 ? 9  LYS A HD3  10 
ATOM   1654 H HE2  . LYS A 1 9  ? -4.083  3.875  7.683  1.00 0.00 ? 9  LYS A HE2  10 
ATOM   1655 H HE3  . LYS A 1 9  ? -4.384  2.175  8.078  1.00 0.00 ? 9  LYS A HE3  10 
ATOM   1656 H HZ1  . LYS A 1 9  ? -1.716  3.448  7.798  1.00 0.00 ? 9  LYS A HZ1  10 
ATOM   1657 H HZ2  . LYS A 1 9  ? -2.449  3.053  9.205  1.00 0.00 ? 9  LYS A HZ2  10 
ATOM   1658 N N    . ASN A 1 10 ? -4.910  -1.429 4.367  1.00 0.00 ? 10 ASN A N    10 
ATOM   1659 C CA   . ASN A 1 10 ? -5.657  -2.663 4.630  1.00 0.00 ? 10 ASN A CA   10 
ATOM   1660 C C    . ASN A 1 10 ? -6.244  -2.684 6.068  1.00 0.00 ? 10 ASN A C    10 
ATOM   1661 O O    . ASN A 1 10 ? -5.500  -2.639 7.057  1.00 0.00 ? 10 ASN A O    10 
ATOM   1662 C CB   . ASN A 1 10 ? -4.628  -3.808 4.394  1.00 0.00 ? 10 ASN A CB   10 
ATOM   1663 C CG   . ASN A 1 10 ? -3.715  -3.839 3.134  1.00 0.00 ? 10 ASN A CG   10 
ATOM   1664 O OD1  . ASN A 1 10 ? -2.522  -3.549 3.211  1.00 0.00 ? 10 ASN A OD1  10 
ATOM   1665 N ND2  . ASN A 1 10 ? -4.253  -4.170 1.968  1.00 0.00 ? 10 ASN A ND2  10 
ATOM   1666 H H    . ASN A 1 10 ? -3.987  -1.674 3.995  1.00 0.00 ? 10 ASN A H    10 
ATOM   1667 H HA   . ASN A 1 10 ? -6.473  -2.782 3.878  1.00 0.00 ? 10 ASN A HA   10 
ATOM   1668 H HB2  . ASN A 1 10 ? -4.023  -4.046 5.298  1.00 0.00 ? 10 ASN A HB2  10 
ATOM   1669 H HB3  . ASN A 1 10 ? -5.262  -4.660 4.299  1.00 0.00 ? 10 ASN A HB3  10 
ATOM   1670 H HD21 . ASN A 1 10 ? -5.254  -4.395 1.972  1.00 0.00 ? 10 ASN A HD21 10 
ATOM   1671 H HD22 . ASN A 1 10 ? -3.625  -4.174 1.158  1.00 0.00 ? 10 ASN A HD22 10 
ATOM   1672 N N    . GLY A 1 11 ? -7.582  -2.742 6.163  1.00 0.00 ? 11 GLY A N    10 
ATOM   1673 C CA   . GLY A 1 11 ? -8.279  -2.749 7.462  1.00 0.00 ? 11 GLY A CA   10 
ATOM   1674 C C    . GLY A 1 11 ? -9.791  -2.768 7.248  1.00 0.00 ? 11 GLY A C    10 
ATOM   1675 O O    . GLY A 1 11 ? -10.476 -1.749 7.167  1.00 0.00 ? 11 GLY A O    10 
ATOM   1676 O OXT  . GLY A 1 11 ? -10.290 -4.044 7.163  1.00 0.00 ? 11 GLY A OXT  10 
ATOM   1677 H H    . GLY A 1 11 ? -8.084  -2.771 5.269  1.00 0.00 ? 11 GLY A H    10 
ATOM   1678 H HA2  . GLY A 1 11 ? -7.966  -3.625 8.063  1.00 0.00 ? 11 GLY A HA2  10 
ATOM   1679 H HA3  . GLY A 1 11 ? -8.003  -1.854 8.051  1.00 0.00 ? 11 GLY A HA3  10 
ATOM   1680 H HXT  . GLY A 1 11 ? -11.240 -4.051 7.030  1.00 0.00 ? 11 GLY A HXT  10 
# 
